data_6SH9
#
_entry.id   6SH9
#
_cell.length_a   192.010
_cell.length_b   192.010
_cell.length_c   122.050
_cell.angle_alpha   90.000
_cell.angle_beta   90.000
_cell.angle_gamma   120.000
#
_symmetry.space_group_name_H-M   'P 65'
#
loop_
_entity.id
_entity.type
_entity.pdbx_description
1 polymer 'Endo-alpha-N-acetylgalactosaminidase,DARPin 4b D12'
2 polymer 'Envelope glycoprotein gp160'
3 non-polymer '2-(N-MORPHOLINO)-ETHANESULFONIC ACID'
4 non-polymer 'MANGANESE (II) ION'
5 non-polymer (4S)-2-METHYL-2,4-PENTANEDIOL
6 water water
#
loop_
_entity_poly.entity_id
_entity_poly.type
_entity_poly.pdbx_seq_one_letter_code
_entity_poly.pdbx_strand_id
1 'polypeptide(L)'
;GPLGSMVACETLKTKKMEVQIKKNFPSVLQYTMTDGKVMYGQSKDVRTVEINGTNIELGDDDVTFKKVSDTEATYTLKVK
DEAKKIDAVITVQITVKANQLHLNVTKIKNNLSEGIPEGNGVEENAIQTLSFPNQSLVSVRSSQENAQFTGARMSSNTQK
PGDTNFAVTEDTNVTDSDYTYGFISGAGLSAGLWSNSEHDGTYVAAPVRGGSQNTRVYATTQQTGDATSLGLASAPWYYH
RTVTDSKGKKYTVAETALPQMAVAIAGDENEDGAVNWQDGAIAYRDIMNNPYKSEEVPELVAWRIAMNFGSQAQNPFLTT
LDNVKKVALNTDGLGQSVLLKGYGNEGHDSGHPDYGDIGQRLGGADDMNTMMEEGSKYGARFGVHVNASEMYPEAKAFSE
DMVRRNSAGGLSYGWNWLDQGVGIDGIYDLASGSRVSRFADLSKEVGDNMDFIYLDVWGNLTSSGSEDSWETRKMSKMIN
DNGWRMTTEWGSGNEYDSTFQHWAADLTYGGYTSKGENSEVMRFLRNHQKDSWVGDYPQYGGAANAPLLGGYNMKDFEGW
QGRNDYAAYIKNLYTHDVSTKFIQHFKVTRWVNNPLLTADNGNAAAVSDPNTNNGNEQITLKDSNGNVVVVSRGSNDTSS
AAYRQRTITFNGVKVASGVVSAGDGSATGDESYLLPWMWDSFTGKLVKDSEQKLYHWNTKGGTTTWTLPDSWKNLSSVKV
YQLTDQGKTNEQTVAVSGGKVTLTADAETPYVVYKGEAKQIQVNWSEGMHVVDAGFNGGSNTLTDNWTVSGSGKAEVEGD
NNAMLRLTGKVDVSQRLTDLKAGQKYALYVGVDNRSTGDASVTVTSGGKVLATNSTGKSIAKNYIKAYGHNTNSNTENGS
SYFQNMYVFFTAPENGDATVTLSHKSTDGAHTYFDDVRIVENQYSGITYEKDGTLKSLTNGFENNAQGIWPFVVSGSEGV
EDNRIHLSELHAPFTRAGWDVKKMDDVLDGTWSVKVNGLTQKGTLVYQTIPQNVKFEAGAKYKVSFDYQSGSDDIYAIAV
GQGEYSAGSVKLTNLKKALGETGKAEFELTGGVNGDSWFGIYSTATAPDLQGSTGNAQDFGGYKDFVLDNLKIERIESQT
RTKAEAQDKVKEIRGKYDSKRAELSDAAWQQYQDTLVKARVLINKNGATAEDFTKAYDILVALDEYMKLKDLDRKLLEAA
RAGQDDEVRILLANGADVNTADETGFTPLHLAAWEGHLGIVEVLLKNGADVNANDERGHTPLHLAAYTGHLEIVEVLLKN
GAGVNATDVIGTAPLHLAAMWGHLEIVEVLLKNGADVNIQDCFGKTAFDISIDNGNEDLAEILQKLNKLGSLEVLFQ
;
B
2 'polypeptide(L)' KRIHIGPGRAFYTT E
#
# COMPACT_ATOMS: atom_id res chain seq x y z
N SER A 5 -55.93 41.17 9.68
CA SER A 5 -55.60 41.29 11.10
C SER A 5 -54.44 40.37 11.53
N MET A 6 -53.92 40.61 12.76
CA MET A 6 -52.82 39.92 13.43
C MET A 6 -53.00 38.39 13.54
N VAL A 7 -52.15 37.63 12.83
CA VAL A 7 -52.13 36.17 12.83
C VAL A 7 -50.72 35.67 13.28
N ALA A 8 -50.68 34.59 14.09
CA ALA A 8 -49.47 34.01 14.70
C ALA A 8 -48.72 33.00 13.80
N CYS A 9 -49.18 32.85 12.57
CA CYS A 9 -48.53 31.95 11.63
C CYS A 9 -48.65 32.45 10.19
N GLU A 10 -47.72 32.00 9.34
CA GLU A 10 -47.73 32.31 7.92
C GLU A 10 -47.72 31.03 7.08
N THR A 11 -47.93 31.17 5.77
CA THR A 11 -47.93 30.06 4.83
C THR A 11 -46.88 30.29 3.75
N LEU A 12 -46.01 29.29 3.58
CA LEU A 12 -45.02 29.25 2.51
C LEU A 12 -45.58 28.18 1.57
N LYS A 13 -45.54 28.42 0.24
CA LYS A 13 -46.12 27.47 -0.70
C LYS A 13 -45.35 27.31 -2.00
N THR A 14 -45.43 26.10 -2.55
CA THR A 14 -44.83 25.69 -3.83
C THR A 14 -45.94 24.99 -4.62
N LYS A 15 -45.62 24.47 -5.81
CA LYS A 15 -46.57 23.74 -6.67
C LYS A 15 -46.83 22.35 -6.09
N LYS A 16 -45.96 21.85 -5.20
CA LYS A 16 -46.05 20.52 -4.62
C LYS A 16 -46.57 20.49 -3.19
N MET A 17 -46.46 21.62 -2.46
CA MET A 17 -46.91 21.67 -1.07
C MET A 17 -47.10 23.07 -0.51
N GLU A 18 -47.88 23.16 0.58
CA GLU A 18 -48.03 24.37 1.38
C GLU A 18 -47.61 24.02 2.81
N VAL A 19 -46.98 24.96 3.49
CA VAL A 19 -46.42 24.73 4.81
C VAL A 19 -46.86 25.87 5.72
N GLN A 20 -47.34 25.53 6.91
CA GLN A 20 -47.66 26.56 7.90
C GLN A 20 -46.46 26.68 8.82
N ILE A 21 -46.02 27.91 9.08
CA ILE A 21 -44.85 28.16 9.93
C ILE A 21 -45.22 29.12 11.05
N LYS A 22 -44.65 28.93 12.25
CA LYS A 22 -44.92 29.80 13.40
C LYS A 22 -44.15 31.11 13.26
N LYS A 23 -44.76 32.24 13.64
CA LYS A 23 -44.11 33.54 13.57
C LYS A 23 -43.17 33.77 14.77
N ASN A 24 -43.43 33.10 15.91
CA ASN A 24 -42.68 33.27 17.15
C ASN A 24 -41.41 32.40 17.26
N PHE A 25 -41.19 31.49 16.32
CA PHE A 25 -40.02 30.61 16.34
C PHE A 25 -39.88 29.94 14.97
N PRO A 26 -38.65 29.58 14.48
CA PRO A 26 -38.54 28.88 13.18
C PRO A 26 -39.02 27.42 13.22
N SER A 27 -40.33 27.23 13.43
N SER A 27 -40.33 27.24 13.39
CA SER A 27 -41.00 25.93 13.53
CA SER A 27 -40.99 25.95 13.53
C SER A 27 -42.05 25.80 12.45
C SER A 27 -42.10 25.80 12.50
N VAL A 28 -42.33 24.55 12.05
CA VAL A 28 -43.36 24.23 11.07
C VAL A 28 -44.52 23.68 11.89
N LEU A 29 -45.77 24.00 11.49
CA LEU A 29 -46.96 23.43 12.12
C LEU A 29 -47.28 22.12 11.38
N GLN A 30 -47.47 22.20 10.04
CA GLN A 30 -47.73 21.05 9.17
C GLN A 30 -47.45 21.34 7.71
N TYR A 31 -47.13 20.28 6.95
CA TYR A 31 -46.88 20.26 5.52
C TYR A 31 -48.11 19.59 4.92
N THR A 32 -48.71 20.24 3.93
CA THR A 32 -49.88 19.72 3.23
C THR A 32 -49.48 19.55 1.78
N MET A 33 -49.61 18.32 1.27
CA MET A 33 -49.27 18.03 -0.11
C MET A 33 -50.49 18.33 -0.97
N THR A 34 -50.29 18.50 -2.29
CA THR A 34 -51.34 18.80 -3.26
C THR A 34 -52.50 17.78 -3.24
N ASP A 35 -52.20 16.49 -2.96
CA ASP A 35 -53.18 15.40 -2.84
C ASP A 35 -53.99 15.46 -1.54
N GLY A 36 -53.58 16.31 -0.61
CA GLY A 36 -54.26 16.52 0.66
C GLY A 36 -53.61 15.87 1.86
N LYS A 37 -52.59 15.02 1.62
CA LYS A 37 -51.86 14.32 2.67
C LYS A 37 -51.10 15.32 3.53
N VAL A 38 -51.08 15.10 4.85
CA VAL A 38 -50.47 16.00 5.82
C VAL A 38 -49.36 15.35 6.64
N MET A 39 -48.28 16.09 6.87
CA MET A 39 -47.19 15.70 7.76
C MET A 39 -47.03 16.79 8.81
N TYR A 40 -46.95 16.40 10.08
CA TYR A 40 -46.76 17.36 11.15
C TYR A 40 -45.33 17.85 11.29
N GLY A 41 -45.20 19.02 11.90
CA GLY A 41 -43.93 19.63 12.26
C GLY A 41 -43.85 19.52 13.77
N GLN A 42 -43.92 20.67 14.45
CA GLN A 42 -43.89 20.80 15.91
C GLN A 42 -45.20 21.41 16.38
N SER A 43 -46.10 20.56 16.86
CA SER A 43 -47.45 20.95 17.33
C SER A 43 -47.42 21.66 18.68
N LYS A 44 -46.35 21.46 19.47
CA LYS A 44 -46.18 22.02 20.81
C LYS A 44 -45.38 23.33 20.80
N ASP A 45 -45.61 24.19 21.80
CA ASP A 45 -44.90 25.46 21.94
C ASP A 45 -43.48 25.24 22.51
N VAL A 46 -42.58 24.69 21.67
CA VAL A 46 -41.19 24.43 22.02
C VAL A 46 -40.34 25.55 21.35
N ARG A 47 -39.71 26.40 22.17
CA ARG A 47 -38.91 27.52 21.67
C ARG A 47 -37.48 27.52 22.25
N THR A 48 -36.87 26.33 22.34
CA THR A 48 -35.55 26.13 22.93
C THR A 48 -34.40 26.32 21.95
N VAL A 49 -33.41 27.07 22.39
CA VAL A 49 -32.18 27.31 21.63
C VAL A 49 -31.05 26.91 22.58
N GLU A 50 -30.20 25.97 22.17
CA GLU A 50 -29.03 25.56 22.94
C GLU A 50 -27.83 26.28 22.34
N ILE A 51 -27.00 26.90 23.19
CA ILE A 51 -25.73 27.55 22.84
C ILE A 51 -24.74 27.10 23.91
N ASN A 52 -23.59 26.53 23.49
CA ASN A 52 -22.51 26.06 24.38
C ASN A 52 -23.01 25.15 25.52
N GLY A 53 -23.93 24.26 25.17
CA GLY A 53 -24.54 23.29 26.07
C GLY A 53 -25.52 23.86 27.08
N THR A 54 -26.06 25.07 26.80
CA THR A 54 -27.02 25.74 27.68
C THR A 54 -28.32 26.01 26.93
N ASN A 55 -29.44 25.51 27.47
CA ASN A 55 -30.78 25.68 26.92
C ASN A 55 -31.40 27.02 27.32
N ILE A 56 -31.80 27.82 26.32
CA ILE A 56 -32.44 29.11 26.53
C ILE A 56 -33.81 29.06 25.84
N GLU A 57 -34.89 29.18 26.63
CA GLU A 57 -36.24 29.20 26.07
C GLU A 57 -36.58 30.62 25.70
N LEU A 58 -36.97 30.82 24.43
CA LEU A 58 -37.29 32.15 23.94
C LEU A 58 -38.74 32.55 24.16
N GLY A 59 -38.92 33.85 24.43
CA GLY A 59 -40.20 34.50 24.61
C GLY A 59 -40.58 35.24 23.34
N ASP A 60 -41.80 35.80 23.32
CA ASP A 60 -42.36 36.51 22.18
C ASP A 60 -41.55 37.71 21.73
N ASP A 61 -40.91 38.40 22.70
CA ASP A 61 -40.09 39.58 22.45
C ASP A 61 -38.66 39.24 21.97
N ASP A 62 -38.26 37.96 22.08
CA ASP A 62 -36.93 37.49 21.66
C ASP A 62 -36.89 37.12 20.17
N VAL A 63 -38.07 37.09 19.50
CA VAL A 63 -38.16 36.69 18.10
C VAL A 63 -38.94 37.69 17.27
N THR A 64 -38.35 38.09 16.13
CA THR A 64 -38.94 38.94 15.12
C THR A 64 -39.02 38.09 13.83
N PHE A 65 -40.07 38.30 13.03
CA PHE A 65 -40.35 37.55 11.82
C PHE A 65 -40.60 38.46 10.61
N LYS A 66 -40.23 37.97 9.43
CA LYS A 66 -40.44 38.64 8.16
C LYS A 66 -40.68 37.61 7.07
N LYS A 67 -41.82 37.71 6.36
CA LYS A 67 -42.11 36.85 5.21
C LYS A 67 -41.50 37.60 4.01
N VAL A 68 -40.49 37.01 3.38
CA VAL A 68 -39.75 37.56 2.24
C VAL A 68 -40.54 37.37 0.93
N SER A 69 -41.15 36.19 0.77
CA SER A 69 -41.95 35.79 -0.39
C SER A 69 -42.78 34.57 -0.02
N ASP A 70 -43.53 34.01 -0.99
CA ASP A 70 -44.31 32.80 -0.77
C ASP A 70 -43.44 31.58 -0.53
N THR A 71 -42.13 31.71 -0.79
CA THR A 71 -41.19 30.61 -0.65
C THR A 71 -40.10 30.83 0.44
N GLU A 72 -40.10 32.00 1.12
CA GLU A 72 -39.06 32.31 2.10
C GLU A 72 -39.55 33.20 3.25
N ALA A 73 -39.06 32.92 4.46
CA ALA A 73 -39.29 33.71 5.68
C ALA A 73 -37.99 33.79 6.50
N THR A 74 -37.80 34.89 7.23
CA THR A 74 -36.60 35.17 8.04
C THR A 74 -36.98 35.42 9.49
N TYR A 75 -36.16 34.92 10.41
CA TYR A 75 -36.33 35.07 11.86
C TYR A 75 -35.07 35.68 12.46
N THR A 76 -35.25 36.55 13.46
CA THR A 76 -34.15 37.13 14.23
C THR A 76 -34.39 36.71 15.67
N LEU A 77 -33.49 35.89 16.22
CA LEU A 77 -33.60 35.34 17.57
C LEU A 77 -32.59 35.98 18.50
N LYS A 78 -33.09 36.56 19.58
CA LYS A 78 -32.31 37.19 20.64
C LYS A 78 -32.09 36.10 21.68
N VAL A 79 -30.86 35.55 21.73
CA VAL A 79 -30.53 34.44 22.65
C VAL A 79 -29.56 34.95 23.73
N LYS A 80 -30.10 35.23 24.92
CA LYS A 80 -29.33 35.78 26.04
C LYS A 80 -29.44 34.99 27.35
N ASP A 81 -28.29 34.79 28.01
CA ASP A 81 -28.09 34.15 29.32
C ASP A 81 -26.84 34.76 29.99
N GLU A 82 -27.05 35.80 30.82
CA GLU A 82 -25.99 36.54 31.53
C GLU A 82 -25.11 35.64 32.41
N ALA A 83 -25.74 34.68 33.12
CA ALA A 83 -25.12 33.72 34.03
C ALA A 83 -24.13 32.77 33.33
N LYS A 84 -24.45 32.35 32.09
CA LYS A 84 -23.63 31.42 31.33
C LYS A 84 -22.82 32.09 30.21
N LYS A 85 -22.74 33.44 30.24
CA LYS A 85 -22.01 34.30 29.30
C LYS A 85 -22.41 34.04 27.83
N ILE A 86 -23.72 34.26 27.57
CA ILE A 86 -24.36 34.10 26.25
C ILE A 86 -25.16 35.36 25.96
N ASP A 87 -24.86 36.03 24.83
CA ASP A 87 -25.57 37.20 24.32
C ASP A 87 -25.40 37.21 22.80
N ALA A 88 -26.29 36.48 22.14
CA ALA A 88 -26.25 36.29 20.71
C ALA A 88 -27.53 36.70 19.99
N VAL A 89 -27.38 36.99 18.70
CA VAL A 89 -28.44 37.33 17.77
C VAL A 89 -28.28 36.38 16.56
N ILE A 90 -29.20 35.43 16.43
CA ILE A 90 -29.19 34.41 15.40
C ILE A 90 -30.26 34.68 14.33
N THR A 91 -29.82 34.76 13.06
CA THR A 91 -30.70 34.95 11.91
C THR A 91 -30.94 33.57 11.27
N VAL A 92 -32.21 33.20 11.14
CA VAL A 92 -32.63 31.92 10.57
C VAL A 92 -33.54 32.15 9.35
N GLN A 93 -33.23 31.50 8.22
CA GLN A 93 -34.09 31.56 7.04
C GLN A 93 -34.79 30.22 6.82
N ILE A 94 -36.10 30.26 6.50
CA ILE A 94 -36.84 29.06 6.13
C ILE A 94 -37.23 29.19 4.65
N THR A 95 -36.65 28.34 3.78
CA THR A 95 -36.98 28.32 2.35
C THR A 95 -37.71 27.02 2.01
N VAL A 96 -38.58 27.08 1.00
CA VAL A 96 -39.31 25.92 0.49
C VAL A 96 -39.14 25.87 -1.02
N LYS A 97 -38.90 24.67 -1.58
CA LYS A 97 -38.79 24.44 -3.03
C LYS A 97 -39.28 23.04 -3.34
N ALA A 98 -40.27 22.92 -4.24
CA ALA A 98 -40.93 21.65 -4.56
C ALA A 98 -41.48 21.02 -3.26
N ASN A 99 -40.99 19.84 -2.89
CA ASN A 99 -41.37 19.11 -1.66
C ASN A 99 -40.26 19.23 -0.60
N GLN A 100 -39.40 20.25 -0.71
CA GLN A 100 -38.28 20.44 0.21
C GLN A 100 -38.43 21.67 1.05
N LEU A 101 -37.97 21.60 2.29
CA LEU A 101 -37.95 22.73 3.22
C LEU A 101 -36.56 22.78 3.80
N HIS A 102 -35.99 23.97 3.80
CA HIS A 102 -34.64 24.24 4.27
C HIS A 102 -34.67 25.20 5.43
N LEU A 103 -33.88 24.90 6.47
CA LEU A 103 -33.77 25.78 7.62
C LEU A 103 -32.28 26.09 7.77
N ASN A 104 -31.90 27.32 7.46
CA ASN A 104 -30.51 27.74 7.48
C ASN A 104 -30.24 28.86 8.44
N VAL A 105 -29.16 28.75 9.21
CA VAL A 105 -28.71 29.80 10.12
C VAL A 105 -27.75 30.63 9.24
N THR A 106 -28.23 31.79 8.77
CA THR A 106 -27.53 32.67 7.82
C THR A 106 -26.60 33.68 8.46
N LYS A 107 -26.79 33.98 9.76
CA LYS A 107 -25.97 34.92 10.51
C LYS A 107 -25.99 34.62 12.01
N ILE A 108 -24.82 34.71 12.65
CA ILE A 108 -24.64 34.57 14.10
C ILE A 108 -23.84 35.77 14.56
N LYS A 109 -24.49 36.69 15.30
CA LYS A 109 -23.87 37.88 15.85
C LYS A 109 -23.60 37.67 17.35
N ASN A 110 -22.34 37.87 17.77
CA ASN A 110 -21.93 37.74 19.18
C ASN A 110 -21.70 39.11 19.79
N ASN A 111 -22.53 39.46 20.80
CA ASN A 111 -22.47 40.72 21.54
C ASN A 111 -21.43 40.69 22.67
N LEU A 112 -20.68 39.59 22.79
CA LEU A 112 -19.68 39.38 23.84
C LEU A 112 -18.24 39.27 23.32
N SER A 113 -18.06 39.36 22.00
CA SER A 113 -16.73 39.32 21.38
C SER A 113 -16.69 40.14 20.11
N GLU A 114 -15.48 40.49 19.66
CA GLU A 114 -15.24 41.26 18.44
C GLU A 114 -14.78 40.33 17.31
N GLY A 115 -14.96 39.02 17.53
CA GLY A 115 -14.61 37.97 16.59
C GLY A 115 -13.37 37.21 17.01
N ILE A 116 -12.83 36.41 16.08
CA ILE A 116 -11.63 35.61 16.33
C ILE A 116 -10.38 36.51 16.17
N PRO A 117 -9.50 36.61 17.20
CA PRO A 117 -8.26 37.39 17.04
C PRO A 117 -7.36 36.79 15.96
N GLU A 118 -6.54 37.63 15.31
CA GLU A 118 -5.60 37.24 14.25
C GLU A 118 -4.75 36.03 14.63
N GLY A 119 -4.60 35.13 13.67
CA GLY A 119 -3.85 33.89 13.81
C GLY A 119 -4.59 32.80 14.55
N ASN A 120 -5.95 32.82 14.44
CA ASN A 120 -6.85 31.86 15.10
C ASN A 120 -6.64 31.85 16.62
N GLY A 121 -6.51 33.04 17.20
CA GLY A 121 -6.36 33.23 18.63
C GLY A 121 -7.65 32.88 19.35
N VAL A 122 -7.60 32.75 20.68
CA VAL A 122 -8.78 32.41 21.48
C VAL A 122 -9.80 33.55 21.51
N GLU A 123 -11.00 33.29 21.00
CA GLU A 123 -12.13 34.20 21.05
C GLU A 123 -12.83 33.82 22.35
N GLU A 124 -12.77 34.72 23.34
CA GLU A 124 -13.43 34.50 24.62
C GLU A 124 -14.92 34.71 24.42
N ASN A 125 -15.75 33.86 25.05
CA ASN A 125 -17.21 33.90 24.97
C ASN A 125 -17.73 33.56 23.57
N ALA A 126 -16.94 32.77 22.83
CA ALA A 126 -17.25 32.30 21.49
C ALA A 126 -18.46 31.36 21.50
N ILE A 127 -19.30 31.46 20.46
CA ILE A 127 -20.44 30.56 20.27
C ILE A 127 -19.84 29.33 19.58
N GLN A 128 -19.57 28.30 20.39
CA GLN A 128 -18.93 27.06 19.97
C GLN A 128 -19.88 26.05 19.34
N THR A 129 -21.06 25.85 19.96
CA THR A 129 -22.10 24.94 19.48
C THR A 129 -23.44 25.65 19.48
N LEU A 130 -24.36 25.14 18.66
CA LEU A 130 -25.70 25.66 18.52
C LEU A 130 -26.62 24.54 18.07
N SER A 131 -27.84 24.50 18.63
CA SER A 131 -28.89 23.55 18.28
C SER A 131 -30.28 24.06 18.68
N PHE A 132 -31.31 23.36 18.20
CA PHE A 132 -32.70 23.63 18.48
C PHE A 132 -33.24 22.33 19.11
N PRO A 133 -33.08 22.16 20.46
CA PRO A 133 -33.51 20.92 21.12
C PRO A 133 -35.01 20.64 20.94
N ASN A 134 -35.34 19.42 20.45
CA ASN A 134 -36.70 18.93 20.16
C ASN A 134 -37.44 19.88 19.21
N GLN A 135 -36.76 20.31 18.14
CA GLN A 135 -37.35 21.20 17.17
C GLN A 135 -38.45 20.52 16.34
N SER A 136 -38.45 19.16 16.27
CA SER A 136 -39.48 18.35 15.58
C SER A 136 -39.84 18.98 14.23
N LEU A 137 -38.87 19.06 13.31
CA LEU A 137 -39.12 19.68 11.99
C LEU A 137 -40.15 18.89 11.18
N VAL A 138 -40.08 17.55 11.31
CA VAL A 138 -41.01 16.56 10.76
C VAL A 138 -41.32 15.62 11.90
N SER A 139 -42.57 15.18 12.00
CA SER A 139 -42.96 14.25 13.08
C SER A 139 -44.04 13.29 12.65
N VAL A 140 -44.08 12.12 13.31
CA VAL A 140 -45.10 11.07 13.11
C VAL A 140 -45.75 10.75 14.45
N ARG A 141 -47.03 10.38 14.43
CA ARG A 141 -47.78 10.08 15.65
C ARG A 141 -48.13 8.61 15.72
N SER A 142 -48.23 8.06 16.96
CA SER A 142 -48.64 6.66 17.20
C SER A 142 -50.07 6.39 16.68
N SER A 143 -50.90 7.47 16.64
CA SER A 143 -52.29 7.51 16.15
C SER A 143 -52.38 7.46 14.61
N GLN A 144 -51.23 7.55 13.91
CA GLN A 144 -51.19 7.51 12.45
C GLN A 144 -51.02 6.11 11.94
N GLU A 145 -51.52 5.90 10.73
CA GLU A 145 -51.50 4.65 9.99
C GLU A 145 -50.07 4.40 9.52
N ASN A 146 -49.49 3.29 10.02
CA ASN A 146 -48.13 2.79 9.77
C ASN A 146 -47.03 3.79 10.18
N ALA A 147 -47.15 4.39 11.37
CA ALA A 147 -46.14 5.29 11.94
C ALA A 147 -44.85 4.48 12.20
N GLN A 148 -43.77 4.84 11.50
CA GLN A 148 -42.49 4.11 11.56
C GLN A 148 -41.32 5.05 11.67
N PHE A 149 -40.24 4.54 12.28
CA PHE A 149 -38.95 5.20 12.31
C PHE A 149 -37.93 4.25 11.69
N THR A 150 -37.04 4.79 10.85
CA THR A 150 -35.91 4.06 10.25
C THR A 150 -34.66 4.91 10.46
N GLY A 151 -33.65 4.34 11.09
CA GLY A 151 -32.39 5.02 11.32
C GLY A 151 -31.19 4.22 10.89
N ALA A 152 -30.08 4.91 10.64
CA ALA A 152 -28.82 4.27 10.29
C ALA A 152 -27.72 4.85 11.15
N ARG A 153 -26.86 3.98 11.64
CA ARG A 153 -25.66 4.27 12.40
C ARG A 153 -24.52 3.58 11.66
N MET A 154 -23.27 3.94 11.96
CA MET A 154 -22.12 3.35 11.29
C MET A 154 -21.74 1.96 11.77
N SER A 155 -21.61 1.04 10.82
CA SER A 155 -21.14 -0.30 11.12
C SER A 155 -20.13 -0.77 10.09
N SER A 156 -18.92 -1.06 10.56
CA SER A 156 -17.83 -1.63 9.78
C SER A 156 -17.79 -3.16 9.93
N ASN A 157 -18.62 -3.73 10.84
CA ASN A 157 -18.75 -5.17 11.10
C ASN A 157 -19.77 -5.82 10.17
N THR A 158 -19.33 -6.83 9.37
CA THR A 158 -20.14 -7.59 8.40
C THR A 158 -21.32 -8.36 9.04
N GLN A 159 -21.23 -8.68 10.35
CA GLN A 159 -22.23 -9.43 11.10
C GLN A 159 -23.23 -8.54 11.84
N LYS A 160 -22.95 -7.22 11.94
CA LYS A 160 -23.80 -6.28 12.67
C LYS A 160 -24.36 -5.19 11.79
N PRO A 161 -25.63 -5.28 11.31
CA PRO A 161 -26.20 -4.18 10.51
C PRO A 161 -26.27 -2.84 11.25
N GLY A 162 -26.10 -1.75 10.51
CA GLY A 162 -26.14 -0.39 11.06
C GLY A 162 -27.53 0.21 11.09
N ASP A 163 -28.54 -0.53 10.65
CA ASP A 163 -29.94 -0.11 10.55
C ASP A 163 -30.83 -0.47 11.73
N THR A 164 -31.83 0.38 11.97
CA THR A 164 -32.93 0.16 12.93
C THR A 164 -34.23 0.53 12.25
N ASN A 165 -35.26 -0.31 12.40
CA ASN A 165 -36.58 -0.13 11.80
C ASN A 165 -37.61 -0.53 12.82
N PHE A 166 -38.44 0.43 13.28
CA PHE A 166 -39.48 0.13 14.25
C PHE A 166 -40.75 0.98 14.11
N ALA A 167 -41.86 0.44 14.62
CA ALA A 167 -43.15 1.12 14.62
C ALA A 167 -43.22 2.08 15.80
N VAL A 168 -43.72 3.29 15.54
CA VAL A 168 -43.94 4.34 16.51
C VAL A 168 -45.29 4.04 17.18
N THR A 169 -45.20 3.60 18.43
CA THR A 169 -46.33 3.19 19.28
C THR A 169 -46.38 4.12 20.49
N GLU A 170 -47.40 3.96 21.36
CA GLU A 170 -47.54 4.76 22.57
C GLU A 170 -46.37 4.53 23.53
N ASP A 171 -45.77 3.33 23.51
CA ASP A 171 -44.64 2.93 24.34
C ASP A 171 -43.27 3.43 23.84
N THR A 172 -43.21 4.02 22.62
CA THR A 172 -41.99 4.57 22.03
C THR A 172 -41.52 5.74 22.89
N ASN A 173 -40.28 5.67 23.40
CA ASN A 173 -39.70 6.71 24.27
C ASN A 173 -38.25 6.96 23.95
N VAL A 174 -37.99 8.04 23.20
CA VAL A 174 -36.64 8.44 22.77
C VAL A 174 -36.40 9.90 23.15
N THR A 175 -35.13 10.24 23.41
CA THR A 175 -34.69 11.60 23.75
C THR A 175 -33.31 11.79 23.14
N ASP A 176 -33.23 12.67 22.13
CA ASP A 176 -31.99 13.00 21.42
C ASP A 176 -31.22 11.73 20.99
N SER A 177 -31.98 10.78 20.43
CA SER A 177 -31.47 9.52 19.92
C SER A 177 -30.86 9.85 18.56
N ASP A 178 -29.55 9.81 18.49
CA ASP A 178 -28.73 10.23 17.37
C ASP A 178 -28.44 9.17 16.29
N TYR A 179 -28.64 9.59 15.04
CA TYR A 179 -28.44 8.75 13.85
C TYR A 179 -27.71 9.51 12.74
N THR A 180 -27.04 8.77 11.84
CA THR A 180 -26.36 9.38 10.68
C THR A 180 -27.47 9.82 9.76
N TYR A 181 -28.47 8.91 9.59
CA TYR A 181 -29.66 9.10 8.78
C TYR A 181 -30.88 8.69 9.58
N GLY A 182 -31.94 9.47 9.47
CA GLY A 182 -33.21 9.22 10.12
C GLY A 182 -34.36 9.54 9.21
N PHE A 183 -35.31 8.60 9.13
CA PHE A 183 -36.53 8.70 8.32
C PHE A 183 -37.73 8.33 9.14
N ILE A 184 -38.81 9.14 9.02
CA ILE A 184 -40.12 8.92 9.65
C ILE A 184 -41.19 8.79 8.57
N SER A 185 -42.11 7.82 8.70
CA SER A 185 -43.20 7.57 7.74
C SER A 185 -44.48 7.38 8.51
N GLY A 186 -45.58 7.92 7.99
CA GLY A 186 -46.88 7.81 8.63
C GLY A 186 -47.96 8.53 7.86
N ALA A 187 -49.17 7.94 7.81
CA ALA A 187 -50.35 8.51 7.13
C ALA A 187 -50.08 8.87 5.63
N GLY A 188 -49.35 7.99 4.96
CA GLY A 188 -49.05 8.07 3.53
C GLY A 188 -47.93 8.99 3.07
N LEU A 189 -47.14 9.53 4.01
CA LEU A 189 -46.00 10.41 3.72
C LEU A 189 -44.78 9.94 4.46
N SER A 190 -43.60 10.18 3.87
CA SER A 190 -42.30 9.81 4.42
C SER A 190 -41.37 11.00 4.32
N ALA A 191 -40.50 11.18 5.31
CA ALA A 191 -39.53 12.27 5.28
C ALA A 191 -38.29 11.93 6.05
N GLY A 192 -37.16 12.35 5.50
CA GLY A 192 -35.85 12.23 6.13
C GLY A 192 -35.33 13.60 6.49
N LEU A 193 -34.47 13.68 7.52
CA LEU A 193 -33.85 14.93 7.93
C LEU A 193 -32.39 14.94 7.56
N TRP A 194 -31.99 16.00 6.84
CA TRP A 194 -30.60 16.25 6.47
C TRP A 194 -30.05 17.43 7.29
N SER A 195 -28.81 17.31 7.74
CA SER A 195 -28.08 18.33 8.48
C SER A 195 -26.62 18.29 8.09
N ASN A 196 -25.95 19.43 8.18
CA ASN A 196 -24.51 19.50 7.92
C ASN A 196 -23.72 19.43 9.24
N SER A 197 -24.40 19.03 10.34
CA SER A 197 -23.86 18.88 11.69
C SER A 197 -22.60 17.99 11.72
N GLU A 198 -21.55 18.48 12.41
CA GLU A 198 -20.28 17.78 12.56
C GLU A 198 -20.24 17.00 13.88
N HIS A 199 -21.40 16.77 14.51
CA HIS A 199 -21.56 16.04 15.76
C HIS A 199 -21.17 14.57 15.59
N ASP A 200 -20.49 14.03 16.61
CA ASP A 200 -20.08 12.63 16.72
C ASP A 200 -20.86 11.96 17.86
N GLY A 201 -21.50 10.83 17.58
CA GLY A 201 -22.28 10.12 18.59
C GLY A 201 -22.26 8.61 18.49
N THR A 202 -23.40 7.98 18.75
CA THR A 202 -23.65 6.54 18.75
C THR A 202 -23.33 5.92 17.40
N TYR A 203 -22.64 4.77 17.43
CA TYR A 203 -22.28 3.99 16.25
C TYR A 203 -22.44 2.53 16.59
N VAL A 204 -22.51 1.65 15.57
CA VAL A 204 -22.67 0.19 15.75
C VAL A 204 -21.30 -0.49 15.87
N ALA A 205 -20.39 -0.20 14.94
CA ALA A 205 -19.05 -0.79 14.90
C ALA A 205 -18.17 0.06 14.05
N ALA A 206 -16.98 0.39 14.55
CA ALA A 206 -15.98 1.19 13.86
C ALA A 206 -14.68 1.02 14.62
N PRO A 207 -13.56 0.73 13.92
CA PRO A 207 -12.29 0.55 14.64
C PRO A 207 -11.53 1.86 14.89
N VAL A 208 -11.97 2.96 14.23
CA VAL A 208 -11.33 4.29 14.27
C VAL A 208 -12.35 5.41 14.51
N ARG A 209 -11.85 6.65 14.56
CA ARG A 209 -12.64 7.88 14.60
C ARG A 209 -12.60 8.42 13.16
N GLY A 210 -12.07 9.63 12.95
CA GLY A 210 -11.95 10.21 11.61
C GLY A 210 -13.26 10.35 10.84
N GLY A 211 -14.31 10.76 11.54
CA GLY A 211 -15.63 10.97 10.94
C GLY A 211 -16.48 9.75 10.77
N SER A 212 -16.12 8.65 11.44
CA SER A 212 -16.84 7.39 11.41
C SER A 212 -18.14 7.52 12.20
N GLN A 213 -18.10 8.29 13.32
CA GLN A 213 -19.19 8.46 14.29
C GLN A 213 -20.13 9.64 14.04
N ASN A 214 -20.04 10.30 12.88
CA ASN A 214 -20.90 11.45 12.51
C ASN A 214 -22.40 11.13 12.52
N THR A 215 -23.09 11.58 13.57
CA THR A 215 -24.55 11.45 13.71
C THR A 215 -25.13 12.85 13.56
N ARG A 216 -26.07 13.00 12.62
CA ARG A 216 -26.59 14.31 12.26
C ARG A 216 -28.08 14.54 12.60
N VAL A 217 -28.81 13.46 12.95
CA VAL A 217 -30.25 13.48 13.24
C VAL A 217 -30.50 13.10 14.70
N TYR A 218 -31.32 13.88 15.40
CA TYR A 218 -31.73 13.59 16.79
C TYR A 218 -33.22 13.26 16.74
N ALA A 219 -33.61 12.09 17.28
CA ALA A 219 -35.02 11.69 17.37
C ALA A 219 -35.47 11.86 18.83
N THR A 220 -36.63 12.51 19.05
CA THR A 220 -37.22 12.73 20.39
C THR A 220 -38.72 12.50 20.36
N THR A 221 -39.25 11.85 21.41
CA THR A 221 -40.69 11.66 21.57
C THR A 221 -41.28 12.71 22.51
N GLN A 222 -42.49 13.17 22.19
CA GLN A 222 -43.25 14.10 23.02
C GLN A 222 -44.70 13.69 23.02
N GLN A 223 -45.49 14.16 23.99
CA GLN A 223 -46.90 13.85 24.03
C GLN A 223 -47.72 14.88 23.25
N THR A 224 -48.50 14.40 22.28
CA THR A 224 -49.38 15.24 21.45
C THR A 224 -50.78 14.69 21.59
N GLY A 225 -51.51 15.23 22.58
CA GLY A 225 -52.84 14.77 22.94
C GLY A 225 -52.70 13.43 23.64
N ASP A 226 -53.33 12.38 23.10
CA ASP A 226 -53.19 11.05 23.68
C ASP A 226 -52.28 10.13 22.84
N ALA A 227 -51.63 10.72 21.82
CA ALA A 227 -50.69 10.03 20.95
C ALA A 227 -49.25 10.40 21.32
N THR A 228 -48.33 9.48 21.01
CA THR A 228 -46.89 9.68 21.17
C THR A 228 -46.39 10.21 19.82
N SER A 229 -45.65 11.32 19.85
CA SER A 229 -45.12 11.92 18.64
C SER A 229 -43.61 11.75 18.62
N LEU A 230 -43.08 11.19 17.51
CA LEU A 230 -41.65 11.06 17.32
C LEU A 230 -41.26 12.15 16.31
N GLY A 231 -40.44 13.08 16.77
CA GLY A 231 -39.98 14.19 15.95
C GLY A 231 -38.50 14.12 15.64
N LEU A 232 -38.13 14.61 14.43
CA LEU A 232 -36.73 14.66 14.00
C LEU A 232 -36.21 16.09 14.08
N ALA A 233 -35.00 16.24 14.64
CA ALA A 233 -34.30 17.52 14.79
C ALA A 233 -32.88 17.29 14.30
N SER A 234 -32.15 18.38 14.06
CA SER A 234 -30.73 18.27 13.70
C SER A 234 -29.92 18.02 14.99
N ALA A 235 -28.75 17.40 14.85
CA ALA A 235 -27.82 17.23 15.97
C ALA A 235 -27.12 18.61 16.11
N PRO A 236 -26.43 18.96 17.24
CA PRO A 236 -25.82 20.30 17.32
C PRO A 236 -24.76 20.59 16.26
N TRP A 237 -24.62 21.88 15.93
CA TRP A 237 -23.68 22.39 14.95
C TRP A 237 -22.54 23.14 15.65
N TYR A 238 -21.35 23.08 15.08
CA TYR A 238 -20.20 23.81 15.60
C TYR A 238 -20.12 25.13 14.86
N TYR A 239 -19.76 26.20 15.56
CA TYR A 239 -19.63 27.49 14.94
C TYR A 239 -18.21 28.01 15.10
N HIS A 240 -17.87 28.59 16.26
CA HIS A 240 -16.53 29.10 16.55
C HIS A 240 -15.97 28.26 17.70
N ARG A 241 -15.56 27.03 17.36
CA ARG A 241 -15.04 26.01 18.25
C ARG A 241 -13.62 26.29 18.76
N THR A 242 -13.45 26.21 20.10
CA THR A 242 -12.17 26.39 20.77
C THR A 242 -11.51 25.03 20.98
N VAL A 243 -10.30 24.88 20.44
CA VAL A 243 -9.52 23.65 20.46
C VAL A 243 -8.13 23.88 21.09
N THR A 244 -7.50 22.82 21.60
CA THR A 244 -6.18 22.86 22.24
C THR A 244 -5.22 21.91 21.52
N ASP A 245 -3.98 22.36 21.28
CA ASP A 245 -2.95 21.52 20.65
C ASP A 245 -2.23 20.66 21.72
N SER A 246 -1.20 19.87 21.32
CA SER A 246 -0.47 18.97 22.24
C SER A 246 0.42 19.70 23.28
N LYS A 247 0.70 21.00 23.07
CA LYS A 247 1.55 21.83 23.96
C LYS A 247 0.72 22.66 24.94
N GLY A 248 -0.61 22.56 24.82
CA GLY A 248 -1.55 23.29 25.67
C GLY A 248 -2.01 24.62 25.11
N LYS A 249 -1.55 24.99 23.88
CA LYS A 249 -1.94 26.23 23.22
C LYS A 249 -3.39 26.14 22.70
N LYS A 250 -4.20 27.13 23.08
CA LYS A 250 -5.61 27.22 22.74
C LYS A 250 -5.82 28.07 21.48
N TYR A 251 -6.80 27.67 20.66
CA TYR A 251 -7.17 28.30 19.39
C TYR A 251 -8.68 28.31 19.18
N THR A 252 -9.20 29.35 18.50
CA THR A 252 -10.60 29.40 18.06
C THR A 252 -10.58 29.33 16.54
N VAL A 253 -11.27 28.32 15.98
CA VAL A 253 -11.33 28.12 14.54
C VAL A 253 -12.77 28.34 14.08
N ALA A 254 -12.94 29.12 12.98
CA ALA A 254 -14.24 29.45 12.39
C ALA A 254 -14.92 28.21 11.81
N GLU A 255 -16.25 28.31 11.56
CA GLU A 255 -17.10 27.27 11.02
C GLU A 255 -16.64 26.80 9.63
N THR A 256 -16.82 25.49 9.36
CA THR A 256 -16.48 24.88 8.06
C THR A 256 -17.51 25.43 7.07
N ALA A 257 -18.76 25.54 7.54
CA ALA A 257 -19.94 26.04 6.86
C ALA A 257 -20.92 26.50 7.93
N LEU A 258 -21.86 27.38 7.55
CA LEU A 258 -22.89 27.85 8.46
C LEU A 258 -23.91 26.71 8.72
N PRO A 259 -24.61 26.69 9.89
CA PRO A 259 -25.59 25.62 10.14
C PRO A 259 -26.66 25.50 9.07
N GLN A 260 -26.90 24.28 8.60
CA GLN A 260 -27.88 23.98 7.58
C GLN A 260 -28.55 22.65 7.86
N MET A 261 -29.84 22.59 7.58
CA MET A 261 -30.67 21.41 7.71
C MET A 261 -31.81 21.48 6.70
N ALA A 262 -32.42 20.32 6.40
CA ALA A 262 -33.48 20.23 5.41
C ALA A 262 -34.28 18.94 5.57
N VAL A 263 -35.52 18.98 5.07
CA VAL A 263 -36.46 17.85 4.98
C VAL A 263 -36.99 17.81 3.52
N ALA A 264 -37.46 16.65 3.07
CA ALA A 264 -38.05 16.47 1.75
C ALA A 264 -39.23 15.50 1.93
N ILE A 265 -40.45 15.95 1.61
CA ILE A 265 -41.64 15.14 1.85
C ILE A 265 -41.96 14.29 0.66
N ALA A 266 -42.08 12.99 0.89
CA ALA A 266 -42.37 12.00 -0.13
C ALA A 266 -43.69 11.26 0.10
N GLY A 267 -44.31 10.83 -1.00
CA GLY A 267 -45.48 9.97 -1.01
C GLY A 267 -44.95 8.61 -1.38
N ASP A 268 -45.69 7.85 -2.19
CA ASP A 268 -45.22 6.53 -2.64
C ASP A 268 -44.44 6.79 -3.94
N GLU A 269 -43.17 7.15 -3.76
CA GLU A 269 -42.21 7.53 -4.80
C GLU A 269 -41.81 6.38 -5.72
N ASN A 270 -41.75 5.14 -5.18
CA ASN A 270 -41.38 3.98 -5.98
C ASN A 270 -42.62 3.21 -6.48
N GLU A 271 -43.83 3.73 -6.18
CA GLU A 271 -45.13 3.22 -6.60
C GLU A 271 -45.30 1.73 -6.34
N ASP A 272 -44.88 1.29 -5.15
CA ASP A 272 -44.92 -0.11 -4.75
C ASP A 272 -46.14 -0.42 -3.86
N GLY A 273 -46.98 0.60 -3.66
CA GLY A 273 -48.19 0.50 -2.86
C GLY A 273 -48.02 0.64 -1.37
N ALA A 274 -46.80 0.98 -0.91
CA ALA A 274 -46.50 1.19 0.51
C ALA A 274 -45.72 2.47 0.71
N VAL A 275 -45.84 3.11 1.88
CA VAL A 275 -45.07 4.32 2.17
C VAL A 275 -44.15 4.02 3.36
N ASN A 276 -42.85 4.04 3.10
CA ASN A 276 -41.84 3.78 4.12
C ASN A 276 -40.64 4.65 3.84
N TRP A 277 -39.55 4.42 4.57
CA TRP A 277 -38.29 5.15 4.45
C TRP A 277 -37.71 5.18 3.05
N GLN A 278 -37.98 4.15 2.23
CA GLN A 278 -37.43 4.04 0.87
C GLN A 278 -37.94 5.12 -0.04
N ASP A 279 -39.16 5.59 0.24
CA ASP A 279 -39.77 6.71 -0.47
C ASP A 279 -39.10 8.00 0.00
N GLY A 280 -38.96 8.14 1.31
CA GLY A 280 -38.29 9.27 1.94
C GLY A 280 -36.84 9.38 1.53
N ALA A 281 -36.19 8.24 1.24
CA ALA A 281 -34.81 8.09 0.81
C ALA A 281 -34.62 8.53 -0.64
N ILE A 282 -35.58 8.22 -1.54
CA ILE A 282 -35.55 8.68 -2.93
C ILE A 282 -35.61 10.25 -2.94
N ALA A 283 -36.52 10.83 -2.14
CA ALA A 283 -36.68 12.28 -1.99
C ALA A 283 -35.45 12.92 -1.32
N TYR A 284 -34.85 12.20 -0.35
CA TYR A 284 -33.69 12.63 0.45
C TYR A 284 -32.48 12.96 -0.41
N ARG A 285 -32.32 12.26 -1.54
CA ARG A 285 -31.25 12.47 -2.51
C ARG A 285 -31.28 13.87 -3.10
N ASP A 286 -32.45 14.54 -3.09
CA ASP A 286 -32.58 15.91 -3.58
C ASP A 286 -32.06 16.95 -2.59
N ILE A 287 -31.98 16.62 -1.30
CA ILE A 287 -31.55 17.55 -0.25
C ILE A 287 -30.19 17.23 0.36
N MET A 288 -29.79 15.94 0.33
CA MET A 288 -28.54 15.46 0.92
C MET A 288 -27.29 16.02 0.31
N ASN A 289 -26.21 16.04 1.10
CA ASN A 289 -24.87 16.43 0.68
C ASN A 289 -24.35 15.35 -0.27
N ASN A 290 -23.60 15.74 -1.27
CA ASN A 290 -23.03 14.75 -2.17
C ASN A 290 -21.53 14.91 -2.13
N PRO A 291 -20.76 13.85 -1.83
CA PRO A 291 -19.28 13.99 -1.86
C PRO A 291 -18.80 14.61 -3.18
N TYR A 292 -17.82 15.49 -3.10
CA TYR A 292 -17.25 16.15 -4.27
C TYR A 292 -16.66 15.12 -5.24
N LYS A 293 -17.10 15.20 -6.52
CA LYS A 293 -16.73 14.34 -7.65
C LYS A 293 -17.25 12.89 -7.53
N SER A 294 -18.30 12.68 -6.72
CA SER A 294 -18.95 11.36 -6.55
C SER A 294 -19.65 10.92 -7.85
N GLU A 295 -19.96 11.89 -8.71
N GLU A 295 -19.98 11.88 -8.73
CA GLU A 295 -20.59 11.70 -10.01
CA GLU A 295 -20.63 11.60 -10.00
C GLU A 295 -19.72 10.88 -10.99
C GLU A 295 -19.72 10.83 -10.99
N GLU A 296 -18.39 10.79 -10.74
CA GLU A 296 -17.46 10.03 -11.59
C GLU A 296 -17.16 8.60 -11.10
N VAL A 297 -17.55 8.25 -9.87
CA VAL A 297 -17.32 6.96 -9.21
C VAL A 297 -17.78 5.76 -10.11
N PRO A 298 -18.98 5.75 -10.76
CA PRO A 298 -19.34 4.59 -11.62
C PRO A 298 -18.38 4.29 -12.78
N GLU A 299 -17.60 5.29 -13.19
CA GLU A 299 -16.63 5.21 -14.28
C GLU A 299 -15.29 4.59 -13.90
N LEU A 300 -15.01 4.43 -12.59
CA LEU A 300 -13.73 3.94 -12.07
C LEU A 300 -13.71 2.43 -11.88
N VAL A 301 -13.79 1.73 -13.01
CA VAL A 301 -13.83 0.28 -13.09
C VAL A 301 -12.54 -0.32 -12.56
N ALA A 302 -11.38 0.24 -12.99
CA ALA A 302 -10.06 -0.24 -12.65
C ALA A 302 -9.27 0.63 -11.64
N TRP A 303 -9.50 0.39 -10.34
CA TRP A 303 -8.74 0.97 -9.23
C TRP A 303 -7.47 0.14 -9.06
N ARG A 304 -6.37 0.77 -8.67
CA ARG A 304 -5.10 0.10 -8.34
C ARG A 304 -4.08 1.07 -7.78
N ILE A 305 -3.00 0.55 -7.18
CA ILE A 305 -1.89 1.32 -6.62
C ILE A 305 -0.61 1.09 -7.45
N ALA A 306 0.09 2.19 -7.83
CA ALA A 306 1.41 2.20 -8.47
C ALA A 306 2.35 2.59 -7.31
N MET A 307 3.25 1.68 -6.93
CA MET A 307 4.10 1.78 -5.75
C MET A 307 5.57 2.23 -6.00
N ASN A 308 6.07 3.15 -5.15
CA ASN A 308 7.46 3.61 -5.14
C ASN A 308 7.97 3.58 -3.74
N PHE A 309 9.16 3.04 -3.54
CA PHE A 309 9.69 2.91 -2.19
C PHE A 309 11.21 2.95 -2.15
N GLY A 310 11.74 3.61 -1.13
CA GLY A 310 13.15 3.70 -0.76
C GLY A 310 14.17 4.05 -1.80
N SER A 311 13.93 5.16 -2.56
CA SER A 311 14.83 5.72 -3.58
C SER A 311 14.96 4.90 -4.86
N GLN A 312 14.30 3.73 -4.92
CA GLN A 312 14.39 2.74 -5.98
C GLN A 312 13.75 3.11 -7.29
N ALA A 313 12.72 3.99 -7.29
CA ALA A 313 12.00 4.42 -8.51
C ALA A 313 11.52 3.19 -9.31
N GLN A 314 10.74 2.31 -8.66
CA GLN A 314 10.24 1.04 -9.21
C GLN A 314 9.24 1.28 -10.31
N ASN A 315 8.50 2.39 -10.18
CA ASN A 315 7.44 2.81 -11.08
C ASN A 315 7.51 4.29 -11.39
N PRO A 316 8.41 4.74 -12.30
CA PRO A 316 8.42 6.17 -12.65
C PRO A 316 7.12 6.53 -13.39
N PHE A 317 6.67 7.79 -13.27
CA PHE A 317 5.38 8.27 -13.80
C PHE A 317 5.09 7.86 -15.23
N LEU A 318 6.11 7.92 -16.10
CA LEU A 318 5.96 7.56 -17.51
C LEU A 318 5.78 6.05 -17.74
N THR A 319 6.21 5.20 -16.77
CA THR A 319 6.02 3.75 -16.78
C THR A 319 4.56 3.46 -16.39
N THR A 320 4.01 4.22 -15.42
CA THR A 320 2.62 4.14 -14.98
C THR A 320 1.67 4.45 -16.14
N LEU A 321 2.01 5.45 -16.96
CA LEU A 321 1.23 5.83 -18.14
C LEU A 321 1.15 4.66 -19.15
N ASP A 322 2.25 3.91 -19.30
CA ASP A 322 2.31 2.71 -20.14
C ASP A 322 1.40 1.58 -19.61
N ASN A 323 1.37 1.40 -18.27
CA ASN A 323 0.51 0.41 -17.63
C ASN A 323 -0.97 0.78 -17.75
N VAL A 324 -1.26 2.08 -17.81
CA VAL A 324 -2.60 2.64 -18.03
C VAL A 324 -3.08 2.24 -19.44
N LYS A 325 -2.19 2.33 -20.42
CA LYS A 325 -2.46 1.97 -21.82
C LYS A 325 -2.63 0.46 -22.01
N LYS A 326 -1.93 -0.34 -21.20
CA LYS A 326 -2.01 -1.81 -21.20
C LYS A 326 -3.39 -2.26 -20.67
N VAL A 327 -3.87 -1.61 -19.58
CA VAL A 327 -5.15 -1.88 -18.91
C VAL A 327 -6.30 -1.39 -19.80
N ALA A 328 -6.09 -0.26 -20.50
CA ALA A 328 -7.07 0.31 -21.42
C ALA A 328 -7.33 -0.69 -22.57
N LEU A 329 -6.26 -1.29 -23.12
CA LEU A 329 -6.36 -2.29 -24.17
C LEU A 329 -7.11 -3.54 -23.71
N ASN A 330 -6.82 -4.00 -22.49
CA ASN A 330 -7.43 -5.20 -21.92
C ASN A 330 -8.87 -5.04 -21.42
N THR A 331 -9.29 -3.78 -21.17
CA THR A 331 -10.67 -3.49 -20.70
C THR A 331 -11.51 -2.82 -21.76
N ASP A 332 -10.91 -2.59 -22.93
CA ASP A 332 -11.52 -1.92 -24.05
C ASP A 332 -11.91 -0.47 -23.68
N GLY A 333 -11.02 0.16 -22.94
CA GLY A 333 -11.13 1.55 -22.56
C GLY A 333 -12.01 1.92 -21.41
N LEU A 334 -12.19 1.05 -20.41
CA LEU A 334 -12.97 1.38 -19.23
C LEU A 334 -12.17 2.35 -18.33
N GLY A 335 -12.85 3.12 -17.49
CA GLY A 335 -12.21 4.11 -16.63
C GLY A 335 -11.32 3.51 -15.56
N GLN A 336 -10.24 4.22 -15.23
CA GLN A 336 -9.24 3.77 -14.27
C GLN A 336 -9.00 4.79 -13.16
N SER A 337 -8.55 4.32 -12.00
CA SER A 337 -8.20 5.18 -10.86
C SER A 337 -6.89 4.70 -10.28
N VAL A 338 -5.81 5.46 -10.51
CA VAL A 338 -4.48 5.03 -10.07
C VAL A 338 -3.99 5.84 -8.89
N LEU A 339 -3.83 5.17 -7.73
CA LEU A 339 -3.30 5.76 -6.52
C LEU A 339 -1.77 5.64 -6.52
N LEU A 340 -1.12 6.80 -6.53
CA LEU A 340 0.34 6.90 -6.52
C LEU A 340 0.85 6.90 -5.09
N LYS A 341 1.18 5.71 -4.60
CA LYS A 341 1.72 5.52 -3.26
C LYS A 341 3.25 5.60 -3.41
N GLY A 342 3.81 6.74 -3.03
CA GLY A 342 5.23 6.97 -3.19
C GLY A 342 5.60 7.95 -4.29
N TYR A 343 4.61 8.78 -4.69
CA TYR A 343 4.74 9.83 -5.70
C TYR A 343 5.76 10.89 -5.29
N GLY A 344 5.89 11.09 -3.98
CA GLY A 344 6.72 12.15 -3.42
C GLY A 344 7.99 11.69 -2.78
N ASN A 345 8.94 12.63 -2.69
CA ASN A 345 10.24 12.43 -2.04
C ASN A 345 10.92 11.13 -2.57
N GLU A 346 11.41 10.25 -1.67
CA GLU A 346 12.11 9.01 -1.98
C GLU A 346 11.16 7.82 -2.17
N GLY A 347 9.87 8.05 -2.01
CA GLY A 347 8.85 7.04 -2.18
C GLY A 347 7.85 7.01 -1.03
N HIS A 348 7.23 5.83 -0.86
CA HIS A 348 6.23 5.54 0.15
C HIS A 348 6.85 5.57 1.51
N ASP A 349 6.22 6.35 2.42
CA ASP A 349 6.63 6.60 3.79
C ASP A 349 8.00 7.28 3.86
N SER A 350 8.17 8.26 2.98
CA SER A 350 9.33 9.12 2.84
C SER A 350 8.79 10.52 2.59
N GLY A 351 9.38 11.50 3.26
CA GLY A 351 9.06 12.90 3.07
C GLY A 351 7.74 13.43 3.58
N HIS A 352 6.98 12.63 4.36
CA HIS A 352 5.73 13.09 4.96
C HIS A 352 6.09 14.18 5.97
N PRO A 353 5.38 15.35 6.01
CA PRO A 353 4.16 15.70 5.28
C PRO A 353 4.36 16.69 4.11
N ASP A 354 5.47 16.58 3.36
CA ASP A 354 5.79 17.49 2.25
C ASP A 354 5.02 17.16 0.96
N TYR A 355 3.74 17.54 0.90
CA TYR A 355 2.84 17.20 -0.21
C TYR A 355 3.28 17.74 -1.57
N GLY A 356 3.91 18.91 -1.58
CA GLY A 356 4.38 19.58 -2.79
C GLY A 356 5.65 19.00 -3.39
N ASP A 357 6.36 18.12 -2.63
CA ASP A 357 7.62 17.51 -3.06
C ASP A 357 7.37 16.26 -3.89
N ILE A 358 7.32 16.44 -5.23
CA ILE A 358 7.10 15.35 -6.18
C ILE A 358 8.44 14.70 -6.48
N GLY A 359 8.49 13.39 -6.23
CA GLY A 359 9.66 12.54 -6.42
C GLY A 359 10.45 12.84 -7.68
N GLN A 360 11.66 13.42 -7.50
CA GLN A 360 12.55 13.80 -8.61
C GLN A 360 13.06 12.61 -9.38
N ARG A 361 13.22 11.44 -8.73
CA ARG A 361 13.68 10.19 -9.33
C ARG A 361 12.63 9.48 -10.16
N LEU A 362 11.38 9.96 -10.10
CA LEU A 362 10.24 9.41 -10.85
C LEU A 362 9.99 10.21 -12.10
N GLY A 363 10.62 11.38 -12.16
CA GLY A 363 10.52 12.33 -13.25
C GLY A 363 9.97 13.68 -12.83
N GLY A 364 9.77 13.87 -11.52
CA GLY A 364 9.25 15.12 -10.97
C GLY A 364 7.86 15.52 -11.45
N ALA A 365 7.50 16.78 -11.22
CA ALA A 365 6.21 17.35 -11.61
C ALA A 365 5.96 17.33 -13.12
N ASP A 366 7.02 17.49 -13.95
CA ASP A 366 6.90 17.48 -15.42
C ASP A 366 6.38 16.14 -15.92
N ASP A 367 7.01 15.02 -15.50
CA ASP A 367 6.56 13.67 -15.88
C ASP A 367 5.25 13.29 -15.22
N MET A 368 4.99 13.79 -13.98
CA MET A 368 3.73 13.51 -13.29
C MET A 368 2.55 14.11 -14.05
N ASN A 369 2.72 15.34 -14.57
CA ASN A 369 1.70 16.06 -15.35
C ASN A 369 1.46 15.42 -16.72
N THR A 370 2.53 14.98 -17.43
CA THR A 370 2.46 14.25 -18.71
C THR A 370 1.62 12.96 -18.52
N MET A 371 1.89 12.20 -17.44
CA MET A 371 1.18 10.98 -17.10
C MET A 371 -0.33 11.28 -16.89
N MET A 372 -0.63 12.34 -16.13
CA MET A 372 -2.00 12.74 -15.82
C MET A 372 -2.77 13.28 -17.03
N GLU A 373 -2.11 14.08 -17.89
CA GLU A 373 -2.68 14.65 -19.10
C GLU A 373 -2.94 13.56 -20.14
N GLU A 374 -1.94 12.70 -20.40
CA GLU A 374 -2.04 11.62 -21.37
C GLU A 374 -2.94 10.50 -20.91
N GLY A 375 -2.92 10.21 -19.61
CA GLY A 375 -3.74 9.17 -18.99
C GLY A 375 -5.21 9.50 -18.99
N SER A 376 -5.55 10.80 -18.92
CA SER A 376 -6.95 11.26 -18.94
C SER A 376 -7.64 10.93 -20.25
N LYS A 377 -6.87 10.85 -21.36
CA LYS A 377 -7.32 10.49 -22.70
C LYS A 377 -7.84 9.06 -22.77
N TYR A 378 -7.38 8.21 -21.84
CA TYR A 378 -7.71 6.80 -21.69
C TYR A 378 -8.74 6.56 -20.57
N GLY A 379 -9.20 7.65 -19.94
CA GLY A 379 -10.17 7.60 -18.85
C GLY A 379 -9.55 7.30 -17.51
N ALA A 380 -8.21 7.45 -17.40
CA ALA A 380 -7.51 7.21 -16.15
C ALA A 380 -7.41 8.44 -15.29
N ARG A 381 -7.77 8.31 -14.02
CA ARG A 381 -7.75 9.34 -13.01
C ARG A 381 -6.55 9.03 -12.14
N PHE A 382 -5.87 10.08 -11.66
CA PHE A 382 -4.70 9.92 -10.81
C PHE A 382 -4.92 10.62 -9.47
N GLY A 383 -4.28 10.09 -8.46
CA GLY A 383 -4.36 10.63 -7.12
C GLY A 383 -3.15 10.23 -6.32
N VAL A 384 -2.88 10.97 -5.25
CA VAL A 384 -1.67 10.72 -4.47
C VAL A 384 -1.94 10.35 -3.02
N HIS A 385 -1.08 9.50 -2.48
CA HIS A 385 -1.14 9.07 -1.09
C HIS A 385 -0.45 10.16 -0.24
N VAL A 386 -1.20 10.77 0.70
CA VAL A 386 -0.64 11.76 1.65
C VAL A 386 -0.87 11.29 3.11
N ASN A 387 -0.08 11.85 4.03
CA ASN A 387 -0.18 11.59 5.45
C ASN A 387 -0.24 12.92 6.21
N ALA A 388 -1.24 13.07 7.09
CA ALA A 388 -1.37 14.27 7.92
C ALA A 388 -1.23 13.91 9.42
N SER A 389 -0.66 12.73 9.72
CA SER A 389 -0.54 12.22 11.09
C SER A 389 0.89 11.89 11.54
N GLU A 390 1.78 11.59 10.58
CA GLU A 390 3.17 11.21 10.84
C GLU A 390 4.10 11.96 9.91
N MET A 391 5.24 12.40 10.44
CA MET A 391 6.28 13.12 9.71
C MET A 391 7.68 12.55 9.96
N TYR A 392 8.63 12.91 9.08
CA TYR A 392 10.02 12.46 9.13
C TYR A 392 10.96 13.65 9.22
N PRO A 393 12.04 13.56 10.06
CA PRO A 393 12.99 14.69 10.18
C PRO A 393 13.50 15.32 8.88
N GLU A 394 13.58 14.54 7.78
CA GLU A 394 14.01 14.94 6.44
C GLU A 394 13.07 15.92 5.74
N ALA A 395 11.76 15.87 6.11
CA ALA A 395 10.71 16.71 5.53
C ALA A 395 10.88 18.15 5.96
N LYS A 396 10.87 19.06 4.99
CA LYS A 396 11.04 20.50 5.19
C LYS A 396 9.97 21.08 6.11
N ALA A 397 8.78 20.44 6.18
CA ALA A 397 7.68 20.82 7.06
C ALA A 397 8.00 20.51 8.53
N PHE A 398 8.96 19.57 8.80
CA PHE A 398 9.37 19.18 10.16
C PHE A 398 9.91 20.38 10.92
N SER A 399 9.24 20.69 12.04
CA SER A 399 9.55 21.79 12.95
C SER A 399 9.10 21.39 14.33
N GLU A 400 9.54 22.14 15.35
CA GLU A 400 9.21 21.93 16.74
C GLU A 400 7.70 22.09 17.00
N ASP A 401 7.04 23.04 16.29
CA ASP A 401 5.59 23.30 16.43
C ASP A 401 4.73 22.18 15.84
N MET A 402 5.24 21.54 14.77
CA MET A 402 4.62 20.44 14.05
C MET A 402 4.60 19.12 14.84
N VAL A 403 5.55 18.98 15.77
CA VAL A 403 5.77 17.80 16.62
C VAL A 403 4.65 17.58 17.64
N ARG A 404 4.05 16.37 17.66
CA ARG A 404 3.06 16.01 18.67
C ARG A 404 3.84 15.58 19.93
N ARG A 405 3.47 16.16 21.08
CA ARG A 405 4.13 15.82 22.33
C ARG A 405 3.17 15.21 23.33
N ASN A 406 3.70 14.33 24.19
CA ASN A 406 2.96 13.66 25.24
C ASN A 406 2.84 14.57 26.49
N SER A 407 2.14 14.09 27.53
CA SER A 407 1.95 14.80 28.81
C SER A 407 3.30 15.16 29.47
N ALA A 408 4.28 14.25 29.37
CA ALA A 408 5.64 14.42 29.90
C ALA A 408 6.50 15.43 29.12
N GLY A 409 6.09 15.75 27.89
CA GLY A 409 6.80 16.71 27.04
C GLY A 409 7.79 16.08 26.08
N GLY A 410 7.71 14.76 25.91
CA GLY A 410 8.55 14.02 24.99
C GLY A 410 7.85 13.84 23.65
N LEU A 411 8.59 13.35 22.64
CA LEU A 411 8.05 13.08 21.32
C LEU A 411 7.03 11.96 21.36
N SER A 412 5.97 12.10 20.56
CA SER A 412 4.97 11.08 20.36
C SER A 412 5.48 10.38 19.07
N TYR A 413 6.25 9.28 19.25
CA TYR A 413 6.91 8.52 18.20
C TYR A 413 5.94 7.65 17.43
N GLY A 414 6.18 7.56 16.11
CA GLY A 414 5.45 6.71 15.18
C GLY A 414 6.26 5.47 14.89
N TRP A 415 6.23 5.01 13.64
CA TRP A 415 6.98 3.83 13.24
C TRP A 415 8.33 4.15 12.68
N ASN A 416 9.28 3.26 12.96
CA ASN A 416 10.63 3.29 12.43
C ASN A 416 10.74 2.18 11.38
N TRP A 417 11.19 2.55 10.18
CA TRP A 417 11.40 1.63 9.07
C TRP A 417 12.63 2.07 8.26
N LEU A 418 12.49 3.13 7.44
CA LEU A 418 13.57 3.76 6.68
C LEU A 418 14.16 4.81 7.60
N ASP A 419 13.27 5.52 8.34
CA ASP A 419 13.58 6.57 9.30
C ASP A 419 12.57 6.50 10.42
N GLN A 420 12.76 7.30 11.49
CA GLN A 420 11.85 7.38 12.62
C GLN A 420 10.76 8.39 12.36
N GLY A 421 9.54 7.88 12.38
CA GLY A 421 8.32 8.65 12.22
C GLY A 421 7.97 9.33 13.52
N VAL A 422 7.50 10.57 13.43
CA VAL A 422 7.09 11.36 14.59
C VAL A 422 5.68 11.84 14.30
N GLY A 423 4.80 11.71 15.30
CA GLY A 423 3.41 12.17 15.21
C GLY A 423 3.31 13.67 14.99
N ILE A 424 2.41 14.08 14.08
CA ILE A 424 2.11 15.49 13.77
C ILE A 424 1.06 16.01 14.77
N ASP A 425 1.20 17.25 15.26
CA ASP A 425 0.19 17.87 16.12
C ASP A 425 -0.94 18.32 15.14
N GLY A 426 -2.00 17.53 15.05
CA GLY A 426 -3.13 17.77 14.15
C GLY A 426 -3.90 19.05 14.39
N ILE A 427 -4.00 19.48 15.66
CA ILE A 427 -4.71 20.71 16.02
C ILE A 427 -3.90 21.94 15.60
N TYR A 428 -2.56 21.89 15.79
CA TYR A 428 -1.66 22.96 15.38
C TYR A 428 -1.65 23.06 13.84
N ASP A 429 -1.50 21.92 13.16
CA ASP A 429 -1.45 21.80 11.71
C ASP A 429 -2.67 22.42 11.02
N LEU A 430 -3.85 22.28 11.64
CA LEU A 430 -5.10 22.87 11.16
C LEU A 430 -5.20 24.38 11.51
N ALA A 431 -5.07 24.74 12.79
CA ALA A 431 -5.21 26.09 13.32
C ALA A 431 -4.15 27.10 12.86
N SER A 432 -2.93 26.64 12.58
CA SER A 432 -1.86 27.52 12.10
C SER A 432 -1.94 27.80 10.58
N GLY A 433 -2.73 27.00 9.87
CA GLY A 433 -2.87 27.07 8.42
C GLY A 433 -1.76 26.36 7.66
N SER A 434 -0.99 25.50 8.38
CA SER A 434 0.16 24.77 7.85
C SER A 434 -0.19 23.71 6.80
N ARG A 435 -1.16 22.84 7.11
CA ARG A 435 -1.60 21.77 6.21
C ARG A 435 -2.16 22.34 4.91
N VAL A 436 -2.98 23.39 5.02
CA VAL A 436 -3.60 24.07 3.89
C VAL A 436 -2.52 24.69 2.98
N SER A 437 -1.40 25.20 3.55
CA SER A 437 -0.31 25.75 2.75
C SER A 437 0.52 24.67 2.05
N ARG A 438 0.59 23.45 2.63
CA ARG A 438 1.29 22.32 2.00
C ARG A 438 0.48 21.74 0.86
N PHE A 439 -0.85 21.76 0.99
CA PHE A 439 -1.75 21.31 -0.07
C PHE A 439 -1.74 22.30 -1.24
N ALA A 440 -1.52 23.59 -0.92
CA ALA A 440 -1.37 24.69 -1.87
C ALA A 440 -0.09 24.49 -2.67
N ASP A 441 0.98 24.02 -2.01
CA ASP A 441 2.27 23.70 -2.63
C ASP A 441 2.11 22.63 -3.71
N LEU A 442 1.31 21.58 -3.40
CA LEU A 442 0.96 20.49 -4.30
C LEU A 442 0.08 20.99 -5.46
N SER A 443 -0.94 21.82 -5.14
CA SER A 443 -1.85 22.45 -6.11
C SER A 443 -1.08 23.25 -7.17
N LYS A 444 -0.01 23.98 -6.76
CA LYS A 444 0.86 24.75 -7.69
C LYS A 444 1.60 23.84 -8.68
N GLU A 445 1.92 22.61 -8.26
CA GLU A 445 2.63 21.62 -9.07
C GLU A 445 1.72 20.87 -10.04
N VAL A 446 0.54 20.44 -9.59
CA VAL A 446 -0.39 19.60 -10.35
C VAL A 446 -1.48 20.35 -11.13
N GLY A 447 -1.78 21.58 -10.72
CA GLY A 447 -2.84 22.40 -11.31
C GLY A 447 -4.20 21.73 -11.18
N ASP A 448 -4.87 21.54 -12.33
CA ASP A 448 -6.16 20.87 -12.38
C ASP A 448 -6.11 19.45 -12.96
N ASN A 449 -4.89 18.86 -13.05
CA ASN A 449 -4.64 17.52 -13.61
C ASN A 449 -4.93 16.35 -12.70
N MET A 450 -4.79 16.54 -11.39
CA MET A 450 -4.99 15.47 -10.43
C MET A 450 -6.45 15.31 -10.01
N ASP A 451 -6.88 14.06 -9.91
CA ASP A 451 -8.27 13.78 -9.58
C ASP A 451 -8.57 13.64 -8.08
N PHE A 452 -7.72 12.90 -7.35
CA PHE A 452 -8.02 12.64 -5.96
C PHE A 452 -6.84 12.74 -5.03
N ILE A 453 -7.15 12.75 -3.74
CA ILE A 453 -6.18 12.69 -2.67
C ILE A 453 -6.55 11.44 -1.91
N TYR A 454 -5.53 10.71 -1.47
CA TYR A 454 -5.75 9.56 -0.63
C TYR A 454 -5.16 9.86 0.73
N LEU A 455 -6.03 10.05 1.72
CA LEU A 455 -5.54 10.31 3.05
C LEU A 455 -5.39 9.01 3.86
N ASP A 456 -4.15 8.64 4.14
CA ASP A 456 -3.80 7.46 4.92
C ASP A 456 -4.00 7.73 6.41
N VAL A 457 -4.25 6.64 7.18
CA VAL A 457 -4.36 6.49 8.65
C VAL A 457 -5.27 7.50 9.41
N TRP A 458 -5.93 8.46 8.76
CA TRP A 458 -6.77 9.42 9.47
C TRP A 458 -7.92 8.74 10.22
N GLY A 459 -7.91 8.91 11.53
CA GLY A 459 -8.89 8.32 12.43
C GLY A 459 -8.30 7.41 13.48
N ASN A 460 -7.04 6.92 13.26
CA ASN A 460 -6.32 6.01 14.16
C ASN A 460 -5.72 6.71 15.40
N LEU A 461 -5.89 8.05 15.47
CA LEU A 461 -5.52 8.92 16.58
C LEU A 461 -4.01 9.12 16.79
N THR A 462 -3.22 9.11 15.69
CA THR A 462 -1.78 9.36 15.82
C THR A 462 -1.46 10.88 15.77
N SER A 463 -2.39 11.71 15.21
CA SER A 463 -2.19 13.18 15.15
C SER A 463 -2.72 13.90 16.42
N SER A 464 -3.68 13.28 17.13
CA SER A 464 -4.32 13.72 18.38
C SER A 464 -5.35 12.66 18.80
N GLY A 465 -5.78 12.73 20.06
CA GLY A 465 -6.80 11.83 20.61
C GLY A 465 -8.22 12.13 20.15
N SER A 466 -8.40 13.10 19.22
CA SER A 466 -9.71 13.46 18.69
C SER A 466 -9.95 12.98 17.26
N GLU A 467 -9.42 13.71 16.24
CA GLU A 467 -9.60 13.44 14.81
C GLU A 467 -11.09 13.16 14.53
N ASP A 468 -11.95 14.02 15.08
CA ASP A 468 -13.41 13.94 14.99
C ASP A 468 -13.98 14.32 13.60
N SER A 469 -15.31 14.39 13.47
CA SER A 469 -15.98 14.75 12.22
C SER A 469 -15.73 16.20 11.85
N TRP A 470 -15.60 17.09 12.88
CA TRP A 470 -15.32 18.51 12.70
C TRP A 470 -13.94 18.69 12.04
N GLU A 471 -12.94 17.94 12.53
CA GLU A 471 -11.58 17.89 12.00
C GLU A 471 -11.54 17.30 10.60
N THR A 472 -12.28 16.21 10.36
CA THR A 472 -12.36 15.50 9.08
C THR A 472 -13.03 16.37 8.02
N ARG A 473 -14.02 17.17 8.43
CA ARG A 473 -14.76 18.07 7.56
C ARG A 473 -13.86 19.20 7.07
N LYS A 474 -13.05 19.77 7.96
CA LYS A 474 -12.10 20.83 7.61
C LYS A 474 -11.02 20.30 6.66
N MET A 475 -10.55 19.07 6.93
CA MET A 475 -9.59 18.32 6.14
C MET A 475 -10.12 18.06 4.73
N SER A 476 -11.35 17.51 4.63
CA SER A 476 -12.00 17.23 3.35
C SER A 476 -12.22 18.49 2.55
N LYS A 477 -12.53 19.62 3.22
CA LYS A 477 -12.74 20.91 2.59
C LYS A 477 -11.50 21.48 1.93
N MET A 478 -10.34 21.50 2.64
CA MET A 478 -9.11 22.04 2.07
C MET A 478 -8.64 21.22 0.82
N ILE A 479 -8.95 19.92 0.81
CA ILE A 479 -8.67 18.98 -0.28
C ILE A 479 -9.65 19.23 -1.48
N ASN A 480 -10.96 19.33 -1.21
CA ASN A 480 -12.00 19.57 -2.21
C ASN A 480 -11.90 20.93 -2.83
N ASP A 481 -11.37 21.92 -2.09
CA ASP A 481 -11.17 23.31 -2.52
C ASP A 481 -10.12 23.39 -3.59
N ASN A 482 -9.25 22.36 -3.65
CA ASN A 482 -8.19 22.25 -4.63
C ASN A 482 -8.60 21.42 -5.85
N GLY A 483 -9.89 21.08 -5.95
CA GLY A 483 -10.48 20.30 -7.03
C GLY A 483 -10.24 18.81 -6.94
N TRP A 484 -9.94 18.32 -5.73
CA TRP A 484 -9.64 16.92 -5.52
C TRP A 484 -10.74 16.17 -4.83
N ARG A 485 -11.01 14.96 -5.34
CA ARG A 485 -11.96 14.00 -4.80
C ARG A 485 -11.33 13.39 -3.52
N MET A 486 -12.14 13.17 -2.50
CA MET A 486 -11.65 12.65 -1.23
C MET A 486 -11.79 11.14 -1.18
N THR A 487 -10.72 10.48 -0.74
CA THR A 487 -10.60 9.04 -0.53
C THR A 487 -9.80 8.87 0.78
N THR A 488 -10.04 7.78 1.51
CA THR A 488 -9.34 7.57 2.78
C THR A 488 -9.10 6.06 3.03
N GLU A 489 -8.34 5.72 4.10
CA GLU A 489 -7.97 4.33 4.43
C GLU A 489 -9.05 3.43 5.05
N TRP A 490 -9.56 3.80 6.21
CA TRP A 490 -10.46 2.94 6.99
C TRP A 490 -11.87 2.87 6.45
N GLY A 491 -12.45 1.65 6.43
CA GLY A 491 -13.79 1.35 5.93
C GLY A 491 -14.92 2.25 6.41
N SER A 492 -14.87 2.63 7.70
CA SER A 492 -15.88 3.44 8.40
C SER A 492 -15.63 4.94 8.32
N GLY A 493 -14.37 5.32 8.10
CA GLY A 493 -13.90 6.70 8.09
C GLY A 493 -14.59 7.64 7.12
N ASN A 494 -14.68 8.93 7.51
CA ASN A 494 -15.20 10.03 6.71
C ASN A 494 -16.49 9.71 5.94
N GLU A 495 -17.57 9.41 6.68
CA GLU A 495 -18.86 9.08 6.09
C GLU A 495 -19.38 10.23 5.22
N TYR A 496 -19.13 11.49 5.60
CA TYR A 496 -19.64 12.67 4.91
C TYR A 496 -19.03 12.99 3.53
N ASP A 497 -17.69 12.91 3.37
CA ASP A 497 -17.03 13.35 2.13
C ASP A 497 -16.20 12.33 1.34
N SER A 498 -15.98 11.12 1.87
CA SER A 498 -15.18 10.10 1.18
C SER A 498 -15.95 9.38 0.09
N THR A 499 -15.25 9.06 -1.01
CA THR A 499 -15.82 8.33 -2.16
C THR A 499 -15.17 6.94 -2.29
N PHE A 500 -14.19 6.68 -1.44
CA PHE A 500 -13.43 5.44 -1.45
C PHE A 500 -12.76 5.24 -0.14
N GLN A 501 -12.71 3.97 0.28
CA GLN A 501 -12.08 3.49 1.50
C GLN A 501 -11.20 2.32 1.10
N HIS A 502 -9.90 2.38 1.42
CA HIS A 502 -8.99 1.28 1.08
C HIS A 502 -9.36 -0.04 1.77
N TRP A 503 -9.70 0.04 3.05
CA TRP A 503 -10.08 -1.13 3.83
C TRP A 503 -11.53 -1.57 3.54
N ALA A 504 -12.22 -0.89 2.63
CA ALA A 504 -13.54 -1.29 2.13
C ALA A 504 -13.35 -2.00 0.77
N ALA A 505 -12.65 -1.36 -0.18
CA ALA A 505 -12.36 -1.86 -1.53
C ALA A 505 -11.38 -3.03 -1.55
N ASP A 506 -10.36 -3.02 -0.64
CA ASP A 506 -9.48 -4.16 -0.51
C ASP A 506 -10.04 -5.00 0.64
N LEU A 507 -10.73 -6.07 0.25
CA LEU A 507 -11.46 -6.93 1.17
C LEU A 507 -10.61 -7.86 2.00
N THR A 508 -9.32 -8.04 1.65
CA THR A 508 -8.39 -8.91 2.37
C THR A 508 -7.95 -8.36 3.75
N TYR A 509 -8.07 -7.05 3.91
CA TYR A 509 -7.63 -6.36 5.13
C TYR A 509 -8.57 -6.40 6.30
N GLY A 510 -7.95 -6.51 7.45
CA GLY A 510 -8.52 -6.40 8.78
C GLY A 510 -9.66 -7.26 9.28
N GLY A 511 -10.11 -8.26 8.53
CA GLY A 511 -11.20 -9.11 9.03
C GLY A 511 -12.59 -8.50 9.01
N TYR A 512 -13.59 -9.32 9.33
CA TYR A 512 -15.02 -9.00 9.26
C TYR A 512 -15.49 -7.78 10.08
N THR A 513 -14.80 -7.39 11.17
CA THR A 513 -15.21 -6.28 12.04
C THR A 513 -14.73 -4.89 11.61
N SER A 514 -13.85 -4.84 10.60
N SER A 514 -13.84 -4.82 10.59
CA SER A 514 -13.24 -3.60 10.14
CA SER A 514 -13.25 -3.57 10.15
C SER A 514 -13.28 -3.42 8.62
C SER A 514 -13.31 -3.38 8.63
N LYS A 515 -14.47 -3.65 8.03
CA LYS A 515 -14.70 -3.51 6.59
C LYS A 515 -15.43 -2.20 6.26
N GLY A 516 -16.03 -2.13 5.06
CA GLY A 516 -16.85 -1.01 4.62
C GLY A 516 -18.16 -0.89 5.35
N GLU A 517 -19.04 0.04 4.90
CA GLU A 517 -20.30 0.41 5.53
C GLU A 517 -21.40 -0.63 5.41
N ASN A 518 -21.78 -1.26 6.54
CA ASN A 518 -22.82 -2.29 6.58
C ASN A 518 -24.14 -1.64 6.99
N SER A 519 -24.79 -1.00 6.04
CA SER A 519 -26.07 -0.35 6.24
C SER A 519 -26.86 -0.43 4.94
N GLU A 520 -28.12 -0.85 5.04
CA GLU A 520 -29.01 -0.97 3.90
C GLU A 520 -29.45 0.46 3.54
N VAL A 521 -29.70 1.30 4.57
CA VAL A 521 -30.08 2.70 4.43
C VAL A 521 -28.98 3.49 3.67
N MET A 522 -27.73 3.43 4.17
CA MET A 522 -26.58 4.13 3.58
C MET A 522 -26.28 3.69 2.15
N ARG A 523 -26.31 2.37 1.89
CA ARG A 523 -26.04 1.81 0.57
C ARG A 523 -27.21 2.03 -0.41
N PHE A 524 -28.44 2.15 0.09
CA PHE A 524 -29.63 2.48 -0.70
C PHE A 524 -29.44 3.90 -1.26
N LEU A 525 -29.08 4.83 -0.38
CA LEU A 525 -28.85 6.24 -0.70
C LEU A 525 -27.63 6.55 -1.53
N ARG A 526 -26.48 5.89 -1.23
CA ARG A 526 -25.20 6.30 -1.80
C ARG A 526 -24.41 5.26 -2.58
N ASN A 527 -24.95 4.05 -2.80
CA ASN A 527 -24.18 3.02 -3.54
C ASN A 527 -23.47 3.54 -4.81
N HIS A 528 -24.13 4.38 -5.58
CA HIS A 528 -23.65 4.94 -6.85
C HIS A 528 -22.57 6.04 -6.72
N GLN A 529 -22.34 6.55 -5.49
CA GLN A 529 -21.46 7.66 -5.15
C GLN A 529 -20.14 7.27 -4.50
N LYS A 530 -20.03 6.05 -3.99
CA LYS A 530 -18.83 5.61 -3.25
C LYS A 530 -18.48 4.17 -3.53
N ASP A 531 -17.22 3.82 -3.18
CA ASP A 531 -16.60 2.48 -3.14
C ASP A 531 -16.18 2.32 -1.66
N SER A 532 -17.20 2.28 -0.78
CA SER A 532 -17.11 2.29 0.67
C SER A 532 -18.02 1.25 1.34
N TRP A 533 -18.35 0.18 0.60
CA TRP A 533 -19.30 -0.84 1.05
C TRP A 533 -18.68 -2.17 1.34
N VAL A 534 -19.52 -3.17 1.56
CA VAL A 534 -19.06 -4.53 1.79
C VAL A 534 -19.29 -5.31 0.48
N GLY A 535 -18.20 -5.83 -0.10
CA GLY A 535 -18.26 -6.68 -1.29
C GLY A 535 -18.26 -8.15 -0.93
N ASP A 536 -18.11 -9.03 -1.94
CA ASP A 536 -18.05 -10.47 -1.69
C ASP A 536 -16.72 -10.91 -1.05
N TYR A 537 -16.82 -11.65 0.06
CA TYR A 537 -15.73 -12.23 0.86
C TYR A 537 -16.44 -13.20 1.78
N PRO A 538 -16.81 -14.42 1.29
CA PRO A 538 -17.65 -15.32 2.08
C PRO A 538 -17.18 -15.59 3.50
N GLN A 539 -15.84 -15.63 3.71
CA GLN A 539 -15.13 -15.86 4.97
C GLN A 539 -15.65 -15.00 6.12
N TYR A 540 -16.06 -13.75 5.83
CA TYR A 540 -16.55 -12.78 6.81
C TYR A 540 -18.02 -13.00 7.16
N GLY A 541 -18.76 -13.61 6.23
CA GLY A 541 -20.18 -13.87 6.36
C GLY A 541 -21.00 -12.60 6.40
N GLY A 542 -22.25 -12.75 6.82
CA GLY A 542 -23.22 -11.67 6.91
C GLY A 542 -23.32 -10.91 5.62
N ALA A 543 -23.01 -9.61 5.69
CA ALA A 543 -23.03 -8.69 4.57
C ALA A 543 -22.02 -9.06 3.45
N ALA A 544 -20.92 -9.75 3.79
CA ALA A 544 -19.87 -10.14 2.82
C ALA A 544 -20.17 -11.45 2.05
N ASN A 545 -21.31 -12.08 2.35
CA ASN A 545 -21.72 -13.27 1.64
C ASN A 545 -22.64 -12.86 0.52
N ALA A 546 -22.06 -12.74 -0.68
CA ALA A 546 -22.72 -12.41 -1.94
C ALA A 546 -23.67 -11.20 -1.84
N PRO A 547 -23.16 -9.96 -1.63
CA PRO A 547 -24.07 -8.79 -1.67
C PRO A 547 -24.61 -8.66 -3.10
N LEU A 548 -25.90 -8.37 -3.24
CA LEU A 548 -26.54 -8.24 -4.54
C LEU A 548 -25.95 -7.12 -5.38
N LEU A 549 -25.57 -6.01 -4.73
CA LEU A 549 -24.97 -4.85 -5.41
C LEU A 549 -23.47 -5.03 -5.68
N GLY A 550 -22.93 -6.18 -5.27
CA GLY A 550 -21.52 -6.49 -5.38
C GLY A 550 -20.79 -5.68 -4.33
N GLY A 551 -19.75 -5.00 -4.78
CA GLY A 551 -18.86 -4.16 -3.98
C GLY A 551 -17.46 -4.25 -4.58
N TYR A 552 -16.73 -3.14 -4.58
CA TYR A 552 -15.41 -3.12 -5.17
C TYR A 552 -14.44 -4.11 -4.52
N ASN A 553 -13.75 -4.89 -5.37
CA ASN A 553 -12.73 -5.85 -4.96
C ASN A 553 -11.43 -5.38 -5.63
N MET A 554 -10.55 -4.81 -4.82
CA MET A 554 -9.31 -4.24 -5.30
C MET A 554 -8.12 -5.17 -5.22
N LYS A 555 -7.42 -5.25 -6.35
CA LYS A 555 -6.19 -5.98 -6.54
C LYS A 555 -5.20 -4.97 -7.14
N ASP A 556 -3.92 -5.34 -7.22
CA ASP A 556 -2.85 -4.50 -7.76
C ASP A 556 -1.88 -5.34 -8.55
N PHE A 557 -1.10 -4.71 -9.42
CA PHE A 557 -0.06 -5.41 -10.18
C PHE A 557 1.24 -4.59 -10.23
N GLU A 558 1.29 -3.43 -9.56
CA GLU A 558 2.44 -2.53 -9.62
C GLU A 558 3.16 -2.30 -8.28
N GLY A 559 3.38 -3.38 -7.53
CA GLY A 559 4.25 -3.37 -6.36
C GLY A 559 3.71 -3.18 -4.98
N TRP A 560 2.45 -2.75 -4.87
CA TRP A 560 1.81 -2.57 -3.58
C TRP A 560 1.74 -3.93 -2.89
N GLN A 561 2.39 -4.05 -1.70
CA GLN A 561 2.50 -5.31 -0.92
C GLN A 561 3.06 -6.50 -1.74
N GLY A 562 3.94 -6.16 -2.69
CA GLY A 562 4.58 -7.09 -3.61
C GLY A 562 3.67 -7.69 -4.65
N ARG A 563 2.47 -7.11 -4.85
CA ARG A 563 1.51 -7.55 -5.87
C ARG A 563 2.02 -7.21 -7.25
N ASN A 564 2.17 -8.21 -8.13
CA ASN A 564 2.69 -8.02 -9.49
C ASN A 564 1.98 -8.85 -10.58
N ASP A 565 0.95 -9.63 -10.20
CA ASP A 565 0.24 -10.52 -11.12
C ASP A 565 -0.82 -9.75 -11.91
N TYR A 566 -0.49 -9.41 -13.15
CA TYR A 566 -1.35 -8.68 -14.08
C TYR A 566 -2.55 -9.51 -14.52
N ALA A 567 -2.36 -10.80 -14.80
CA ALA A 567 -3.43 -11.70 -15.20
C ALA A 567 -4.51 -11.82 -14.10
N ALA A 568 -4.07 -11.90 -12.83
CA ALA A 568 -4.96 -12.00 -11.68
C ALA A 568 -5.71 -10.70 -11.48
N TYR A 569 -5.06 -9.57 -11.78
CA TYR A 569 -5.63 -8.23 -11.68
C TYR A 569 -6.81 -8.06 -12.62
N ILE A 570 -6.64 -8.45 -13.87
CA ILE A 570 -7.64 -8.34 -14.94
C ILE A 570 -8.80 -9.30 -14.70
N LYS A 571 -8.48 -10.54 -14.34
CA LYS A 571 -9.45 -11.57 -14.03
C LYS A 571 -10.37 -11.02 -12.94
N ASN A 572 -9.80 -10.40 -11.91
CA ASN A 572 -10.54 -9.80 -10.79
C ASN A 572 -11.51 -8.66 -11.22
N LEU A 573 -11.05 -7.76 -12.12
CA LEU A 573 -11.87 -6.69 -12.68
C LEU A 573 -13.16 -7.22 -13.28
N TYR A 574 -13.06 -8.28 -14.06
CA TYR A 574 -14.17 -8.92 -14.72
C TYR A 574 -15.01 -9.77 -13.83
N THR A 575 -14.42 -10.40 -12.82
CA THR A 575 -15.14 -11.23 -11.85
C THR A 575 -16.08 -10.41 -10.98
N HIS A 576 -15.62 -9.26 -10.45
CA HIS A 576 -16.40 -8.46 -9.52
C HIS A 576 -16.67 -7.03 -9.87
N ASP A 577 -15.66 -6.35 -10.43
CA ASP A 577 -15.65 -4.91 -10.58
C ASP A 577 -16.47 -4.37 -11.74
N VAL A 578 -16.53 -5.05 -12.88
CA VAL A 578 -17.33 -4.63 -14.04
C VAL A 578 -18.85 -4.56 -13.66
N SER A 579 -19.38 -5.58 -12.95
CA SER A 579 -20.80 -5.65 -12.55
C SER A 579 -21.16 -4.69 -11.42
N THR A 580 -20.26 -4.48 -10.46
CA THR A 580 -20.38 -3.54 -9.35
C THR A 580 -20.54 -2.15 -9.96
N LYS A 581 -19.70 -1.82 -10.95
CA LYS A 581 -19.68 -0.55 -11.64
C LYS A 581 -20.86 -0.35 -12.54
N PHE A 582 -21.27 -1.39 -13.29
CA PHE A 582 -22.49 -1.41 -14.09
C PHE A 582 -23.68 -1.03 -13.18
N ILE A 583 -23.77 -1.66 -11.99
CA ILE A 583 -24.85 -1.44 -11.01
C ILE A 583 -24.83 0.02 -10.48
N GLN A 584 -23.64 0.58 -10.32
CA GLN A 584 -23.48 1.97 -9.83
C GLN A 584 -23.93 3.06 -10.81
N HIS A 585 -24.32 2.70 -12.04
CA HIS A 585 -24.83 3.62 -13.07
C HIS A 585 -26.34 3.85 -12.92
N PHE A 586 -26.92 3.29 -11.86
CA PHE A 586 -28.33 3.33 -11.51
C PHE A 586 -28.45 3.64 -10.01
N LYS A 587 -29.56 4.22 -9.59
CA LYS A 587 -29.81 4.56 -8.17
C LYS A 587 -30.90 3.67 -7.61
N VAL A 588 -30.68 3.13 -6.40
CA VAL A 588 -31.62 2.24 -5.73
C VAL A 588 -32.96 2.90 -5.49
N THR A 589 -34.04 2.22 -5.88
CA THR A 589 -35.41 2.70 -5.74
C THR A 589 -36.24 1.81 -4.80
N ARG A 590 -35.92 0.51 -4.77
CA ARG A 590 -36.62 -0.46 -3.93
C ARG A 590 -35.66 -1.54 -3.45
N TRP A 591 -35.82 -1.95 -2.19
CA TRP A 591 -34.97 -2.98 -1.59
C TRP A 591 -35.79 -3.71 -0.55
N VAL A 592 -36.31 -4.87 -0.95
CA VAL A 592 -37.14 -5.72 -0.09
C VAL A 592 -36.43 -7.00 0.29
N ASN A 593 -36.95 -7.67 1.32
CA ASN A 593 -36.58 -8.99 1.83
C ASN A 593 -35.08 -9.17 2.12
N ASN A 594 -34.51 -8.21 2.83
CA ASN A 594 -33.10 -8.24 3.23
C ASN A 594 -32.94 -9.27 4.37
N PRO A 595 -32.20 -10.38 4.12
CA PRO A 595 -32.05 -11.43 5.15
C PRO A 595 -31.19 -11.06 6.36
N LEU A 596 -30.40 -9.98 6.26
CA LEU A 596 -29.51 -9.50 7.32
C LEU A 596 -30.27 -8.78 8.44
N LEU A 597 -31.48 -8.26 8.10
CA LEU A 597 -32.36 -7.53 8.99
C LEU A 597 -33.41 -8.45 9.58
N THR A 598 -33.42 -8.56 10.91
CA THR A 598 -34.32 -9.42 11.67
C THR A 598 -34.84 -8.62 12.86
N ALA A 599 -35.89 -9.13 13.54
CA ALA A 599 -36.48 -8.52 14.73
C ALA A 599 -35.47 -8.46 15.90
N ASP A 600 -34.56 -9.44 15.95
CA ASP A 600 -33.51 -9.60 16.96
C ASP A 600 -32.42 -8.53 16.89
N ASN A 601 -32.15 -7.94 15.70
CA ASN A 601 -31.14 -6.89 15.57
C ASN A 601 -31.78 -5.49 15.48
N GLY A 602 -33.02 -5.40 15.93
CA GLY A 602 -33.79 -4.15 15.97
C GLY A 602 -34.34 -3.69 14.65
N ASN A 603 -34.73 -4.65 13.79
CA ASN A 603 -35.27 -4.38 12.46
C ASN A 603 -36.55 -5.15 12.23
N ALA A 604 -37.47 -5.10 13.23
CA ALA A 604 -38.77 -5.79 13.18
C ALA A 604 -39.67 -5.25 12.06
N ALA A 605 -39.62 -3.92 11.83
CA ALA A 605 -40.41 -3.26 10.80
C ALA A 605 -39.65 -3.16 9.45
N ALA A 606 -38.65 -4.04 9.22
CA ALA A 606 -37.88 -4.06 7.97
C ALA A 606 -38.79 -4.41 6.79
N VAL A 607 -38.53 -3.75 5.64
CA VAL A 607 -39.28 -3.82 4.38
C VAL A 607 -39.31 -5.28 3.80
N SER A 608 -40.50 -5.89 3.87
CA SER A 608 -40.76 -7.25 3.41
C SER A 608 -41.87 -7.26 2.33
N ASP A 609 -41.84 -8.28 1.44
CA ASP A 609 -42.83 -8.53 0.37
C ASP A 609 -42.73 -9.99 -0.09
N PRO A 610 -43.71 -10.84 0.29
CA PRO A 610 -43.67 -12.23 -0.17
C PRO A 610 -44.08 -12.42 -1.63
N ASN A 611 -44.51 -11.33 -2.29
CA ASN A 611 -44.93 -11.34 -3.69
C ASN A 611 -43.86 -10.79 -4.61
N THR A 612 -42.66 -10.57 -4.06
CA THR A 612 -41.48 -10.11 -4.79
C THR A 612 -40.45 -11.19 -4.60
N ASN A 613 -39.95 -11.77 -5.71
CA ASN A 613 -38.91 -12.79 -5.77
C ASN A 613 -39.10 -13.93 -4.73
N ASN A 614 -40.34 -14.45 -4.63
CA ASN A 614 -40.69 -15.53 -3.67
C ASN A 614 -40.36 -15.20 -2.20
N GLY A 615 -40.36 -13.93 -1.84
CA GLY A 615 -40.01 -13.50 -0.49
C GLY A 615 -38.52 -13.43 -0.23
N ASN A 616 -37.71 -13.62 -1.29
CA ASN A 616 -36.25 -13.52 -1.24
C ASN A 616 -35.84 -12.12 -1.66
N GLU A 617 -34.60 -11.75 -1.34
CA GLU A 617 -34.02 -10.43 -1.56
C GLU A 617 -34.03 -9.97 -2.99
N GLN A 618 -34.49 -8.72 -3.17
CA GLN A 618 -34.53 -8.08 -4.47
C GLN A 618 -34.25 -6.61 -4.31
N ILE A 619 -33.44 -6.07 -5.25
CA ILE A 619 -33.10 -4.65 -5.33
C ILE A 619 -33.46 -4.15 -6.73
N THR A 620 -34.22 -3.05 -6.78
CA THR A 620 -34.61 -2.37 -8.02
C THR A 620 -33.86 -1.05 -8.06
N LEU A 621 -33.20 -0.78 -9.19
CA LEU A 621 -32.40 0.41 -9.42
C LEU A 621 -32.88 1.05 -10.69
N LYS A 622 -32.85 2.38 -10.76
CA LYS A 622 -33.28 3.09 -11.98
C LYS A 622 -32.30 4.20 -12.29
N ASP A 623 -32.21 4.57 -13.58
CA ASP A 623 -31.39 5.71 -13.96
C ASP A 623 -32.33 6.91 -14.30
N SER A 624 -31.77 8.05 -14.75
CA SER A 624 -32.57 9.23 -15.11
C SER A 624 -33.28 9.10 -16.47
N ASN A 625 -32.87 8.12 -17.29
CA ASN A 625 -33.43 7.85 -18.61
C ASN A 625 -34.48 6.71 -18.58
N GLY A 626 -34.98 6.40 -17.39
CA GLY A 626 -35.99 5.37 -17.16
C GLY A 626 -35.56 3.95 -17.51
N ASN A 627 -34.30 3.61 -17.22
CA ASN A 627 -33.79 2.27 -17.43
C ASN A 627 -33.85 1.59 -16.10
N VAL A 628 -34.38 0.36 -16.06
CA VAL A 628 -34.56 -0.38 -14.81
C VAL A 628 -33.65 -1.58 -14.70
N VAL A 629 -32.93 -1.66 -13.58
CA VAL A 629 -32.08 -2.80 -13.22
C VAL A 629 -32.70 -3.51 -12.01
N VAL A 630 -32.84 -4.81 -12.11
CA VAL A 630 -33.41 -5.63 -11.04
C VAL A 630 -32.39 -6.72 -10.67
N VAL A 631 -31.96 -6.72 -9.41
CA VAL A 631 -31.00 -7.67 -8.86
C VAL A 631 -31.74 -8.60 -7.86
N SER A 632 -31.70 -9.92 -8.10
CA SER A 632 -32.43 -10.88 -7.27
C SER A 632 -31.56 -11.97 -6.66
N ARG A 633 -31.83 -12.34 -5.39
CA ARG A 633 -31.15 -13.43 -4.67
C ARG A 633 -31.97 -14.68 -4.88
N GLY A 634 -31.29 -15.80 -5.14
CA GLY A 634 -31.91 -17.09 -5.41
C GLY A 634 -32.70 -17.65 -4.24
N SER A 635 -32.11 -17.57 -3.04
CA SER A 635 -32.70 -18.00 -1.77
C SER A 635 -32.21 -17.07 -0.67
N ASN A 636 -33.04 -16.86 0.37
CA ASN A 636 -32.67 -16.05 1.53
C ASN A 636 -32.02 -16.88 2.64
N ASP A 637 -31.90 -18.21 2.43
CA ASP A 637 -31.29 -19.17 3.35
C ASP A 637 -29.80 -19.41 3.00
N THR A 638 -28.89 -19.08 3.94
CA THR A 638 -27.43 -19.21 3.77
C THR A 638 -26.94 -20.65 3.60
N SER A 639 -27.69 -21.62 4.11
CA SER A 639 -27.36 -23.05 3.99
C SER A 639 -27.74 -23.61 2.60
N SER A 640 -28.49 -22.81 1.83
CA SER A 640 -28.94 -23.13 0.47
C SER A 640 -27.95 -22.59 -0.58
N ALA A 641 -27.59 -23.45 -1.56
CA ALA A 641 -26.70 -23.12 -2.70
C ALA A 641 -27.15 -21.85 -3.48
N ALA A 642 -28.46 -21.57 -3.45
CA ALA A 642 -29.12 -20.46 -4.11
C ALA A 642 -28.93 -19.09 -3.40
N TYR A 643 -28.43 -19.07 -2.15
CA TYR A 643 -28.16 -17.81 -1.45
C TYR A 643 -27.14 -16.98 -2.25
N ARG A 644 -26.17 -17.68 -2.84
CA ARG A 644 -25.13 -17.04 -3.64
C ARG A 644 -25.50 -16.87 -5.14
N GLN A 645 -26.67 -17.40 -5.56
N GLN A 645 -26.67 -17.40 -5.58
CA GLN A 645 -27.17 -17.25 -6.94
CA GLN A 645 -27.12 -17.24 -6.97
C GLN A 645 -27.79 -15.86 -7.12
C GLN A 645 -27.79 -15.89 -7.13
N ARG A 646 -27.33 -15.12 -8.13
CA ARG A 646 -27.84 -13.79 -8.43
C ARG A 646 -28.24 -13.68 -9.91
N THR A 647 -29.37 -13.04 -10.15
CA THR A 647 -29.90 -12.70 -11.46
C THR A 647 -29.91 -11.18 -11.52
N ILE A 648 -29.38 -10.60 -12.61
CA ILE A 648 -29.43 -9.17 -12.92
C ILE A 648 -30.22 -9.03 -14.21
N THR A 649 -31.28 -8.21 -14.21
CA THR A 649 -32.00 -7.91 -15.45
C THR A 649 -31.80 -6.42 -15.79
N PHE A 650 -31.66 -6.11 -17.07
CA PHE A 650 -31.59 -4.74 -17.56
C PHE A 650 -32.82 -4.60 -18.46
N ASN A 651 -33.78 -3.75 -18.03
CA ASN A 651 -35.07 -3.51 -18.71
C ASN A 651 -35.89 -4.81 -18.94
N GLY A 652 -35.88 -5.70 -17.94
CA GLY A 652 -36.61 -6.97 -17.96
C GLY A 652 -35.89 -8.13 -18.63
N VAL A 653 -34.70 -7.88 -19.19
CA VAL A 653 -33.89 -8.88 -19.89
C VAL A 653 -32.68 -9.29 -19.04
N LYS A 654 -32.50 -10.60 -18.82
CA LYS A 654 -31.38 -11.18 -18.07
C LYS A 654 -30.03 -10.82 -18.71
N VAL A 655 -29.17 -10.13 -17.95
CA VAL A 655 -27.83 -9.71 -18.40
C VAL A 655 -26.72 -10.43 -17.60
N ALA A 656 -27.07 -11.01 -16.45
CA ALA A 656 -26.12 -11.74 -15.59
C ALA A 656 -26.84 -12.85 -14.83
N SER A 657 -26.15 -13.95 -14.58
CA SER A 657 -26.74 -15.08 -13.86
C SER A 657 -25.67 -15.97 -13.29
N GLY A 658 -25.91 -16.49 -12.09
CA GLY A 658 -25.02 -17.42 -11.42
C GLY A 658 -24.38 -16.96 -10.12
N VAL A 659 -23.43 -17.75 -9.66
CA VAL A 659 -22.64 -17.55 -8.47
C VAL A 659 -21.30 -16.95 -8.87
N VAL A 660 -20.88 -15.85 -8.20
N VAL A 660 -20.89 -15.86 -8.21
CA VAL A 660 -19.57 -15.26 -8.47
CA VAL A 660 -19.60 -15.23 -8.47
C VAL A 660 -18.50 -16.11 -7.80
C VAL A 660 -18.50 -16.03 -7.76
N SER A 661 -17.27 -16.06 -8.33
CA SER A 661 -16.14 -16.74 -7.70
C SER A 661 -15.90 -15.98 -6.39
N ALA A 662 -15.78 -16.72 -5.27
CA ALA A 662 -15.60 -16.14 -3.94
C ALA A 662 -14.53 -15.03 -3.92
N GLY A 663 -14.93 -13.86 -3.42
CA GLY A 663 -14.09 -12.68 -3.30
C GLY A 663 -12.81 -12.89 -2.52
N ASP A 664 -12.82 -13.90 -1.64
CA ASP A 664 -11.68 -14.33 -0.84
C ASP A 664 -10.75 -15.31 -1.58
N GLY A 665 -11.03 -15.54 -2.87
CA GLY A 665 -10.28 -16.41 -3.76
C GLY A 665 -10.28 -17.88 -3.40
N SER A 666 -11.28 -18.31 -2.60
CA SER A 666 -11.39 -19.68 -2.08
C SER A 666 -12.11 -20.70 -2.97
N ALA A 667 -13.15 -20.28 -3.71
CA ALA A 667 -13.96 -21.16 -4.56
C ALA A 667 -14.39 -20.46 -5.83
N THR A 668 -14.20 -21.11 -7.00
CA THR A 668 -14.63 -20.54 -8.28
C THR A 668 -16.14 -20.72 -8.46
N GLY A 669 -16.76 -19.76 -9.12
CA GLY A 669 -18.20 -19.76 -9.35
C GLY A 669 -18.60 -20.23 -10.73
N ASP A 670 -19.79 -19.84 -11.15
CA ASP A 670 -20.30 -20.24 -12.45
C ASP A 670 -20.91 -19.06 -13.19
N GLU A 671 -20.94 -17.87 -12.58
CA GLU A 671 -21.51 -16.68 -13.16
C GLU A 671 -21.08 -16.37 -14.59
N SER A 672 -22.07 -16.05 -15.39
CA SER A 672 -21.85 -15.54 -16.73
C SER A 672 -22.71 -14.28 -16.89
N TYR A 673 -22.23 -13.37 -17.74
CA TYR A 673 -22.92 -12.13 -18.04
C TYR A 673 -22.66 -11.67 -19.44
N LEU A 674 -23.58 -10.86 -19.94
CA LEU A 674 -23.54 -10.16 -21.19
C LEU A 674 -24.06 -8.76 -20.82
N LEU A 675 -23.17 -7.95 -20.24
CA LEU A 675 -23.50 -6.63 -19.72
C LEU A 675 -23.46 -5.51 -20.77
N PRO A 676 -24.55 -4.72 -20.92
CA PRO A 676 -24.51 -3.59 -21.86
C PRO A 676 -23.77 -2.37 -21.31
N TRP A 677 -22.62 -2.02 -21.91
CA TRP A 677 -21.84 -0.86 -21.51
C TRP A 677 -22.16 0.33 -22.44
N MET A 678 -23.12 1.14 -21.99
CA MET A 678 -23.71 2.25 -22.72
C MET A 678 -23.05 3.59 -22.56
N TRP A 679 -22.11 3.68 -21.62
CA TRP A 679 -21.52 4.92 -21.20
C TRP A 679 -20.10 5.07 -21.65
N ASP A 680 -19.69 6.35 -21.85
CA ASP A 680 -18.30 6.68 -22.17
C ASP A 680 -17.53 6.60 -20.83
N SER A 681 -16.19 6.61 -20.90
CA SER A 681 -15.30 6.48 -19.75
C SER A 681 -14.90 7.80 -19.11
N PHE A 682 -15.62 8.88 -19.48
CA PHE A 682 -15.36 10.24 -19.03
C PHE A 682 -16.46 10.65 -18.06
N THR A 683 -17.45 11.44 -18.50
CA THR A 683 -18.56 11.82 -17.63
C THR A 683 -19.68 10.76 -17.60
N GLY A 684 -19.44 9.60 -18.25
CA GLY A 684 -20.40 8.51 -18.29
C GLY A 684 -21.70 8.82 -19.00
N LYS A 685 -21.63 9.66 -20.02
CA LYS A 685 -22.76 10.01 -20.87
C LYS A 685 -22.95 8.86 -21.82
N LEU A 686 -24.16 8.73 -22.39
CA LEU A 686 -24.49 7.71 -23.37
C LEU A 686 -23.67 7.87 -24.64
N VAL A 687 -23.10 6.78 -25.13
CA VAL A 687 -22.33 6.74 -26.37
C VAL A 687 -23.32 6.58 -27.55
N LYS A 688 -22.87 6.80 -28.80
CA LYS A 688 -23.73 6.64 -29.98
C LYS A 688 -24.01 5.15 -30.24
N ASP A 689 -25.16 4.85 -30.91
CA ASP A 689 -25.60 3.48 -31.29
C ASP A 689 -24.50 2.64 -31.95
N SER A 690 -23.62 3.27 -32.73
CA SER A 690 -22.46 2.66 -33.36
C SER A 690 -21.44 2.18 -32.29
N GLU A 691 -21.16 3.03 -31.29
CA GLU A 691 -20.15 2.76 -30.26
C GLU A 691 -20.67 1.93 -29.05
N GLN A 692 -21.97 1.54 -29.06
CA GLN A 692 -22.61 0.74 -28.00
C GLN A 692 -22.01 -0.66 -27.97
N LYS A 693 -21.68 -1.16 -26.78
CA LYS A 693 -21.07 -2.48 -26.67
C LYS A 693 -21.60 -3.31 -25.49
N LEU A 694 -21.30 -4.61 -25.50
CA LEU A 694 -21.63 -5.56 -24.43
C LEU A 694 -20.36 -6.29 -24.00
N TYR A 695 -20.22 -6.50 -22.69
CA TYR A 695 -19.08 -7.24 -22.13
C TYR A 695 -19.58 -8.63 -21.77
N HIS A 696 -18.88 -9.66 -22.26
CA HIS A 696 -19.24 -11.05 -21.97
C HIS A 696 -18.18 -11.76 -21.15
N TRP A 697 -18.62 -12.50 -20.14
CA TRP A 697 -17.78 -13.27 -19.24
C TRP A 697 -18.51 -14.53 -18.86
N ASN A 698 -17.80 -15.67 -18.88
CA ASN A 698 -18.29 -16.99 -18.50
C ASN A 698 -17.24 -17.59 -17.56
N THR A 699 -17.51 -17.64 -16.25
CA THR A 699 -16.57 -18.15 -15.24
C THR A 699 -16.03 -19.54 -15.62
N LYS A 700 -16.92 -20.53 -15.77
CA LYS A 700 -16.52 -21.90 -16.09
C LYS A 700 -16.13 -22.15 -17.57
N GLY A 701 -16.61 -21.29 -18.46
CA GLY A 701 -16.40 -21.41 -19.90
C GLY A 701 -17.55 -22.19 -20.51
N GLY A 702 -17.63 -22.18 -21.82
CA GLY A 702 -18.70 -22.91 -22.50
C GLY A 702 -19.59 -22.04 -23.35
N THR A 703 -20.79 -22.55 -23.65
CA THR A 703 -21.76 -21.90 -24.53
C THR A 703 -23.00 -21.46 -23.75
N THR A 704 -23.39 -20.19 -23.96
CA THR A 704 -24.57 -19.55 -23.35
C THR A 704 -25.33 -18.76 -24.43
N THR A 705 -26.67 -18.72 -24.30
CA THR A 705 -27.59 -18.02 -25.20
C THR A 705 -28.23 -16.86 -24.44
N TRP A 706 -28.29 -15.68 -25.08
CA TRP A 706 -28.74 -14.43 -24.48
C TRP A 706 -29.67 -13.65 -25.37
N THR A 707 -30.57 -12.86 -24.77
CA THR A 707 -31.43 -11.93 -25.48
C THR A 707 -30.66 -10.61 -25.47
N LEU A 708 -30.41 -10.08 -26.64
CA LEU A 708 -29.70 -8.81 -26.81
C LEU A 708 -30.59 -7.63 -26.36
N PRO A 709 -30.02 -6.44 -26.02
CA PRO A 709 -30.88 -5.30 -25.66
C PRO A 709 -31.81 -4.88 -26.81
N ASP A 710 -32.89 -4.17 -26.48
CA ASP A 710 -33.92 -3.71 -27.41
C ASP A 710 -33.38 -3.04 -28.70
N SER A 711 -32.37 -2.13 -28.59
CA SER A 711 -31.77 -1.46 -29.76
C SER A 711 -31.00 -2.42 -30.70
N TRP A 712 -30.68 -3.63 -30.21
CA TRP A 712 -29.94 -4.67 -30.94
C TRP A 712 -30.88 -5.73 -31.59
N LYS A 713 -32.20 -5.73 -31.25
CA LYS A 713 -33.18 -6.75 -31.65
C LYS A 713 -33.31 -7.03 -33.16
N ASN A 714 -32.99 -6.06 -34.03
CA ASN A 714 -33.16 -6.23 -35.46
C ASN A 714 -31.87 -6.44 -36.25
N LEU A 715 -30.72 -6.64 -35.56
CA LEU A 715 -29.43 -6.89 -36.22
C LEU A 715 -29.40 -8.33 -36.72
N SER A 716 -28.61 -8.63 -37.76
CA SER A 716 -28.52 -10.00 -38.29
C SER A 716 -27.29 -10.71 -37.74
N SER A 717 -26.27 -9.93 -37.34
CA SER A 717 -25.02 -10.43 -36.77
C SER A 717 -24.39 -9.41 -35.83
N VAL A 718 -23.49 -9.89 -34.97
CA VAL A 718 -22.71 -9.06 -34.04
C VAL A 718 -21.23 -9.38 -34.22
N LYS A 719 -20.36 -8.45 -33.80
CA LYS A 719 -18.91 -8.66 -33.89
C LYS A 719 -18.40 -8.88 -32.48
N VAL A 720 -17.78 -10.04 -32.23
CA VAL A 720 -17.28 -10.46 -30.92
C VAL A 720 -15.75 -10.50 -30.96
N TYR A 721 -15.10 -9.87 -29.97
CA TYR A 721 -13.64 -9.77 -29.89
C TYR A 721 -13.19 -10.25 -28.55
N GLN A 722 -12.06 -10.95 -28.52
CA GLN A 722 -11.42 -11.42 -27.30
C GLN A 722 -10.47 -10.31 -26.85
N LEU A 723 -10.56 -9.89 -25.58
CA LEU A 723 -9.72 -8.83 -25.02
C LEU A 723 -8.45 -9.37 -24.39
N THR A 724 -7.30 -8.77 -24.75
CA THR A 724 -5.96 -9.17 -24.30
C THR A 724 -5.16 -7.92 -23.97
N ASP A 725 -3.91 -8.08 -23.52
CA ASP A 725 -3.01 -6.96 -23.25
C ASP A 725 -2.63 -6.20 -24.56
N GLN A 726 -3.01 -6.78 -25.73
CA GLN A 726 -2.80 -6.24 -27.07
C GLN A 726 -4.06 -5.56 -27.64
N GLY A 727 -5.18 -5.66 -26.91
CA GLY A 727 -6.46 -5.10 -27.32
C GLY A 727 -7.41 -6.15 -27.84
N LYS A 728 -8.29 -5.76 -28.80
CA LYS A 728 -9.27 -6.62 -29.47
C LYS A 728 -8.54 -7.61 -30.38
N THR A 729 -8.82 -8.92 -30.23
CA THR A 729 -8.21 -10.01 -31.01
C THR A 729 -9.28 -11.04 -31.38
N ASN A 730 -8.95 -11.96 -32.31
CA ASN A 730 -9.80 -13.08 -32.75
C ASN A 730 -11.25 -12.68 -33.02
N GLU A 731 -11.46 -11.74 -33.96
CA GLU A 731 -12.79 -11.28 -34.36
C GLU A 731 -13.67 -12.42 -34.85
N GLN A 732 -14.90 -12.46 -34.36
CA GLN A 732 -15.89 -13.43 -34.78
C GLN A 732 -17.14 -12.70 -35.16
N THR A 733 -17.84 -13.21 -36.18
CA THR A 733 -19.13 -12.70 -36.61
C THR A 733 -20.10 -13.73 -36.08
N VAL A 734 -21.02 -13.30 -35.24
CA VAL A 734 -21.97 -14.22 -34.63
C VAL A 734 -23.37 -13.85 -35.07
N ALA A 735 -24.13 -14.84 -35.55
CA ALA A 735 -25.50 -14.67 -36.03
C ALA A 735 -26.48 -14.27 -34.92
N VAL A 736 -27.45 -13.42 -35.26
CA VAL A 736 -28.51 -13.00 -34.36
C VAL A 736 -29.81 -13.59 -34.91
N SER A 737 -30.44 -14.45 -34.12
CA SER A 737 -31.68 -15.12 -34.50
C SER A 737 -32.74 -14.77 -33.47
N GLY A 738 -33.77 -14.03 -33.90
CA GLY A 738 -34.87 -13.63 -33.04
C GLY A 738 -34.48 -12.74 -31.86
N GLY A 739 -33.46 -11.90 -32.09
CA GLY A 739 -32.94 -10.99 -31.08
C GLY A 739 -32.14 -11.67 -29.99
N LYS A 740 -31.74 -12.91 -30.27
CA LYS A 740 -30.95 -13.75 -29.38
C LYS A 740 -29.60 -14.07 -30.02
N VAL A 741 -28.60 -14.31 -29.16
CA VAL A 741 -27.23 -14.59 -29.58
C VAL A 741 -26.63 -15.75 -28.76
N THR A 742 -25.92 -16.65 -29.42
CA THR A 742 -25.23 -17.75 -28.75
C THR A 742 -23.75 -17.40 -28.70
N LEU A 743 -23.15 -17.48 -27.51
CA LEU A 743 -21.75 -17.13 -27.33
C LEU A 743 -20.94 -18.27 -26.77
N THR A 744 -19.86 -18.64 -27.45
CA THR A 744 -18.91 -19.64 -26.93
C THR A 744 -17.73 -18.90 -26.32
N ALA A 745 -17.45 -19.17 -25.04
CA ALA A 745 -16.39 -18.50 -24.31
C ALA A 745 -15.43 -19.45 -23.66
N ASP A 746 -14.16 -19.04 -23.56
CA ASP A 746 -13.14 -19.77 -22.78
C ASP A 746 -13.41 -19.34 -21.32
N ALA A 747 -13.02 -20.17 -20.35
CA ALA A 747 -13.20 -19.89 -18.93
C ALA A 747 -12.44 -18.66 -18.56
N GLU A 748 -13.09 -17.75 -17.79
CA GLU A 748 -12.48 -16.52 -17.29
C GLU A 748 -11.70 -15.71 -18.34
N THR A 749 -12.29 -15.55 -19.53
CA THR A 749 -11.72 -14.83 -20.66
C THR A 749 -12.68 -13.70 -21.05
N PRO A 750 -12.19 -12.44 -21.09
CA PRO A 750 -13.08 -11.32 -21.44
C PRO A 750 -13.35 -11.19 -22.93
N TYR A 751 -14.61 -10.88 -23.28
CA TYR A 751 -15.02 -10.64 -24.67
C TYR A 751 -15.79 -9.35 -24.76
N VAL A 752 -15.68 -8.67 -25.90
CA VAL A 752 -16.47 -7.48 -26.12
C VAL A 752 -17.29 -7.66 -27.43
N VAL A 753 -18.56 -7.31 -27.37
CA VAL A 753 -19.54 -7.45 -28.45
C VAL A 753 -19.96 -6.10 -28.98
N TYR A 754 -19.85 -5.94 -30.31
CA TYR A 754 -20.23 -4.75 -31.06
C TYR A 754 -21.29 -5.06 -32.12
N LYS A 755 -21.96 -4.02 -32.62
CA LYS A 755 -22.98 -4.13 -33.65
C LYS A 755 -22.33 -4.36 -35.03
N GLY A 756 -21.16 -3.76 -35.23
CA GLY A 756 -20.36 -3.88 -36.44
C GLY A 756 -18.88 -3.90 -36.13
N GLU A 757 -18.02 -3.82 -37.17
CA GLU A 757 -16.56 -3.82 -37.03
C GLU A 757 -16.08 -2.67 -36.17
N ALA A 758 -15.33 -3.01 -35.11
CA ALA A 758 -14.79 -2.06 -34.15
C ALA A 758 -13.33 -1.79 -34.44
N LYS A 759 -12.92 -0.53 -34.26
CA LYS A 759 -11.54 -0.10 -34.48
C LYS A 759 -10.69 -0.38 -33.22
N GLN A 760 -9.41 -0.66 -33.44
CA GLN A 760 -8.42 -0.89 -32.38
C GLN A 760 -8.14 0.45 -31.68
N ILE A 761 -8.06 0.45 -30.33
CA ILE A 761 -7.71 1.64 -29.52
C ILE A 761 -6.27 2.03 -29.88
N GLN A 762 -6.04 3.28 -30.32
CA GLN A 762 -4.69 3.69 -30.71
C GLN A 762 -3.79 3.95 -29.49
N VAL A 763 -2.63 3.29 -29.47
CA VAL A 763 -1.67 3.37 -28.36
C VAL A 763 -0.28 3.60 -28.92
N ASN A 764 0.34 4.69 -28.50
CA ASN A 764 1.73 4.99 -28.81
C ASN A 764 2.49 4.72 -27.51
N TRP A 765 3.19 3.59 -27.46
CA TRP A 765 3.94 3.16 -26.29
C TRP A 765 5.09 4.08 -25.96
N SER A 766 5.26 4.34 -24.65
CA SER A 766 6.33 5.08 -24.01
C SER A 766 6.46 6.55 -24.46
N GLU A 767 5.33 7.29 -24.44
CA GLU A 767 5.28 8.71 -24.73
C GLU A 767 6.11 9.49 -23.65
N GLY A 768 7.05 10.31 -24.12
CA GLY A 768 7.92 11.15 -23.29
C GLY A 768 9.18 10.46 -22.79
N MET A 769 9.38 9.19 -23.18
CA MET A 769 10.47 8.33 -22.73
C MET A 769 11.68 8.27 -23.68
N HIS A 770 11.70 9.09 -24.77
CA HIS A 770 12.80 9.20 -25.75
C HIS A 770 13.04 7.93 -26.61
N VAL A 771 12.18 6.91 -26.43
CA VAL A 771 12.23 5.62 -27.12
C VAL A 771 10.78 5.09 -27.16
N VAL A 772 10.45 4.31 -28.19
CA VAL A 772 9.10 3.74 -28.36
C VAL A 772 9.13 2.32 -27.79
N ASP A 773 8.19 2.03 -26.88
CA ASP A 773 8.03 0.75 -26.19
C ASP A 773 9.28 0.37 -25.37
N ALA A 774 9.53 1.18 -24.32
CA ALA A 774 10.64 1.03 -23.38
C ALA A 774 10.45 -0.19 -22.47
N GLY A 775 9.20 -0.59 -22.25
CA GLY A 775 8.81 -1.70 -21.39
C GLY A 775 8.43 -2.99 -22.08
N PHE A 776 8.46 -3.00 -23.44
CA PHE A 776 8.17 -4.17 -24.29
C PHE A 776 6.71 -4.67 -24.13
N ASN A 777 5.76 -3.73 -24.22
CA ASN A 777 4.33 -3.99 -24.08
C ASN A 777 3.63 -4.13 -25.43
N GLY A 778 4.35 -3.88 -26.52
CA GLY A 778 3.85 -3.90 -27.88
C GLY A 778 3.71 -5.25 -28.55
N GLY A 779 4.01 -6.33 -27.83
CA GLY A 779 3.91 -7.70 -28.34
C GLY A 779 5.07 -8.05 -29.25
N SER A 780 4.99 -9.21 -29.93
CA SER A 780 6.02 -9.67 -30.87
C SER A 780 6.31 -8.65 -31.97
N ASN A 781 5.26 -7.88 -32.36
CA ASN A 781 5.27 -6.82 -33.37
C ASN A 781 6.17 -5.63 -33.05
N THR A 782 6.49 -5.42 -31.76
CA THR A 782 7.35 -4.31 -31.33
C THR A 782 8.78 -4.47 -31.91
N LEU A 783 9.24 -5.72 -32.05
CA LEU A 783 10.55 -6.05 -32.61
C LEU A 783 10.63 -5.89 -34.14
N THR A 784 9.54 -5.46 -34.80
CA THR A 784 9.51 -5.17 -36.23
C THR A 784 9.17 -3.68 -36.42
N ASP A 785 8.18 -3.17 -35.68
CA ASP A 785 7.67 -1.80 -35.80
C ASP A 785 8.49 -0.73 -35.05
N ASN A 786 8.93 -1.03 -33.83
CA ASN A 786 9.60 -0.05 -32.98
C ASN A 786 11.10 -0.28 -32.84
N TRP A 787 11.48 -1.51 -32.48
CA TRP A 787 12.87 -1.93 -32.33
C TRP A 787 13.33 -2.67 -33.57
N THR A 788 14.63 -2.58 -33.89
CA THR A 788 15.22 -3.28 -35.04
C THR A 788 16.19 -4.34 -34.54
N VAL A 789 15.94 -5.58 -34.96
CA VAL A 789 16.73 -6.75 -34.61
C VAL A 789 17.74 -7.04 -35.74
N SER A 790 18.99 -7.36 -35.36
CA SER A 790 20.08 -7.72 -36.27
C SER A 790 20.97 -8.81 -35.62
N GLY A 791 21.54 -9.68 -36.44
CA GLY A 791 22.39 -10.77 -35.97
C GLY A 791 21.84 -12.15 -36.27
N SER A 792 22.64 -13.18 -35.97
CA SER A 792 22.33 -14.60 -36.18
C SER A 792 21.45 -15.24 -35.09
N GLY A 793 21.44 -14.63 -33.90
CA GLY A 793 20.67 -15.09 -32.76
C GLY A 793 19.19 -14.73 -32.79
N LYS A 794 18.49 -14.93 -31.66
CA LYS A 794 17.05 -14.64 -31.55
C LYS A 794 16.70 -13.56 -30.55
N ALA A 795 15.76 -12.69 -30.93
CA ALA A 795 15.19 -11.66 -30.06
C ALA A 795 13.71 -11.98 -29.95
N GLU A 796 13.21 -12.07 -28.70
CA GLU A 796 11.81 -12.38 -28.40
C GLU A 796 11.24 -11.52 -27.29
N VAL A 797 9.92 -11.26 -27.35
CA VAL A 797 9.19 -10.57 -26.29
C VAL A 797 8.60 -11.73 -25.47
N GLU A 798 9.14 -11.95 -24.25
CA GLU A 798 8.77 -13.06 -23.38
C GLU A 798 8.13 -12.61 -22.06
N GLY A 799 7.32 -13.47 -21.47
CA GLY A 799 6.66 -13.22 -20.19
C GLY A 799 5.19 -12.90 -20.34
N ASP A 800 4.34 -13.72 -19.70
CA ASP A 800 2.88 -13.55 -19.77
C ASP A 800 2.34 -12.65 -18.65
N ASN A 801 3.26 -12.09 -17.84
CA ASN A 801 2.98 -11.14 -16.78
C ASN A 801 3.48 -9.75 -17.23
N ASN A 802 4.71 -9.38 -16.84
CA ASN A 802 5.39 -8.15 -17.24
C ASN A 802 6.34 -8.58 -18.37
N ALA A 803 6.01 -8.24 -19.63
CA ALA A 803 6.82 -8.61 -20.79
C ALA A 803 8.23 -8.01 -20.82
N MET A 804 9.22 -8.86 -21.14
CA MET A 804 10.64 -8.54 -21.23
C MET A 804 11.16 -8.87 -22.62
N LEU A 805 12.36 -8.36 -22.93
CA LEU A 805 13.10 -8.70 -24.13
C LEU A 805 14.02 -9.87 -23.73
N ARG A 806 13.98 -10.95 -24.50
CA ARG A 806 14.82 -12.12 -24.27
C ARG A 806 15.68 -12.35 -25.50
N LEU A 807 17.00 -12.34 -25.28
CA LEU A 807 18.01 -12.52 -26.31
C LEU A 807 18.72 -13.84 -26.14
N THR A 808 19.08 -14.46 -27.26
CA THR A 808 19.82 -15.73 -27.36
C THR A 808 20.77 -15.63 -28.54
N GLY A 809 22.02 -16.06 -28.35
CA GLY A 809 23.04 -16.00 -29.39
C GLY A 809 23.52 -14.59 -29.69
N LYS A 810 24.15 -14.40 -30.86
CA LYS A 810 24.69 -13.11 -31.31
C LYS A 810 23.54 -12.29 -31.93
N VAL A 811 22.96 -11.39 -31.13
CA VAL A 811 21.81 -10.56 -31.52
C VAL A 811 21.88 -9.13 -30.91
N ASP A 812 21.54 -8.11 -31.72
CA ASP A 812 21.51 -6.70 -31.34
C ASP A 812 20.08 -6.17 -31.54
N VAL A 813 19.57 -5.41 -30.56
CA VAL A 813 18.23 -4.80 -30.61
C VAL A 813 18.42 -3.28 -30.45
N SER A 814 18.13 -2.55 -31.53
CA SER A 814 18.38 -1.11 -31.62
C SER A 814 17.16 -0.24 -31.81
N GLN A 815 17.27 1.01 -31.32
CA GLN A 815 16.27 2.04 -31.49
C GLN A 815 16.86 3.44 -31.39
N ARG A 816 16.36 4.35 -32.24
N ARG A 816 16.37 4.36 -32.26
CA ARG A 816 16.74 5.76 -32.29
CA ARG A 816 16.79 5.76 -32.28
C ARG A 816 16.18 6.48 -31.05
C ARG A 816 16.19 6.48 -31.06
N LEU A 817 16.96 7.41 -30.47
CA LEU A 817 16.54 8.19 -29.31
C LEU A 817 15.99 9.54 -29.79
N THR A 818 14.77 9.85 -29.37
CA THR A 818 14.10 11.09 -29.74
C THR A 818 14.03 12.10 -28.59
N ASP A 819 13.73 13.38 -28.92
CA ASP A 819 13.50 14.51 -28.00
C ASP A 819 14.59 14.73 -26.94
N LEU A 820 15.87 14.63 -27.32
CA LEU A 820 16.99 14.87 -26.41
C LEU A 820 17.50 16.29 -26.56
N LYS A 821 17.82 16.93 -25.44
CA LYS A 821 18.35 18.30 -25.43
C LYS A 821 19.83 18.21 -25.77
N ALA A 822 20.25 18.82 -26.90
CA ALA A 822 21.64 18.79 -27.38
C ALA A 822 22.59 19.44 -26.37
N GLY A 823 23.66 18.73 -26.05
CA GLY A 823 24.68 19.19 -25.10
C GLY A 823 24.42 18.86 -23.64
N GLN A 824 23.18 18.42 -23.34
N GLN A 824 23.18 18.40 -23.34
CA GLN A 824 22.70 18.04 -22.01
CA GLN A 824 22.75 18.05 -21.99
C GLN A 824 23.11 16.59 -21.63
C GLN A 824 23.12 16.60 -21.63
N LYS A 825 23.55 16.40 -20.36
CA LYS A 825 23.98 15.11 -19.80
C LYS A 825 22.75 14.21 -19.44
N TYR A 826 22.81 12.95 -19.87
CA TYR A 826 21.78 11.93 -19.68
C TYR A 826 22.34 10.65 -19.09
N ALA A 827 21.50 9.98 -18.32
CA ALA A 827 21.77 8.65 -17.80
C ALA A 827 20.79 7.76 -18.56
N LEU A 828 21.28 6.63 -19.04
CA LEU A 828 20.41 5.64 -19.64
C LEU A 828 20.65 4.39 -18.82
N TYR A 829 19.61 3.86 -18.21
CA TYR A 829 19.70 2.60 -17.48
C TYR A 829 18.64 1.64 -17.98
N VAL A 830 18.89 0.35 -17.79
CA VAL A 830 18.02 -0.74 -18.23
C VAL A 830 18.14 -1.92 -17.27
N GLY A 831 17.02 -2.58 -16.99
CA GLY A 831 16.99 -3.78 -16.18
C GLY A 831 17.60 -4.92 -16.97
N VAL A 832 18.53 -5.64 -16.37
CA VAL A 832 19.21 -6.75 -17.05
C VAL A 832 19.34 -7.97 -16.13
N ASP A 833 18.97 -9.15 -16.67
CA ASP A 833 19.11 -10.46 -16.04
C ASP A 833 19.84 -11.35 -17.06
N ASN A 834 21.18 -11.43 -16.96
CA ASN A 834 22.00 -12.25 -17.85
C ASN A 834 22.30 -13.63 -17.24
N ARG A 835 21.81 -14.70 -17.90
CA ARG A 835 22.02 -16.11 -17.48
C ARG A 835 23.17 -16.76 -18.26
N SER A 836 23.64 -16.06 -19.31
CA SER A 836 24.72 -16.50 -20.17
C SER A 836 26.06 -16.02 -19.61
N THR A 837 27.14 -16.77 -19.91
CA THR A 837 28.50 -16.39 -19.51
C THR A 837 29.01 -15.26 -20.42
N GLY A 838 28.44 -15.16 -21.62
CA GLY A 838 28.73 -14.11 -22.60
C GLY A 838 28.16 -12.77 -22.18
N ASP A 839 28.87 -11.67 -22.53
CA ASP A 839 28.48 -10.31 -22.17
C ASP A 839 27.18 -9.83 -22.80
N ALA A 840 26.33 -9.28 -21.93
CA ALA A 840 25.07 -8.61 -22.24
C ALA A 840 25.43 -7.12 -22.19
N SER A 841 25.17 -6.36 -23.26
CA SER A 841 25.57 -4.95 -23.30
C SER A 841 24.47 -3.95 -23.60
N VAL A 842 24.72 -2.71 -23.18
CA VAL A 842 23.91 -1.53 -23.50
C VAL A 842 24.88 -0.48 -24.05
N THR A 843 24.57 0.05 -25.24
CA THR A 843 25.42 1.02 -25.94
C THR A 843 24.61 2.16 -26.51
N VAL A 844 25.16 3.37 -26.39
CA VAL A 844 24.59 4.57 -26.98
C VAL A 844 25.59 5.02 -28.06
N THR A 845 25.13 5.07 -29.33
CA THR A 845 25.96 5.50 -30.46
C THR A 845 25.39 6.74 -31.12
N SER A 846 26.25 7.46 -31.84
CA SER A 846 25.91 8.65 -32.62
C SER A 846 26.68 8.55 -33.94
N GLY A 847 26.02 7.96 -34.94
CA GLY A 847 26.55 7.75 -36.28
C GLY A 847 27.72 6.80 -36.31
N GLY A 848 27.49 5.58 -35.80
CA GLY A 848 28.50 4.51 -35.73
C GLY A 848 29.64 4.78 -34.77
N LYS A 849 29.53 5.86 -33.98
CA LYS A 849 30.51 6.26 -32.97
C LYS A 849 29.90 6.00 -31.61
N VAL A 850 30.58 5.20 -30.78
CA VAL A 850 30.13 4.87 -29.43
C VAL A 850 30.29 6.10 -28.53
N LEU A 851 29.19 6.54 -27.87
CA LEU A 851 29.19 7.66 -26.93
C LEU A 851 29.45 7.12 -25.53
N ALA A 852 28.78 6.00 -25.21
CA ALA A 852 28.86 5.31 -23.93
C ALA A 852 28.46 3.87 -24.11
N THR A 853 29.13 2.97 -23.39
CA THR A 853 28.82 1.54 -23.39
C THR A 853 29.09 0.94 -22.02
N ASN A 854 28.31 -0.10 -21.67
CA ASN A 854 28.44 -0.89 -20.45
C ASN A 854 27.98 -2.29 -20.76
N SER A 855 28.55 -3.26 -20.05
CA SER A 855 28.23 -4.68 -20.23
C SER A 855 28.30 -5.44 -18.91
N THR A 856 27.69 -6.63 -18.90
CA THR A 856 27.65 -7.55 -17.76
C THR A 856 27.87 -8.96 -18.26
N GLY A 857 28.49 -9.78 -17.41
CA GLY A 857 28.66 -11.21 -17.64
C GLY A 857 27.46 -11.88 -17.01
N LYS A 858 27.62 -13.11 -16.50
CA LYS A 858 26.50 -13.77 -15.81
C LYS A 858 26.17 -12.92 -14.56
N SER A 859 24.87 -12.60 -14.38
CA SER A 859 24.35 -11.83 -13.26
C SER A 859 24.62 -12.60 -11.96
N ILE A 860 25.08 -11.89 -10.91
CA ILE A 860 25.48 -12.51 -9.64
C ILE A 860 24.60 -12.10 -8.42
N ALA A 861 23.69 -11.10 -8.59
CA ALA A 861 22.82 -10.65 -7.49
C ALA A 861 21.32 -10.72 -7.80
N LYS A 862 20.60 -11.51 -7.01
CA LYS A 862 19.14 -11.66 -7.10
C LYS A 862 18.49 -10.35 -6.72
N ASN A 863 17.34 -10.06 -7.30
CA ASN A 863 16.65 -8.82 -7.00
C ASN A 863 15.73 -9.01 -5.78
N TYR A 864 15.89 -8.16 -4.74
CA TYR A 864 15.10 -8.27 -3.50
C TYR A 864 14.12 -7.10 -3.23
N ILE A 865 13.79 -6.35 -4.28
CA ILE A 865 12.89 -5.20 -4.19
C ILE A 865 11.44 -5.66 -4.34
N LYS A 866 10.67 -5.67 -3.22
CA LYS A 866 9.27 -6.09 -3.19
C LYS A 866 8.37 -5.34 -4.20
N ALA A 867 8.52 -4.00 -4.27
CA ALA A 867 7.71 -3.11 -5.12
C ALA A 867 8.12 -3.10 -6.57
N TYR A 868 9.18 -3.84 -6.91
CA TYR A 868 9.72 -3.94 -8.26
C TYR A 868 9.12 -5.12 -9.05
N GLY A 869 8.89 -4.88 -10.34
CA GLY A 869 8.28 -5.81 -11.28
C GLY A 869 9.03 -7.10 -11.54
N HIS A 870 10.35 -7.09 -11.37
CA HIS A 870 11.19 -8.27 -11.60
C HIS A 870 12.06 -8.65 -10.41
N ASN A 871 11.46 -8.76 -9.21
CA ASN A 871 12.17 -9.24 -8.02
C ASN A 871 12.26 -10.78 -8.09
N THR A 872 13.09 -11.40 -7.23
CA THR A 872 13.37 -12.84 -7.29
C THR A 872 12.16 -13.75 -6.93
N ASN A 873 11.01 -13.16 -6.58
CA ASN A 873 9.78 -13.94 -6.35
C ASN A 873 8.93 -14.01 -7.63
N SER A 874 9.30 -13.24 -8.69
CA SER A 874 8.55 -13.18 -9.95
C SER A 874 8.95 -14.22 -11.00
N ASN A 875 10.09 -14.94 -10.82
CA ASN A 875 10.52 -15.97 -11.75
C ASN A 875 10.76 -15.46 -13.20
N THR A 876 11.96 -14.90 -13.44
CA THR A 876 12.35 -14.46 -14.76
C THR A 876 12.71 -15.75 -15.54
N GLU A 877 13.38 -16.67 -14.83
CA GLU A 877 13.81 -17.97 -15.32
C GLU A 877 14.27 -18.83 -14.14
N ASN A 878 13.91 -20.14 -14.16
CA ASN A 878 14.35 -21.16 -13.20
C ASN A 878 14.07 -20.77 -11.72
N GLY A 879 12.89 -20.20 -11.49
CA GLY A 879 12.39 -19.76 -10.19
C GLY A 879 13.13 -18.59 -9.54
N SER A 880 13.79 -17.74 -10.33
CA SER A 880 14.51 -16.59 -9.78
C SER A 880 14.58 -15.42 -10.73
N SER A 881 15.00 -14.26 -10.20
CA SER A 881 15.24 -13.05 -10.98
C SER A 881 16.48 -12.33 -10.47
N TYR A 882 17.41 -12.04 -11.40
CA TYR A 882 18.68 -11.34 -11.13
C TYR A 882 18.67 -9.97 -11.75
N PHE A 883 17.48 -9.45 -12.07
CA PHE A 883 17.30 -8.13 -12.68
C PHE A 883 17.92 -7.07 -11.80
N GLN A 884 18.80 -6.24 -12.38
CA GLN A 884 19.49 -5.11 -11.74
C GLN A 884 19.74 -4.08 -12.84
N ASN A 885 19.68 -2.79 -12.52
CA ASN A 885 19.87 -1.72 -13.51
C ASN A 885 21.32 -1.52 -13.92
N MET A 886 21.54 -1.49 -15.24
CA MET A 886 22.82 -1.29 -15.90
C MET A 886 22.81 0.07 -16.56
N TYR A 887 23.75 0.94 -16.14
CA TYR A 887 23.87 2.34 -16.56
C TYR A 887 24.93 2.67 -17.60
N VAL A 888 24.59 3.64 -18.43
CA VAL A 888 25.49 4.32 -19.36
C VAL A 888 25.23 5.79 -19.11
N PHE A 889 26.27 6.59 -19.13
CA PHE A 889 26.17 8.04 -18.91
C PHE A 889 26.76 8.67 -20.15
N PHE A 890 26.01 9.60 -20.76
CA PHE A 890 26.45 10.27 -21.98
C PHE A 890 25.90 11.71 -22.08
N THR A 891 26.45 12.48 -23.03
CA THR A 891 26.01 13.84 -23.35
C THR A 891 25.33 13.72 -24.70
N ALA A 892 24.12 14.27 -24.82
CA ALA A 892 23.38 14.20 -26.08
C ALA A 892 24.11 15.02 -27.16
N PRO A 893 24.39 14.41 -28.36
CA PRO A 893 25.14 15.14 -29.39
C PRO A 893 24.44 16.35 -30.00
N GLU A 894 25.25 17.34 -30.45
CA GLU A 894 24.77 18.55 -31.12
C GLU A 894 24.11 18.14 -32.45
N ASN A 895 24.64 17.04 -33.02
CA ASN A 895 24.25 16.29 -34.20
C ASN A 895 22.73 15.93 -34.18
N GLY A 896 22.22 15.56 -33.01
CA GLY A 896 20.82 15.18 -32.79
C GLY A 896 20.52 13.73 -33.11
N ASP A 897 21.56 12.97 -33.47
CA ASP A 897 21.50 11.58 -33.87
C ASP A 897 22.07 10.69 -32.75
N ALA A 898 21.22 9.86 -32.12
CA ALA A 898 21.59 8.95 -31.03
C ALA A 898 20.74 7.68 -31.09
N THR A 899 21.36 6.53 -30.81
CA THR A 899 20.71 5.22 -30.86
C THR A 899 21.11 4.38 -29.64
N VAL A 900 20.18 3.59 -29.10
CA VAL A 900 20.41 2.63 -28.01
C VAL A 900 20.43 1.21 -28.59
N THR A 901 21.42 0.41 -28.19
CA THR A 901 21.52 -0.98 -28.59
C THR A 901 21.64 -1.84 -27.36
N LEU A 902 20.77 -2.84 -27.25
CA LEU A 902 20.80 -3.86 -26.21
C LEU A 902 21.29 -5.06 -26.97
N SER A 903 22.34 -5.71 -26.49
CA SER A 903 22.93 -6.82 -27.24
C SER A 903 23.51 -7.97 -26.38
N HIS A 904 23.73 -9.11 -27.06
CA HIS A 904 24.32 -10.35 -26.54
C HIS A 904 25.39 -10.80 -27.56
N LYS A 905 26.61 -11.07 -27.07
CA LYS A 905 27.77 -11.44 -27.90
C LYS A 905 27.95 -12.93 -28.14
N SER A 906 27.71 -13.78 -27.10
CA SER A 906 27.90 -15.23 -27.13
C SER A 906 26.97 -15.96 -28.11
N THR A 907 27.14 -17.28 -28.22
CA THR A 907 26.33 -18.22 -29.02
C THR A 907 26.07 -19.40 -28.05
N ASP A 908 26.05 -19.03 -26.74
CA ASP A 908 25.89 -19.81 -25.52
C ASP A 908 24.64 -20.71 -25.46
N GLY A 909 23.52 -20.20 -25.97
CA GLY A 909 22.22 -20.88 -25.91
C GLY A 909 21.41 -20.40 -24.72
N ALA A 910 22.11 -19.88 -23.68
CA ALA A 910 21.55 -19.31 -22.45
C ALA A 910 20.98 -17.92 -22.75
N HIS A 911 19.94 -17.53 -22.00
CA HIS A 911 19.20 -16.27 -22.19
C HIS A 911 19.72 -15.05 -21.43
N THR A 912 19.43 -13.88 -21.99
CA THR A 912 19.66 -12.55 -21.43
C THR A 912 18.30 -11.85 -21.46
N TYR A 913 17.86 -11.33 -20.32
CA TYR A 913 16.59 -10.64 -20.16
C TYR A 913 16.83 -9.15 -19.97
N PHE A 914 16.15 -8.34 -20.78
CA PHE A 914 16.21 -6.88 -20.71
C PHE A 914 14.81 -6.33 -20.52
N ASP A 915 14.70 -5.25 -19.73
CA ASP A 915 13.44 -4.53 -19.51
C ASP A 915 13.61 -3.12 -18.99
N ASP A 916 12.64 -2.24 -19.33
CA ASP A 916 12.50 -0.84 -18.92
C ASP A 916 13.72 0.02 -19.26
N VAL A 917 13.76 0.48 -20.50
CA VAL A 917 14.85 1.34 -20.97
C VAL A 917 14.52 2.75 -20.48
N ARG A 918 15.33 3.27 -19.58
CA ARG A 918 15.08 4.60 -19.05
C ARG A 918 16.20 5.57 -19.40
N ILE A 919 15.84 6.62 -20.14
CA ILE A 919 16.70 7.73 -20.55
C ILE A 919 16.21 8.92 -19.71
N VAL A 920 17.09 9.46 -18.87
CA VAL A 920 16.73 10.53 -17.96
C VAL A 920 17.85 11.59 -17.87
N GLU A 921 17.50 12.89 -17.74
CA GLU A 921 18.48 13.97 -17.58
C GLU A 921 19.16 13.76 -16.24
N ASN A 922 20.48 13.66 -16.24
CA ASN A 922 21.24 13.36 -15.03
C ASN A 922 22.65 13.92 -15.10
N GLN A 923 23.09 14.56 -14.00
CA GLN A 923 24.38 15.26 -13.88
C GLN A 923 25.54 14.44 -13.28
N TYR A 924 25.37 13.11 -13.11
CA TYR A 924 26.47 12.29 -12.58
C TYR A 924 27.64 12.23 -13.57
N SER A 925 28.84 12.62 -13.09
CA SER A 925 30.06 12.62 -13.89
C SER A 925 31.26 12.10 -13.07
N GLY A 926 31.03 11.07 -12.28
CA GLY A 926 32.04 10.48 -11.40
C GLY A 926 32.83 9.29 -11.89
N ILE A 927 32.64 8.84 -13.15
CA ILE A 927 33.40 7.70 -13.71
C ILE A 927 34.46 8.16 -14.73
N THR A 928 35.73 7.78 -14.47
CA THR A 928 36.84 8.01 -15.38
C THR A 928 37.37 6.64 -15.81
N TYR A 929 37.76 6.53 -17.09
CA TYR A 929 38.27 5.29 -17.65
C TYR A 929 39.76 5.39 -17.98
N GLU A 930 40.41 4.22 -18.16
CA GLU A 930 41.81 4.12 -18.56
C GLU A 930 41.84 4.25 -20.09
N LYS A 931 43.04 4.18 -20.73
CA LYS A 931 43.17 4.27 -22.19
C LYS A 931 42.35 3.16 -22.85
N ASP A 932 42.49 1.93 -22.33
CA ASP A 932 41.65 0.77 -22.68
C ASP A 932 40.37 1.02 -21.88
N GLY A 933 39.23 0.57 -22.40
CA GLY A 933 37.90 0.79 -21.80
C GLY A 933 37.68 0.61 -20.31
N THR A 934 38.65 -0.01 -19.59
CA THR A 934 38.63 -0.34 -18.16
C THR A 934 38.55 0.88 -17.22
N LEU A 935 38.18 0.60 -15.96
CA LEU A 935 38.00 1.57 -14.89
C LEU A 935 39.30 2.16 -14.32
N LYS A 936 39.36 3.51 -14.28
CA LYS A 936 40.45 4.26 -13.67
C LYS A 936 39.99 4.70 -12.28
N SER A 937 38.81 5.33 -12.21
CA SER A 937 38.23 5.86 -10.97
C SER A 937 36.70 5.96 -11.05
N LEU A 938 36.04 5.75 -9.90
CA LEU A 938 34.60 5.89 -9.69
C LEU A 938 34.41 6.61 -8.36
N THR A 939 33.84 7.81 -8.40
CA THR A 939 33.51 8.53 -7.17
C THR A 939 31.99 8.69 -7.08
N ASN A 940 31.43 8.65 -5.85
CA ASN A 940 30.00 8.87 -5.67
C ASN A 940 29.68 9.46 -4.31
N GLY A 941 29.04 10.61 -4.35
CA GLY A 941 28.55 11.34 -3.19
C GLY A 941 27.05 11.15 -3.04
N PHE A 942 26.45 10.41 -4.01
CA PHE A 942 25.02 10.02 -4.03
C PHE A 942 24.08 11.23 -4.19
N GLU A 943 24.62 12.34 -4.69
CA GLU A 943 23.93 13.60 -4.92
C GLU A 943 23.20 13.60 -6.26
N ASN A 944 23.61 12.71 -7.19
CA ASN A 944 23.05 12.66 -8.55
C ASN A 944 22.58 11.26 -8.99
N ASN A 945 22.12 10.45 -8.04
CA ASN A 945 21.64 9.09 -8.31
C ASN A 945 20.30 9.11 -9.01
N ALA A 946 20.26 8.64 -10.26
CA ALA A 946 19.02 8.60 -11.04
C ALA A 946 17.96 7.81 -10.29
N GLN A 947 18.41 6.79 -9.56
CA GLN A 947 17.57 5.80 -8.92
C GLN A 947 18.49 4.91 -8.05
N GLY A 948 17.93 4.35 -6.99
CA GLY A 948 18.55 3.40 -6.06
C GLY A 948 19.84 3.83 -5.40
N ILE A 949 20.57 2.84 -4.87
CA ILE A 949 21.81 3.09 -4.12
C ILE A 949 23.09 2.78 -4.95
N TRP A 950 23.01 2.96 -6.31
CA TRP A 950 24.09 2.78 -7.30
C TRP A 950 25.38 3.45 -6.80
N PRO A 951 26.59 2.82 -6.92
CA PRO A 951 26.92 1.54 -7.60
C PRO A 951 26.55 0.25 -6.85
N PHE A 952 25.98 0.38 -5.65
CA PHE A 952 25.50 -0.73 -4.84
C PHE A 952 24.10 -1.16 -5.25
N VAL A 953 23.75 -2.41 -4.91
CA VAL A 953 22.43 -3.00 -5.10
C VAL A 953 22.03 -3.66 -3.80
N VAL A 954 20.73 -3.58 -3.46
CA VAL A 954 20.21 -4.17 -2.22
C VAL A 954 20.35 -5.71 -2.25
N SER A 955 20.85 -6.27 -1.16
CA SER A 955 21.07 -7.71 -0.98
C SER A 955 19.90 -8.35 -0.20
N GLY A 956 20.00 -9.64 0.11
CA GLY A 956 18.89 -10.38 0.70
C GLY A 956 18.77 -10.55 2.20
N SER A 957 19.30 -9.59 2.99
CA SER A 957 19.27 -9.64 4.47
C SER A 957 17.86 -9.65 5.07
N GLU A 958 16.86 -9.21 4.29
CA GLU A 958 15.45 -9.16 4.70
C GLU A 958 14.59 -9.95 3.70
N GLY A 959 15.24 -10.62 2.76
CA GLY A 959 14.59 -11.34 1.66
C GLY A 959 13.98 -10.33 0.69
N VAL A 960 12.87 -10.71 0.02
CA VAL A 960 12.15 -9.80 -0.87
C VAL A 960 11.32 -8.92 0.09
N GLU A 961 11.71 -7.64 0.21
CA GLU A 961 11.14 -6.70 1.18
C GLU A 961 11.05 -5.28 0.64
N ASP A 962 10.41 -4.38 1.41
CA ASP A 962 10.43 -2.93 1.23
C ASP A 962 11.64 -2.65 2.13
N ASN A 963 12.83 -2.85 1.56
CA ASN A 963 14.15 -2.84 2.19
C ASN A 963 14.47 -1.58 2.92
N ARG A 964 14.94 -1.73 4.18
CA ARG A 964 15.26 -0.62 5.08
C ARG A 964 16.64 0.00 4.80
N ILE A 965 16.91 0.20 3.50
CA ILE A 965 18.09 0.82 2.90
C ILE A 965 17.55 1.82 1.88
N HIS A 966 18.03 3.07 1.93
CA HIS A 966 17.62 4.12 0.99
C HIS A 966 18.61 5.26 1.04
N LEU A 967 18.38 6.28 0.20
CA LEU A 967 19.19 7.50 0.21
C LEU A 967 18.56 8.46 1.23
N SER A 968 19.30 8.72 2.32
CA SER A 968 18.89 9.64 3.39
C SER A 968 19.13 11.08 2.94
N GLU A 969 18.22 11.99 3.33
CA GLU A 969 18.25 13.41 2.97
C GLU A 969 18.52 14.31 4.16
N LEU A 970 19.24 15.40 3.92
CA LEU A 970 19.58 16.40 4.91
C LEU A 970 18.47 17.44 5.11
N HIS A 971 18.17 17.71 6.39
CA HIS A 971 17.27 18.74 6.92
C HIS A 971 17.71 19.04 8.35
N ALA A 972 18.72 19.93 8.46
CA ALA A 972 19.30 20.34 9.75
C ALA A 972 18.33 21.22 10.55
N PRO A 973 18.29 21.10 11.91
CA PRO A 973 19.10 20.22 12.78
C PRO A 973 18.48 18.85 13.05
N PHE A 974 17.24 18.62 12.58
CA PHE A 974 16.42 17.44 12.82
C PHE A 974 17.01 16.12 12.33
N THR A 975 17.79 16.14 11.22
CA THR A 975 18.44 14.92 10.68
C THR A 975 19.84 14.71 11.28
N ARG A 976 20.37 15.74 11.96
CA ARG A 976 21.70 15.75 12.57
C ARG A 976 21.70 15.15 13.97
N ALA A 977 22.87 14.62 14.37
CA ALA A 977 23.14 14.06 15.68
C ALA A 977 23.03 15.20 16.70
N GLY A 978 22.27 14.99 17.76
CA GLY A 978 22.06 15.99 18.80
C GLY A 978 20.62 16.43 18.96
N TRP A 979 19.81 16.31 17.89
CA TRP A 979 18.40 16.68 17.97
C TRP A 979 17.63 15.56 18.64
N ASP A 980 16.97 15.85 19.78
CA ASP A 980 16.22 14.90 20.59
C ASP A 980 17.15 13.77 21.13
N VAL A 981 16.82 12.49 20.87
CA VAL A 981 17.60 11.33 21.32
C VAL A 981 18.50 10.77 20.20
N LYS A 982 18.54 11.48 19.06
CA LYS A 982 19.32 11.14 17.86
C LYS A 982 20.84 11.31 18.10
N LYS A 983 21.60 10.19 17.99
CA LYS A 983 23.05 10.21 18.20
C LYS A 983 23.85 10.10 16.88
N MET A 984 23.20 9.71 15.77
CA MET A 984 23.82 9.58 14.45
C MET A 984 23.30 10.61 13.45
N ASP A 985 24.18 11.04 12.53
CA ASP A 985 23.89 11.93 11.40
C ASP A 985 23.27 11.11 10.27
N ASP A 986 22.24 11.62 9.62
CA ASP A 986 21.62 10.92 8.49
C ASP A 986 22.48 11.08 7.24
N VAL A 987 23.12 12.26 7.09
CA VAL A 987 23.94 12.64 5.94
C VAL A 987 25.35 13.03 6.40
N LEU A 988 26.38 12.60 5.66
CA LEU A 988 27.78 12.86 5.99
C LEU A 988 28.38 13.98 5.17
N ASP A 989 28.05 14.06 3.87
CA ASP A 989 28.56 15.09 2.97
C ASP A 989 27.46 15.46 2.00
N GLY A 990 27.27 16.75 1.77
CA GLY A 990 26.24 17.26 0.88
C GLY A 990 24.84 17.07 1.42
N THR A 991 23.90 16.77 0.52
CA THR A 991 22.48 16.61 0.84
C THR A 991 22.05 15.14 1.01
N TRP A 992 22.77 14.18 0.38
CA TRP A 992 22.41 12.76 0.32
C TRP A 992 23.51 11.82 0.74
N SER A 993 23.12 10.69 1.35
CA SER A 993 23.98 9.58 1.79
C SER A 993 23.20 8.24 1.62
N VAL A 994 23.85 7.08 1.84
CA VAL A 994 23.20 5.75 1.81
C VAL A 994 22.98 5.36 3.25
N LYS A 995 21.71 5.28 3.69
CA LYS A 995 21.38 4.90 5.06
C LYS A 995 20.81 3.49 5.16
N VAL A 996 21.33 2.69 6.13
CA VAL A 996 20.89 1.35 6.53
C VAL A 996 20.29 1.53 7.92
N ASN A 997 19.03 1.16 8.08
CA ASN A 997 18.28 1.34 9.32
C ASN A 997 17.97 0.04 10.05
N GLY A 998 18.66 -0.18 11.17
CA GLY A 998 18.43 -1.28 12.11
C GLY A 998 18.55 -2.69 11.60
N LEU A 999 19.34 -2.91 10.53
CA LEU A 999 19.55 -4.25 9.96
C LEU A 999 20.69 -5.02 10.64
N THR A 1000 20.78 -4.93 11.97
CA THR A 1000 21.80 -5.60 12.78
C THR A 1000 21.47 -7.08 13.02
N GLN A 1001 22.51 -7.88 13.37
CA GLN A 1001 22.47 -9.30 13.71
C GLN A 1001 21.79 -10.19 12.65
N LYS A 1002 22.05 -9.90 11.38
CA LYS A 1002 21.49 -10.68 10.28
C LYS A 1002 22.46 -11.78 9.82
N GLY A 1003 23.75 -11.65 10.14
CA GLY A 1003 24.79 -12.58 9.73
C GLY A 1003 24.83 -12.83 8.24
N THR A 1004 24.57 -11.78 7.44
CA THR A 1004 24.51 -11.86 5.98
C THR A 1004 24.74 -10.49 5.33
N LEU A 1005 24.90 -10.49 4.00
CA LEU A 1005 25.13 -9.31 3.16
C LEU A 1005 23.90 -8.36 3.13
N VAL A 1006 24.13 -7.05 3.34
CA VAL A 1006 23.12 -5.96 3.35
C VAL A 1006 22.98 -5.36 1.95
N TYR A 1007 24.12 -4.96 1.35
CA TYR A 1007 24.18 -4.45 -0.02
C TYR A 1007 25.56 -4.70 -0.62
N GLN A 1008 25.65 -4.75 -1.95
CA GLN A 1008 26.91 -5.03 -2.62
C GLN A 1008 27.03 -4.33 -3.96
N THR A 1009 28.26 -4.17 -4.43
CA THR A 1009 28.49 -3.67 -5.78
C THR A 1009 28.29 -4.92 -6.70
N ILE A 1010 28.07 -4.69 -7.98
CA ILE A 1010 27.94 -5.77 -8.97
C ILE A 1010 28.83 -5.39 -10.18
N PRO A 1011 29.42 -6.36 -10.93
CA PRO A 1011 30.32 -5.98 -12.06
C PRO A 1011 29.71 -5.10 -13.16
N GLN A 1012 28.36 -5.12 -13.34
CA GLN A 1012 27.70 -4.23 -14.32
C GLN A 1012 27.70 -2.76 -13.89
N ASN A 1013 27.90 -2.51 -12.57
CA ASN A 1013 27.94 -1.17 -11.99
C ASN A 1013 29.39 -0.70 -11.87
N VAL A 1014 30.25 -1.55 -11.32
CA VAL A 1014 31.67 -1.28 -11.16
C VAL A 1014 32.47 -2.56 -11.42
N LYS A 1015 33.22 -2.58 -12.54
CA LYS A 1015 34.01 -3.74 -12.97
C LYS A 1015 35.44 -3.68 -12.48
N PHE A 1016 35.82 -4.69 -11.70
CA PHE A 1016 37.17 -4.87 -11.19
C PHE A 1016 37.84 -5.89 -12.11
N GLU A 1017 38.91 -5.46 -12.78
CA GLU A 1017 39.64 -6.32 -13.70
C GLU A 1017 40.40 -7.39 -12.93
N ALA A 1018 40.47 -8.61 -13.49
CA ALA A 1018 41.20 -9.74 -12.89
C ALA A 1018 42.67 -9.35 -12.70
N GLY A 1019 43.17 -9.55 -11.48
CA GLY A 1019 44.54 -9.23 -11.10
C GLY A 1019 44.85 -7.78 -10.86
N ALA A 1020 43.94 -6.86 -11.27
CA ALA A 1020 44.15 -5.43 -11.07
C ALA A 1020 43.89 -5.05 -9.60
N LYS A 1021 44.58 -4.01 -9.10
CA LYS A 1021 44.45 -3.55 -7.72
C LYS A 1021 43.68 -2.24 -7.62
N TYR A 1022 42.82 -2.14 -6.59
CA TYR A 1022 41.96 -0.99 -6.39
C TYR A 1022 41.98 -0.52 -4.96
N LYS A 1023 41.96 0.79 -4.77
CA LYS A 1023 41.85 1.40 -3.45
C LYS A 1023 40.38 1.85 -3.33
N VAL A 1024 39.69 1.31 -2.31
CA VAL A 1024 38.30 1.67 -2.03
C VAL A 1024 38.30 2.40 -0.70
N SER A 1025 37.66 3.57 -0.68
CA SER A 1025 37.51 4.41 0.49
C SER A 1025 36.11 5.01 0.54
N PHE A 1026 35.65 5.31 1.77
CA PHE A 1026 34.36 5.93 2.03
C PHE A 1026 34.27 6.52 3.43
N ASP A 1027 33.38 7.50 3.58
CA ASP A 1027 33.03 8.14 4.84
C ASP A 1027 31.90 7.31 5.42
N TYR A 1028 31.91 7.07 6.73
CA TYR A 1028 30.85 6.26 7.34
C TYR A 1028 30.51 6.70 8.76
N GLN A 1029 29.36 6.22 9.22
CA GLN A 1029 28.85 6.34 10.58
C GLN A 1029 28.17 5.03 10.89
N SER A 1030 28.55 4.41 12.01
CA SER A 1030 28.07 3.11 12.47
C SER A 1030 27.69 3.26 13.93
N GLY A 1031 26.51 2.78 14.27
CA GLY A 1031 25.93 2.89 15.60
C GLY A 1031 26.70 2.28 16.75
N SER A 1032 27.30 1.09 16.52
CA SER A 1032 28.10 0.34 17.50
C SER A 1032 29.31 -0.30 16.83
N ASP A 1033 30.21 -0.88 17.64
CA ASP A 1033 31.41 -1.57 17.17
C ASP A 1033 31.04 -2.94 16.62
N ASP A 1034 31.63 -3.28 15.46
CA ASP A 1034 31.58 -4.57 14.77
C ASP A 1034 30.18 -5.09 14.44
N ILE A 1035 29.17 -4.21 14.37
CA ILE A 1035 27.80 -4.59 13.99
C ILE A 1035 27.67 -4.68 12.45
N TYR A 1036 28.52 -3.94 11.73
CA TYR A 1036 28.61 -3.98 10.27
C TYR A 1036 30.05 -4.20 9.86
N ALA A 1037 30.25 -4.88 8.73
CA ALA A 1037 31.59 -5.18 8.22
C ALA A 1037 31.68 -4.93 6.74
N ILE A 1038 32.90 -4.65 6.25
CA ILE A 1038 33.14 -4.52 4.82
C ILE A 1038 33.26 -5.97 4.32
N ALA A 1039 32.44 -6.35 3.33
CA ALA A 1039 32.48 -7.67 2.72
C ALA A 1039 33.12 -7.56 1.35
N VAL A 1040 34.00 -8.51 0.99
CA VAL A 1040 34.69 -8.58 -0.31
C VAL A 1040 34.55 -10.05 -0.80
N GLY A 1041 33.93 -10.24 -1.95
CA GLY A 1041 33.73 -11.55 -2.53
C GLY A 1041 33.88 -11.58 -4.04
N GLN A 1042 33.70 -12.77 -4.64
CA GLN A 1042 33.76 -13.00 -6.08
C GLN A 1042 32.54 -13.87 -6.42
N GLY A 1043 31.79 -13.45 -7.43
CA GLY A 1043 30.61 -14.15 -7.88
C GLY A 1043 29.43 -14.02 -6.93
N GLU A 1044 28.41 -14.89 -7.09
CA GLU A 1044 27.25 -14.86 -6.24
C GLU A 1044 27.66 -15.09 -4.79
N TYR A 1045 27.11 -14.26 -3.88
CA TYR A 1045 27.38 -14.33 -2.46
C TYR A 1045 26.97 -15.68 -1.88
N SER A 1046 27.87 -16.25 -1.09
CA SER A 1046 27.67 -17.48 -0.34
C SER A 1046 28.40 -17.29 0.97
N ALA A 1047 27.76 -17.67 2.08
CA ALA A 1047 28.35 -17.53 3.41
C ALA A 1047 29.57 -18.46 3.45
N GLY A 1048 30.72 -17.87 3.72
CA GLY A 1048 31.98 -18.62 3.79
C GLY A 1048 32.76 -18.62 2.49
N SER A 1049 32.77 -17.46 1.82
CA SER A 1049 33.49 -17.21 0.57
C SER A 1049 33.77 -15.70 0.47
N VAL A 1050 33.50 -14.97 1.56
CA VAL A 1050 33.68 -13.53 1.67
C VAL A 1050 34.70 -13.14 2.73
N LYS A 1051 35.52 -12.14 2.39
CA LYS A 1051 36.53 -11.56 3.27
C LYS A 1051 35.80 -10.44 4.04
N LEU A 1052 35.80 -10.51 5.39
CA LEU A 1052 35.13 -9.54 6.25
C LEU A 1052 36.10 -8.73 7.10
N THR A 1053 35.82 -7.41 7.24
CA THR A 1053 36.59 -6.46 8.06
C THR A 1053 35.58 -5.66 8.87
N ASN A 1054 35.47 -5.93 10.17
CA ASN A 1054 34.55 -5.25 11.08
C ASN A 1054 34.84 -3.76 11.14
N LEU A 1055 33.78 -2.96 11.04
CA LEU A 1055 33.89 -1.51 11.13
C LEU A 1055 33.68 -1.09 12.57
N LYS A 1056 34.53 -0.18 13.04
CA LYS A 1056 34.47 0.35 14.40
C LYS A 1056 33.34 1.38 14.52
N LYS A 1057 32.95 1.72 15.74
CA LYS A 1057 31.91 2.71 15.98
C LYS A 1057 32.35 4.10 15.52
N ALA A 1058 31.44 4.80 14.84
CA ALA A 1058 31.56 6.18 14.37
C ALA A 1058 30.14 6.74 14.52
N LEU A 1059 29.75 7.05 15.76
CA LEU A 1059 28.42 7.53 16.11
C LEU A 1059 28.43 9.03 16.40
N GLY A 1060 27.94 9.82 15.43
CA GLY A 1060 27.88 11.27 15.52
C GLY A 1060 29.11 11.99 15.01
N GLU A 1061 30.18 11.22 14.76
CA GLU A 1061 31.47 11.67 14.23
C GLU A 1061 31.78 10.73 13.07
N THR A 1062 32.02 11.29 11.87
CA THR A 1062 32.25 10.52 10.65
C THR A 1062 33.63 9.83 10.63
N GLY A 1063 33.59 8.52 10.44
CA GLY A 1063 34.75 7.66 10.29
C GLY A 1063 35.16 7.56 8.84
N LYS A 1064 36.38 7.08 8.60
CA LYS A 1064 36.93 6.91 7.27
C LYS A 1064 37.41 5.48 7.13
N ALA A 1065 36.88 4.77 6.14
CA ALA A 1065 37.27 3.41 5.86
C ALA A 1065 38.02 3.38 4.53
N GLU A 1066 39.10 2.57 4.46
CA GLU A 1066 39.86 2.36 3.23
C GLU A 1066 40.52 1.00 3.25
N PHE A 1067 40.43 0.29 2.12
CA PHE A 1067 40.98 -1.05 1.93
C PHE A 1067 41.41 -1.23 0.47
N GLU A 1068 42.21 -2.27 0.21
CA GLU A 1068 42.64 -2.61 -1.15
C GLU A 1068 41.95 -3.88 -1.60
N LEU A 1069 41.62 -3.94 -2.89
CA LEU A 1069 40.92 -5.04 -3.53
C LEU A 1069 41.70 -5.49 -4.78
N THR A 1070 41.81 -6.81 -4.96
CA THR A 1070 42.42 -7.44 -6.14
C THR A 1070 41.28 -8.17 -6.87
N GLY A 1071 41.10 -7.81 -8.14
CA GLY A 1071 40.09 -8.41 -9.00
C GLY A 1071 40.29 -9.89 -9.21
N GLY A 1072 39.21 -10.65 -9.02
CA GLY A 1072 39.19 -12.09 -9.21
C GLY A 1072 39.31 -12.47 -10.68
N VAL A 1073 39.83 -13.69 -10.94
CA VAL A 1073 40.07 -14.27 -12.26
C VAL A 1073 38.86 -14.19 -13.23
N ASN A 1074 37.63 -14.35 -12.71
CA ASN A 1074 36.40 -14.31 -13.51
C ASN A 1074 35.80 -12.91 -13.71
N GLY A 1075 36.49 -11.89 -13.21
CA GLY A 1075 36.06 -10.49 -13.26
C GLY A 1075 34.77 -10.19 -12.48
N ASP A 1076 34.34 -11.13 -11.60
CA ASP A 1076 33.11 -11.03 -10.82
C ASP A 1076 33.33 -10.53 -9.36
N SER A 1077 34.46 -9.85 -9.11
CA SER A 1077 34.75 -9.29 -7.79
C SER A 1077 33.80 -8.16 -7.44
N TRP A 1078 33.53 -8.04 -6.11
CA TRP A 1078 32.65 -7.02 -5.56
C TRP A 1078 32.97 -6.75 -4.09
N PHE A 1079 32.50 -5.61 -3.59
CA PHE A 1079 32.60 -5.25 -2.18
C PHE A 1079 31.21 -4.76 -1.73
N GLY A 1080 30.95 -4.86 -0.44
CA GLY A 1080 29.67 -4.47 0.10
C GLY A 1080 29.66 -4.32 1.59
N ILE A 1081 28.45 -4.17 2.15
CA ILE A 1081 28.24 -4.02 3.59
C ILE A 1081 27.54 -5.25 4.10
N TYR A 1082 28.10 -5.81 5.15
CA TYR A 1082 27.66 -7.05 5.76
C TYR A 1082 27.19 -6.79 7.20
N SER A 1083 26.07 -7.40 7.58
CA SER A 1083 25.50 -7.35 8.93
C SER A 1083 26.08 -8.54 9.67
N THR A 1084 26.90 -8.29 10.67
CA THR A 1084 27.54 -9.36 11.44
C THR A 1084 26.55 -10.02 12.42
N ALA A 1085 27.04 -10.94 13.26
CA ALA A 1085 26.19 -11.59 14.26
C ALA A 1085 26.24 -10.81 15.58
N THR A 1086 27.17 -9.83 15.69
CA THR A 1086 27.41 -8.98 16.87
C THR A 1086 26.20 -8.10 17.21
N ALA A 1087 25.81 -8.15 18.52
CA ALA A 1087 24.72 -7.38 19.10
C ALA A 1087 25.10 -5.89 19.22
N PRO A 1088 24.16 -4.96 18.97
CA PRO A 1088 24.50 -3.53 19.12
C PRO A 1088 24.53 -3.08 20.59
N ASP A 1089 25.32 -2.03 20.87
CA ASP A 1089 25.40 -1.42 22.19
C ASP A 1089 24.38 -0.30 22.15
N LEU A 1090 23.27 -0.49 22.87
CA LEU A 1090 22.17 0.47 22.90
C LEU A 1090 22.40 1.62 23.91
N GLN A 1091 23.52 1.56 24.67
CA GLN A 1091 23.97 2.57 25.65
C GLN A 1091 22.89 2.97 26.67
N GLY A 1092 22.11 1.99 27.13
CA GLY A 1092 21.04 2.18 28.10
C GLY A 1092 19.78 2.85 27.57
N SER A 1093 19.65 2.96 26.22
CA SER A 1093 18.48 3.55 25.58
C SER A 1093 17.31 2.59 25.64
N THR A 1094 16.11 3.13 25.80
CA THR A 1094 14.89 2.35 25.96
C THR A 1094 13.79 2.82 25.02
N GLY A 1095 12.94 1.87 24.60
CA GLY A 1095 11.81 2.12 23.71
C GLY A 1095 12.25 2.58 22.34
N ASN A 1096 11.68 3.70 21.89
CA ASN A 1096 11.96 4.28 20.58
C ASN A 1096 13.35 4.88 20.45
N ALA A 1097 13.98 5.23 21.60
CA ALA A 1097 15.34 5.80 21.67
C ALA A 1097 16.39 4.81 21.14
N GLN A 1098 16.06 3.50 21.16
CA GLN A 1098 16.89 2.39 20.64
C GLN A 1098 16.99 2.45 19.11
N ASP A 1099 15.92 2.90 18.44
CA ASP A 1099 15.81 3.01 16.97
C ASP A 1099 16.16 4.42 16.49
N PHE A 1100 15.69 5.44 17.21
CA PHE A 1100 15.96 6.83 16.85
C PHE A 1100 17.41 7.26 17.18
N GLY A 1101 18.02 6.61 18.17
CA GLY A 1101 19.39 6.84 18.59
C GLY A 1101 20.43 6.60 17.51
N GLY A 1102 20.18 5.60 16.65
CA GLY A 1102 21.05 5.25 15.54
C GLY A 1102 22.08 4.18 15.83
N TYR A 1103 22.00 3.57 17.05
CA TYR A 1103 22.89 2.51 17.56
C TYR A 1103 22.93 1.28 16.67
N LYS A 1104 21.86 1.05 15.91
CA LYS A 1104 21.70 -0.11 15.04
C LYS A 1104 21.89 0.23 13.58
N ASP A 1105 22.31 1.47 13.26
CA ASP A 1105 22.36 1.95 11.87
C ASP A 1105 23.74 2.08 11.25
N PHE A 1106 23.74 2.22 9.91
CA PHE A 1106 24.93 2.40 9.12
C PHE A 1106 24.72 3.44 8.01
N VAL A 1107 25.55 4.49 7.99
CA VAL A 1107 25.49 5.51 6.94
C VAL A 1107 26.82 5.53 6.17
N LEU A 1108 26.75 5.54 4.84
CA LEU A 1108 27.91 5.55 3.96
C LEU A 1108 27.79 6.73 2.98
N ASP A 1109 28.91 7.41 2.74
CA ASP A 1109 28.99 8.53 1.81
C ASP A 1109 30.39 8.68 1.23
N ASN A 1110 30.54 9.54 0.21
CA ASN A 1110 31.79 9.87 -0.47
C ASN A 1110 32.66 8.65 -0.81
N LEU A 1111 32.08 7.76 -1.62
CA LEU A 1111 32.69 6.54 -2.12
C LEU A 1111 33.70 6.91 -3.20
N LYS A 1112 34.89 6.33 -3.09
CA LYS A 1112 35.97 6.55 -4.05
C LYS A 1112 36.59 5.20 -4.33
N ILE A 1113 36.57 4.78 -5.58
CA ILE A 1113 37.20 3.54 -6.02
C ILE A 1113 38.20 3.97 -7.08
N GLU A 1114 39.49 3.69 -6.86
CA GLU A 1114 40.52 4.04 -7.82
C GLU A 1114 41.50 2.93 -8.05
N ARG A 1115 41.78 2.66 -9.34
CA ARG A 1115 42.77 1.69 -9.80
C ARG A 1115 44.14 2.19 -9.30
N ILE A 1116 44.91 1.31 -8.67
CA ILE A 1116 46.20 1.70 -8.15
C ILE A 1116 47.35 0.97 -8.83
N GLU A 1117 48.53 1.61 -8.84
CA GLU A 1117 49.76 1.04 -9.37
C GLU A 1117 50.24 -0.03 -8.40
N SER A 1118 50.53 -1.21 -8.92
CA SER A 1118 51.04 -2.34 -8.14
C SER A 1118 52.54 -2.48 -8.49
N GLN A 1119 53.33 -3.18 -7.64
CA GLN A 1119 54.76 -3.39 -7.92
C GLN A 1119 54.85 -4.31 -9.14
N THR A 1120 55.53 -3.83 -10.19
CA THR A 1120 55.71 -4.53 -11.45
C THR A 1120 56.46 -5.84 -11.25
N ARG A 1121 55.97 -6.89 -11.91
CA ARG A 1121 56.54 -8.24 -11.87
C ARG A 1121 56.96 -8.71 -13.25
N THR A 1122 57.96 -9.57 -13.30
CA THR A 1122 58.47 -10.21 -14.52
C THR A 1122 57.74 -11.55 -14.66
N LYS A 1123 57.87 -12.21 -15.82
CA LYS A 1123 57.27 -13.53 -16.06
C LYS A 1123 57.87 -14.54 -15.07
N ALA A 1124 59.18 -14.44 -14.80
CA ALA A 1124 59.95 -15.26 -13.85
C ALA A 1124 59.34 -15.22 -12.44
N GLU A 1125 59.11 -13.98 -11.90
CA GLU A 1125 58.52 -13.74 -10.57
C GLU A 1125 57.16 -14.41 -10.45
N ALA A 1126 56.29 -14.20 -11.46
CA ALA A 1126 54.95 -14.78 -11.55
C ALA A 1126 55.00 -16.33 -11.63
N GLN A 1127 55.95 -16.89 -12.41
CA GLN A 1127 56.16 -18.33 -12.54
C GLN A 1127 56.64 -18.96 -11.22
N ASP A 1128 57.50 -18.23 -10.48
CA ASP A 1128 58.02 -18.63 -9.18
C ASP A 1128 56.92 -18.60 -8.12
N LYS A 1129 55.99 -17.62 -8.23
CA LYS A 1129 54.85 -17.51 -7.33
C LYS A 1129 53.87 -18.66 -7.57
N VAL A 1130 53.75 -19.13 -8.83
CA VAL A 1130 52.92 -20.29 -9.19
C VAL A 1130 53.46 -21.51 -8.44
N LYS A 1131 54.80 -21.75 -8.53
CA LYS A 1131 55.54 -22.83 -7.87
C LYS A 1131 55.37 -22.80 -6.35
N GLU A 1132 55.46 -21.59 -5.76
CA GLU A 1132 55.31 -21.35 -4.32
C GLU A 1132 53.93 -21.78 -3.82
N ILE A 1133 52.85 -21.33 -4.50
CA ILE A 1133 51.44 -21.63 -4.21
C ILE A 1133 51.16 -23.13 -4.43
N ARG A 1134 51.72 -23.71 -5.51
CA ARG A 1134 51.56 -25.14 -5.80
C ARG A 1134 52.27 -25.99 -4.75
N GLY A 1135 53.45 -25.57 -4.33
CA GLY A 1135 54.22 -26.23 -3.29
C GLY A 1135 53.48 -26.31 -1.97
N LYS A 1136 52.70 -25.25 -1.65
CA LYS A 1136 51.91 -25.13 -0.44
C LYS A 1136 50.65 -25.99 -0.43
N TYR A 1137 49.75 -25.79 -1.41
CA TYR A 1137 48.42 -26.38 -1.43
C TYR A 1137 48.14 -27.53 -2.42
N ASP A 1138 49.10 -27.96 -3.26
CA ASP A 1138 48.81 -29.07 -4.19
C ASP A 1138 48.48 -30.39 -3.46
N SER A 1139 49.24 -30.64 -2.37
CA SER A 1139 49.13 -31.78 -1.48
C SER A 1139 47.83 -31.78 -0.69
N LYS A 1140 47.39 -30.59 -0.24
CA LYS A 1140 46.19 -30.34 0.57
C LYS A 1140 44.84 -30.68 -0.12
N ARG A 1141 44.86 -31.47 -1.23
CA ARG A 1141 43.70 -31.89 -2.02
C ARG A 1141 42.55 -32.51 -1.18
N ALA A 1142 42.88 -33.59 -0.39
CA ALA A 1142 41.94 -34.34 0.46
C ALA A 1142 41.37 -33.48 1.59
N GLU A 1143 42.23 -32.68 2.26
CA GLU A 1143 41.88 -31.78 3.38
C GLU A 1143 40.71 -30.86 3.04
N LEU A 1144 40.85 -29.99 2.02
CA LEU A 1144 39.79 -29.04 1.61
C LEU A 1144 38.64 -29.71 0.84
N SER A 1145 37.47 -29.05 0.86
CA SER A 1145 36.24 -29.48 0.19
C SER A 1145 36.40 -29.51 -1.34
N ASP A 1146 35.48 -30.21 -2.04
CA ASP A 1146 35.49 -30.34 -3.50
C ASP A 1146 35.20 -29.01 -4.21
N ALA A 1147 34.45 -28.11 -3.55
CA ALA A 1147 34.12 -26.78 -4.05
C ALA A 1147 35.31 -25.83 -3.90
N ALA A 1148 36.16 -26.07 -2.89
CA ALA A 1148 37.37 -25.30 -2.58
C ALA A 1148 38.51 -25.65 -3.53
N TRP A 1149 38.61 -26.95 -3.92
CA TRP A 1149 39.63 -27.42 -4.84
C TRP A 1149 39.40 -26.88 -6.23
N GLN A 1150 38.13 -26.88 -6.69
CA GLN A 1150 37.75 -26.37 -8.00
C GLN A 1150 37.95 -24.85 -8.08
N GLN A 1151 37.82 -24.14 -6.93
CA GLN A 1151 38.03 -22.69 -6.81
C GLN A 1151 39.54 -22.39 -6.90
N TYR A 1152 40.37 -23.23 -6.25
CA TYR A 1152 41.83 -23.14 -6.24
C TYR A 1152 42.40 -23.50 -7.61
N GLN A 1153 41.90 -24.58 -8.23
CA GLN A 1153 42.33 -25.02 -9.55
C GLN A 1153 42.01 -24.01 -10.65
N ASP A 1154 40.80 -23.41 -10.59
CA ASP A 1154 40.28 -22.41 -11.53
C ASP A 1154 41.19 -21.18 -11.59
N THR A 1155 41.43 -20.57 -10.41
CA THR A 1155 42.26 -19.39 -10.19
C THR A 1155 43.71 -19.64 -10.67
N LEU A 1156 44.27 -20.81 -10.38
CA LEU A 1156 45.62 -21.23 -10.75
C LEU A 1156 45.77 -21.40 -12.26
N VAL A 1157 44.76 -21.97 -12.93
CA VAL A 1157 44.73 -22.19 -14.38
C VAL A 1157 44.63 -20.84 -15.10
N LYS A 1158 43.74 -19.94 -14.61
CA LYS A 1158 43.53 -18.61 -15.19
C LYS A 1158 44.73 -17.67 -15.03
N ALA A 1159 45.45 -17.75 -13.90
CA ALA A 1159 46.67 -16.97 -13.66
C ALA A 1159 47.79 -17.43 -14.59
N ARG A 1160 47.88 -18.73 -14.88
CA ARG A 1160 48.87 -19.33 -15.76
C ARG A 1160 48.61 -18.98 -17.24
N VAL A 1161 47.33 -18.72 -17.58
CA VAL A 1161 46.88 -18.32 -18.92
C VAL A 1161 47.45 -16.91 -19.21
N LEU A 1162 47.39 -15.99 -18.21
CA LEU A 1162 47.92 -14.62 -18.25
C LEU A 1162 49.45 -14.62 -18.46
N ILE A 1163 50.13 -15.47 -17.68
CA ILE A 1163 51.58 -15.67 -17.70
C ILE A 1163 52.09 -16.17 -19.04
N ASN A 1164 51.50 -17.27 -19.53
CA ASN A 1164 52.01 -18.00 -20.68
C ASN A 1164 51.42 -17.61 -22.06
N LYS A 1165 50.50 -16.63 -22.11
CA LYS A 1165 49.94 -16.12 -23.37
C LYS A 1165 51.06 -15.51 -24.20
N ASN A 1166 51.01 -15.72 -25.53
CA ASN A 1166 51.95 -15.17 -26.49
C ASN A 1166 51.74 -13.65 -26.57
N GLY A 1167 52.81 -12.90 -26.36
CA GLY A 1167 52.78 -11.44 -26.35
C GLY A 1167 52.27 -10.84 -25.05
N ALA A 1168 52.36 -11.59 -23.92
CA ALA A 1168 51.96 -11.08 -22.61
C ALA A 1168 52.98 -10.02 -22.17
N THR A 1169 52.51 -9.02 -21.40
CA THR A 1169 53.35 -7.91 -20.91
C THR A 1169 53.45 -7.87 -19.39
N ALA A 1170 54.20 -6.87 -18.88
CA ALA A 1170 54.45 -6.57 -17.47
C ALA A 1170 53.15 -6.42 -16.70
N GLU A 1171 52.10 -5.82 -17.32
CA GLU A 1171 50.78 -5.69 -16.70
C GLU A 1171 50.16 -7.08 -16.47
N ASP A 1172 50.29 -7.99 -17.45
CA ASP A 1172 49.77 -9.36 -17.39
C ASP A 1172 50.51 -10.15 -16.31
N PHE A 1173 51.83 -9.95 -16.20
CA PHE A 1173 52.69 -10.61 -15.22
C PHE A 1173 52.46 -10.07 -13.82
N THR A 1174 52.13 -8.77 -13.70
CA THR A 1174 51.80 -8.15 -12.41
C THR A 1174 50.44 -8.65 -11.93
N LYS A 1175 49.43 -8.73 -12.85
CA LYS A 1175 48.08 -9.22 -12.57
C LYS A 1175 48.08 -10.67 -12.09
N ALA A 1176 48.79 -11.53 -12.81
CA ALA A 1176 48.94 -12.96 -12.52
C ALA A 1176 49.55 -13.16 -11.13
N TYR A 1177 50.58 -12.39 -10.78
CA TYR A 1177 51.25 -12.41 -9.49
C TYR A 1177 50.28 -11.99 -8.35
N ASP A 1178 49.55 -10.86 -8.53
CA ASP A 1178 48.58 -10.31 -7.57
C ASP A 1178 47.40 -11.26 -7.33
N ILE A 1179 46.91 -11.96 -8.38
CA ILE A 1179 45.88 -13.00 -8.30
C ILE A 1179 46.39 -14.11 -7.35
N LEU A 1180 47.64 -14.55 -7.55
CA LEU A 1180 48.29 -15.61 -6.75
C LEU A 1180 48.50 -15.25 -5.28
N VAL A 1181 48.77 -13.97 -4.99
CA VAL A 1181 48.94 -13.40 -3.65
C VAL A 1181 47.57 -13.42 -2.93
N ALA A 1182 46.51 -12.98 -3.62
CA ALA A 1182 45.13 -13.00 -3.12
C ALA A 1182 44.66 -14.45 -2.94
N LEU A 1183 45.11 -15.37 -3.83
CA LEU A 1183 44.77 -16.79 -3.76
C LEU A 1183 45.44 -17.39 -2.53
N ASP A 1184 46.74 -17.08 -2.32
CA ASP A 1184 47.53 -17.52 -1.18
C ASP A 1184 46.87 -17.13 0.14
N GLU A 1185 46.56 -15.82 0.30
CA GLU A 1185 45.90 -15.23 1.47
C GLU A 1185 44.52 -15.86 1.77
N TYR A 1186 43.79 -16.29 0.73
CA TYR A 1186 42.48 -16.94 0.82
C TYR A 1186 42.65 -18.38 1.36
N MET A 1187 43.51 -19.19 0.71
CA MET A 1187 43.79 -20.59 1.04
C MET A 1187 44.37 -20.79 2.44
N LYS A 1188 45.16 -19.79 2.91
CA LYS A 1188 45.82 -19.74 4.22
C LYS A 1188 44.73 -19.70 5.33
N LEU A 1189 43.75 -18.79 5.17
CA LEU A 1189 42.62 -18.58 6.08
C LEU A 1189 41.64 -19.75 6.05
N LYS A 1190 41.48 -20.39 4.87
CA LYS A 1190 40.62 -21.55 4.64
C LYS A 1190 41.15 -22.76 5.38
N ASP A 1191 42.49 -22.92 5.39
CA ASP A 1191 43.23 -23.99 6.06
C ASP A 1191 43.10 -23.84 7.58
N LEU A 1192 43.27 -22.60 8.09
CA LEU A 1192 43.16 -22.23 9.51
C LEU A 1192 41.76 -22.52 10.06
N ASP A 1193 40.71 -22.26 9.24
CA ASP A 1193 39.30 -22.48 9.55
C ASP A 1193 38.98 -23.98 9.65
N ARG A 1194 39.53 -24.79 8.72
CA ARG A 1194 39.36 -26.25 8.68
C ARG A 1194 40.03 -26.88 9.90
N LYS A 1195 41.21 -26.36 10.26
CA LYS A 1195 42.00 -26.80 11.41
C LYS A 1195 41.32 -26.44 12.72
N LEU A 1196 40.60 -25.30 12.78
CA LEU A 1196 39.85 -24.84 13.96
C LEU A 1196 38.64 -25.75 14.22
N LEU A 1197 37.95 -26.20 13.15
CA LEU A 1197 36.80 -27.10 13.24
C LEU A 1197 37.24 -28.50 13.69
N GLU A 1198 38.48 -28.92 13.31
CA GLU A 1198 39.03 -30.21 13.69
C GLU A 1198 39.57 -30.21 15.12
N ALA A 1199 40.06 -29.05 15.60
CA ALA A 1199 40.58 -28.89 16.97
C ALA A 1199 39.43 -28.80 17.98
N ALA A 1200 38.28 -28.19 17.58
CA ALA A 1200 37.08 -28.05 18.42
C ALA A 1200 36.36 -29.40 18.60
N ARG A 1201 36.46 -30.30 17.59
CA ARG A 1201 35.84 -31.63 17.59
C ARG A 1201 36.70 -32.68 18.33
N ALA A 1202 38.03 -32.70 18.07
CA ALA A 1202 38.99 -33.65 18.66
C ALA A 1202 39.31 -33.39 20.14
N GLY A 1203 39.12 -32.16 20.60
CA GLY A 1203 39.37 -31.77 21.98
C GLY A 1203 40.78 -31.31 22.27
N GLN A 1204 41.27 -30.31 21.50
CA GLN A 1204 42.61 -29.72 21.65
C GLN A 1204 42.48 -28.24 22.03
N ASP A 1205 42.38 -27.97 23.35
CA ASP A 1205 42.23 -26.64 23.96
C ASP A 1205 43.35 -25.67 23.59
N ASP A 1206 44.58 -26.20 23.43
CA ASP A 1206 45.79 -25.49 23.03
C ASP A 1206 45.70 -25.00 21.58
N GLU A 1207 45.46 -25.95 20.63
CA GLU A 1207 45.33 -25.71 19.19
C GLU A 1207 44.25 -24.69 18.87
N VAL A 1208 43.07 -24.78 19.53
CA VAL A 1208 41.93 -23.86 19.40
C VAL A 1208 42.38 -22.41 19.69
N ARG A 1209 43.16 -22.22 20.78
CA ARG A 1209 43.70 -20.92 21.19
C ARG A 1209 44.71 -20.38 20.18
N ILE A 1210 45.64 -21.26 19.69
CA ILE A 1210 46.69 -20.98 18.71
C ILE A 1210 46.08 -20.49 17.38
N LEU A 1211 45.13 -21.29 16.84
CA LEU A 1211 44.42 -21.02 15.58
C LEU A 1211 43.64 -19.71 15.63
N LEU A 1212 43.01 -19.41 16.77
CA LEU A 1212 42.25 -18.18 16.96
C LEU A 1212 43.14 -16.94 17.04
N ALA A 1213 44.33 -17.10 17.67
CA ALA A 1213 45.35 -16.04 17.81
C ALA A 1213 46.00 -15.70 16.46
N ASN A 1214 46.10 -16.70 15.56
CA ASN A 1214 46.69 -16.57 14.22
C ASN A 1214 45.75 -15.90 13.20
N GLY A 1215 44.48 -16.32 13.15
CA GLY A 1215 43.53 -15.73 12.23
C GLY A 1215 42.22 -16.46 11.96
N ALA A 1216 42.14 -17.78 12.29
CA ALA A 1216 40.96 -18.64 12.07
C ALA A 1216 39.66 -18.01 12.59
N ASP A 1217 38.63 -17.95 11.72
CA ASP A 1217 37.31 -17.38 12.01
C ASP A 1217 36.55 -18.23 13.02
N VAL A 1218 36.11 -17.61 14.12
CA VAL A 1218 35.42 -18.26 15.24
C VAL A 1218 34.04 -18.81 14.81
N ASN A 1219 33.43 -18.20 13.76
CA ASN A 1219 32.12 -18.56 13.22
C ASN A 1219 32.18 -19.36 11.90
N THR A 1220 33.31 -20.07 11.63
CA THR A 1220 33.45 -20.89 10.42
C THR A 1220 32.49 -22.09 10.49
N ALA A 1221 31.79 -22.37 9.39
CA ALA A 1221 30.86 -23.49 9.33
C ALA A 1221 31.31 -24.53 8.30
N ASP A 1222 31.07 -25.82 8.59
CA ASP A 1222 31.40 -26.91 7.66
C ASP A 1222 30.30 -27.00 6.55
N GLU A 1223 30.34 -28.06 5.71
CA GLU A 1223 29.38 -28.28 4.61
C GLU A 1223 27.90 -28.33 5.08
N THR A 1224 27.64 -28.92 6.27
CA THR A 1224 26.30 -29.08 6.86
C THR A 1224 25.93 -27.91 7.82
N GLY A 1225 26.79 -26.89 7.91
CA GLY A 1225 26.57 -25.70 8.73
C GLY A 1225 27.01 -25.71 10.18
N PHE A 1226 27.79 -26.73 10.60
CA PHE A 1226 28.29 -26.81 11.99
C PHE A 1226 29.46 -25.86 12.23
N THR A 1227 29.31 -24.96 13.21
CA THR A 1227 30.35 -24.03 13.64
C THR A 1227 31.28 -24.78 14.63
N PRO A 1228 32.47 -24.25 15.04
CA PRO A 1228 33.31 -24.99 15.99
C PRO A 1228 32.60 -25.19 17.34
N LEU A 1229 31.72 -24.21 17.71
CA LEU A 1229 30.89 -24.23 18.92
C LEU A 1229 29.94 -25.44 18.90
N HIS A 1230 29.30 -25.73 17.72
CA HIS A 1230 28.42 -26.89 17.49
C HIS A 1230 29.18 -28.18 17.80
N LEU A 1231 30.38 -28.32 17.22
CA LEU A 1231 31.27 -29.47 17.35
C LEU A 1231 31.81 -29.69 18.76
N ALA A 1232 32.03 -28.58 19.51
CA ALA A 1232 32.51 -28.61 20.89
C ALA A 1232 31.40 -29.03 21.87
N ALA A 1233 30.15 -28.54 21.63
CA ALA A 1233 28.96 -28.85 22.45
C ALA A 1233 28.52 -30.31 22.26
N TRP A 1234 28.62 -30.82 21.02
CA TRP A 1234 28.27 -32.18 20.65
C TRP A 1234 29.22 -33.20 21.28
N GLU A 1235 30.53 -33.03 21.02
CA GLU A 1235 31.58 -33.93 21.49
C GLU A 1235 31.83 -33.89 23.01
N GLY A 1236 31.49 -32.76 23.63
CA GLY A 1236 31.61 -32.58 25.08
C GLY A 1236 32.94 -32.03 25.55
N HIS A 1237 33.29 -30.82 25.09
CA HIS A 1237 34.54 -30.14 25.43
C HIS A 1237 34.22 -28.76 26.02
N LEU A 1238 33.84 -28.76 27.33
CA LEU A 1238 33.45 -27.59 28.13
C LEU A 1238 34.44 -26.41 28.03
N GLY A 1239 35.73 -26.70 28.15
CA GLY A 1239 36.80 -25.71 28.05
C GLY A 1239 36.80 -25.01 26.71
N ILE A 1240 36.78 -25.81 25.62
CA ILE A 1240 36.74 -25.35 24.22
C ILE A 1240 35.48 -24.47 23.99
N VAL A 1241 34.31 -24.87 24.56
CA VAL A 1241 33.04 -24.11 24.48
C VAL A 1241 33.25 -22.69 25.09
N GLU A 1242 33.92 -22.63 26.26
CA GLU A 1242 34.24 -21.40 27.00
C GLU A 1242 35.25 -20.52 26.23
N VAL A 1243 36.29 -21.15 25.64
CA VAL A 1243 37.34 -20.49 24.84
C VAL A 1243 36.71 -19.81 23.60
N LEU A 1244 35.92 -20.59 22.81
CA LEU A 1244 35.23 -20.13 21.60
C LEU A 1244 34.26 -18.98 21.88
N LEU A 1245 33.48 -19.06 22.99
CA LEU A 1245 32.53 -18.02 23.37
C LEU A 1245 33.22 -16.72 23.83
N LYS A 1246 34.38 -16.85 24.52
CA LYS A 1246 35.24 -15.75 24.98
C LYS A 1246 35.70 -14.93 23.77
N ASN A 1247 36.14 -15.64 22.70
CA ASN A 1247 36.58 -15.08 21.42
C ASN A 1247 35.46 -14.35 20.66
N GLY A 1248 34.23 -14.86 20.80
CA GLY A 1248 33.05 -14.28 20.17
C GLY A 1248 32.30 -15.18 19.21
N ALA A 1249 32.21 -16.49 19.54
CA ALA A 1249 31.47 -17.47 18.72
C ALA A 1249 29.97 -17.23 18.84
N ASP A 1250 29.23 -17.43 17.73
CA ASP A 1250 27.76 -17.26 17.71
C ASP A 1250 27.09 -18.41 18.46
N VAL A 1251 26.42 -18.07 19.57
CA VAL A 1251 25.73 -19.00 20.46
C VAL A 1251 24.38 -19.47 19.85
N ASN A 1252 23.79 -18.64 18.98
CA ASN A 1252 22.52 -18.93 18.32
C ASN A 1252 22.72 -19.32 16.84
N ALA A 1253 23.90 -19.87 16.52
CA ALA A 1253 24.30 -20.33 15.19
C ALA A 1253 23.51 -21.58 14.80
N ASN A 1254 22.90 -21.56 13.60
CA ASN A 1254 22.11 -22.68 13.09
C ASN A 1254 22.87 -23.46 12.04
N ASP A 1255 22.74 -24.81 12.06
CA ASP A 1255 23.29 -25.65 11.01
C ASP A 1255 22.16 -25.78 9.93
N GLU A 1256 22.32 -26.66 8.90
CA GLU A 1256 21.31 -26.82 7.84
C GLU A 1256 19.95 -27.35 8.35
N ARG A 1257 19.95 -28.12 9.45
CA ARG A 1257 18.75 -28.70 10.07
C ARG A 1257 18.08 -27.78 11.11
N GLY A 1258 18.66 -26.59 11.31
CA GLY A 1258 18.16 -25.58 12.24
C GLY A 1258 18.56 -25.81 13.68
N HIS A 1259 19.52 -26.73 13.92
CA HIS A 1259 20.03 -27.04 15.26
C HIS A 1259 21.06 -26.05 15.71
N THR A 1260 20.81 -25.43 16.87
CA THR A 1260 21.70 -24.48 17.53
C THR A 1260 22.64 -25.30 18.43
N PRO A 1261 23.78 -24.75 18.96
CA PRO A 1261 24.65 -25.59 19.81
C PRO A 1261 23.96 -26.15 21.06
N LEU A 1262 22.88 -25.47 21.52
CA LEU A 1262 22.06 -25.89 22.67
C LEU A 1262 21.29 -27.19 22.37
N HIS A 1263 20.76 -27.34 21.13
CA HIS A 1263 20.05 -28.54 20.65
C HIS A 1263 21.00 -29.74 20.74
N LEU A 1264 22.25 -29.55 20.26
CA LEU A 1264 23.31 -30.58 20.24
C LEU A 1264 23.76 -30.98 21.65
N ALA A 1265 23.84 -29.98 22.57
CA ALA A 1265 24.23 -30.17 23.97
C ALA A 1265 23.13 -30.88 24.77
N ALA A 1266 21.85 -30.54 24.49
CA ALA A 1266 20.67 -31.13 25.15
C ALA A 1266 20.48 -32.60 24.75
N TYR A 1267 20.64 -32.92 23.45
CA TYR A 1267 20.51 -34.28 22.90
C TYR A 1267 21.56 -35.24 23.48
N THR A 1268 22.85 -34.83 23.45
CA THR A 1268 23.99 -35.65 23.91
C THR A 1268 24.00 -35.90 25.43
N GLY A 1269 23.52 -34.92 26.20
CA GLY A 1269 23.46 -35.01 27.65
C GLY A 1269 24.60 -34.32 28.38
N HIS A 1270 25.03 -33.15 27.86
CA HIS A 1270 26.11 -32.36 28.43
C HIS A 1270 25.59 -31.17 29.24
N LEU A 1271 25.21 -31.45 30.50
CA LEU A 1271 24.68 -30.51 31.52
C LEU A 1271 25.52 -29.24 31.65
N GLU A 1272 26.84 -29.45 31.80
CA GLU A 1272 27.94 -28.48 31.94
C GLU A 1272 27.89 -27.45 30.80
N ILE A 1273 27.90 -27.97 29.54
CA ILE A 1273 27.84 -27.18 28.31
C ILE A 1273 26.47 -26.49 28.17
N VAL A 1274 25.36 -27.20 28.47
CA VAL A 1274 23.98 -26.68 28.43
C VAL A 1274 23.87 -25.39 29.28
N GLU A 1275 24.40 -25.46 30.51
CA GLU A 1275 24.39 -24.36 31.48
C GLU A 1275 25.26 -23.17 31.03
N VAL A 1276 26.49 -23.45 30.54
CA VAL A 1276 27.41 -22.39 30.09
C VAL A 1276 26.87 -21.70 28.80
N LEU A 1277 26.18 -22.46 27.91
CA LEU A 1277 25.59 -21.91 26.68
C LEU A 1277 24.44 -20.95 27.00
N LEU A 1278 23.53 -21.38 27.91
CA LEU A 1278 22.38 -20.61 28.36
C LEU A 1278 22.80 -19.32 29.07
N LYS A 1279 23.93 -19.40 29.84
CA LYS A 1279 24.55 -18.29 30.56
C LYS A 1279 24.97 -17.19 29.57
N ASN A 1280 25.57 -17.58 28.42
CA ASN A 1280 26.07 -16.70 27.36
C ASN A 1280 24.97 -16.00 26.52
N GLY A 1281 23.73 -16.47 26.63
CA GLY A 1281 22.58 -15.90 25.93
C GLY A 1281 21.97 -16.77 24.85
N ALA A 1282 22.06 -18.10 25.01
CA ALA A 1282 21.50 -19.08 24.07
C ALA A 1282 19.98 -19.11 24.14
N GLY A 1283 19.35 -19.24 22.97
CA GLY A 1283 17.90 -19.33 22.82
C GLY A 1283 17.38 -20.64 23.38
N VAL A 1284 16.65 -20.54 24.51
CA VAL A 1284 16.07 -21.67 25.24
C VAL A 1284 14.91 -22.33 24.44
N ASN A 1285 14.12 -21.49 23.72
CA ASN A 1285 12.97 -21.89 22.92
C ASN A 1285 13.26 -21.89 21.41
N ALA A 1286 14.54 -22.17 21.06
CA ALA A 1286 15.02 -22.25 19.67
C ALA A 1286 14.55 -23.57 19.07
N THR A 1287 13.88 -23.48 17.92
CA THR A 1287 13.34 -24.66 17.23
C THR A 1287 14.07 -24.94 15.93
N ASP A 1288 14.26 -26.23 15.61
CA ASP A 1288 14.90 -26.65 14.37
C ASP A 1288 13.87 -26.63 13.19
N VAL A 1289 14.19 -27.26 12.03
CA VAL A 1289 13.30 -27.27 10.85
C VAL A 1289 11.94 -27.97 11.12
N ILE A 1290 11.91 -29.02 11.98
CA ILE A 1290 10.71 -29.78 12.37
C ILE A 1290 10.00 -29.09 13.57
N GLY A 1291 10.52 -27.96 14.03
CA GLY A 1291 9.95 -27.23 15.15
C GLY A 1291 10.28 -27.83 16.50
N THR A 1292 11.33 -28.70 16.55
CA THR A 1292 11.82 -29.37 17.76
C THR A 1292 12.70 -28.41 18.55
N ALA A 1293 12.36 -28.23 19.83
CA ALA A 1293 13.07 -27.38 20.78
C ALA A 1293 14.11 -28.23 21.58
N PRO A 1294 15.07 -27.62 22.34
CA PRO A 1294 16.02 -28.45 23.12
C PRO A 1294 15.33 -29.28 24.22
N LEU A 1295 14.18 -28.77 24.74
CA LEU A 1295 13.33 -29.41 25.75
C LEU A 1295 12.84 -30.80 25.29
N HIS A 1296 12.46 -30.92 23.99
CA HIS A 1296 12.00 -32.18 23.36
C HIS A 1296 13.14 -33.20 23.31
N LEU A 1297 14.37 -32.75 22.98
CA LEU A 1297 15.56 -33.59 22.85
C LEU A 1297 16.03 -34.19 24.18
N ALA A 1298 15.89 -33.39 25.27
CA ALA A 1298 16.23 -33.77 26.64
C ALA A 1298 15.20 -34.80 27.17
N ALA A 1299 13.92 -34.62 26.79
CA ALA A 1299 12.80 -35.49 27.14
C ALA A 1299 12.89 -36.85 26.42
N MET A 1300 13.56 -36.88 25.25
CA MET A 1300 13.74 -38.06 24.40
C MET A 1300 14.59 -39.16 25.04
N TRP A 1301 15.58 -38.77 25.87
CA TRP A 1301 16.50 -39.71 26.52
C TRP A 1301 16.21 -39.91 28.00
N GLY A 1302 16.00 -38.81 28.69
CA GLY A 1302 15.76 -38.79 30.13
C GLY A 1302 16.83 -38.00 30.87
N HIS A 1303 17.25 -36.85 30.28
CA HIS A 1303 18.25 -35.95 30.86
C HIS A 1303 17.50 -34.99 31.80
N LEU A 1304 17.07 -35.54 32.95
CA LEU A 1304 16.28 -34.90 34.02
C LEU A 1304 16.78 -33.53 34.44
N GLU A 1305 18.09 -33.41 34.79
CA GLU A 1305 18.68 -32.14 35.22
C GLU A 1305 18.84 -31.13 34.09
N ILE A 1306 18.94 -31.61 32.82
CA ILE A 1306 18.99 -30.75 31.63
C ILE A 1306 17.61 -30.13 31.44
N VAL A 1307 16.52 -30.91 31.69
CA VAL A 1307 15.12 -30.47 31.63
C VAL A 1307 14.90 -29.40 32.72
N GLU A 1308 15.50 -29.62 33.92
CA GLU A 1308 15.44 -28.72 35.08
C GLU A 1308 16.06 -27.36 34.79
N VAL A 1309 17.32 -27.33 34.29
CA VAL A 1309 18.04 -26.09 33.94
C VAL A 1309 17.34 -25.39 32.75
N LEU A 1310 16.80 -26.16 31.78
CA LEU A 1310 16.06 -25.61 30.63
C LEU A 1310 14.79 -24.91 31.11
N LEU A 1311 13.99 -25.60 31.96
CA LEU A 1311 12.74 -25.07 32.53
C LEU A 1311 12.97 -23.85 33.41
N LYS A 1312 14.09 -23.86 34.19
CA LYS A 1312 14.54 -22.76 35.07
C LYS A 1312 14.82 -21.50 34.21
N ASN A 1313 15.46 -21.69 33.04
CA ASN A 1313 15.82 -20.64 32.09
C ASN A 1313 14.64 -20.13 31.23
N GLY A 1314 13.47 -20.77 31.37
CA GLY A 1314 12.25 -20.35 30.68
C GLY A 1314 11.81 -21.19 29.49
N ALA A 1315 12.07 -22.52 29.51
CA ALA A 1315 11.66 -23.41 28.43
C ALA A 1315 10.14 -23.63 28.46
N ASP A 1316 9.45 -23.26 27.35
CA ASP A 1316 8.00 -23.40 27.21
C ASP A 1316 7.63 -24.86 26.93
N VAL A 1317 6.81 -25.44 27.84
CA VAL A 1317 6.34 -26.82 27.77
C VAL A 1317 5.26 -27.01 26.69
N ASN A 1318 4.61 -25.90 26.26
CA ASN A 1318 3.54 -25.88 25.26
C ASN A 1318 4.01 -26.03 23.80
N ILE A 1319 5.32 -25.84 23.54
CA ILE A 1319 5.94 -25.92 22.21
C ILE A 1319 5.65 -27.26 21.53
N GLN A 1320 5.01 -27.18 20.35
CA GLN A 1320 4.67 -28.34 19.54
C GLN A 1320 5.51 -28.37 18.28
N ASP A 1321 6.05 -29.56 17.93
CA ASP A 1321 6.80 -29.76 16.70
C ASP A 1321 5.80 -29.80 15.50
N CYS A 1322 6.28 -30.10 14.27
CA CYS A 1322 5.46 -30.16 13.06
C CYS A 1322 4.39 -31.27 13.13
N PHE A 1323 4.62 -32.30 13.97
CA PHE A 1323 3.72 -33.43 14.20
C PHE A 1323 2.82 -33.25 15.43
N GLY A 1324 2.75 -32.01 15.94
CA GLY A 1324 1.93 -31.62 17.07
C GLY A 1324 2.31 -32.22 18.41
N LYS A 1325 3.57 -32.70 18.54
CA LYS A 1325 4.08 -33.32 19.76
C LYS A 1325 4.75 -32.29 20.67
N THR A 1326 4.45 -32.35 21.98
CA THR A 1326 5.08 -31.51 23.01
C THR A 1326 6.26 -32.32 23.60
N ALA A 1327 6.96 -31.78 24.62
CA ALA A 1327 8.04 -32.49 25.30
C ALA A 1327 7.43 -33.64 26.13
N PHE A 1328 6.18 -33.43 26.59
CA PHE A 1328 5.37 -34.37 27.35
C PHE A 1328 5.00 -35.62 26.54
N ASP A 1329 4.62 -35.45 25.27
CA ASP A 1329 4.25 -36.53 24.35
C ASP A 1329 5.46 -37.34 23.89
N ILE A 1330 6.63 -36.69 23.75
CA ILE A 1330 7.88 -37.33 23.33
C ILE A 1330 8.44 -38.21 24.46
N SER A 1331 8.23 -37.81 25.74
CA SER A 1331 8.66 -38.56 26.92
C SER A 1331 7.86 -39.85 27.14
N ILE A 1332 6.52 -39.80 26.93
CA ILE A 1332 5.62 -40.96 27.10
C ILE A 1332 5.83 -42.04 26.01
N ASP A 1333 6.28 -41.62 24.79
CA ASP A 1333 6.55 -42.49 23.65
C ASP A 1333 7.87 -43.28 23.76
N ASN A 1334 8.82 -42.77 24.57
CA ASN A 1334 10.14 -43.42 24.78
C ASN A 1334 10.19 -44.31 26.04
N GLY A 1335 9.10 -44.30 26.82
CA GLY A 1335 8.97 -45.08 28.04
C GLY A 1335 9.60 -44.44 29.27
N ASN A 1336 9.53 -43.10 29.35
CA ASN A 1336 10.08 -42.32 30.46
C ASN A 1336 8.96 -41.64 31.28
N GLU A 1337 8.30 -42.45 32.15
CA GLU A 1337 7.19 -42.04 33.04
C GLU A 1337 7.61 -41.00 34.09
N ASP A 1338 8.91 -41.01 34.47
CA ASP A 1338 9.52 -40.12 35.46
C ASP A 1338 9.55 -38.66 34.97
N LEU A 1339 9.74 -38.46 33.65
CA LEU A 1339 9.77 -37.14 33.03
C LEU A 1339 8.35 -36.56 32.87
N ALA A 1340 7.38 -37.42 32.48
CA ALA A 1340 5.96 -37.06 32.29
C ALA A 1340 5.29 -36.61 33.59
N GLU A 1341 5.81 -37.09 34.74
CA GLU A 1341 5.36 -36.81 36.11
C GLU A 1341 5.33 -35.31 36.45
N ILE A 1342 6.32 -34.53 35.95
CA ILE A 1342 6.49 -33.09 36.18
C ILE A 1342 5.29 -32.27 35.64
N LEU A 1343 5.04 -32.33 34.32
CA LEU A 1343 3.91 -31.63 33.68
C LEU A 1343 3.32 -32.44 32.53
N ILE B 3 15.01 -38.15 11.25
CA ILE B 3 15.65 -36.83 11.20
C ILE B 3 17.03 -36.89 11.87
N HIS B 4 18.07 -36.34 11.19
CA HIS B 4 19.46 -36.28 11.67
C HIS B 4 19.67 -35.15 12.67
N ILE B 5 20.62 -35.34 13.62
CA ILE B 5 20.90 -34.36 14.68
C ILE B 5 22.40 -33.98 14.78
N GLY B 6 23.31 -34.94 14.64
CA GLY B 6 24.74 -34.63 14.79
C GLY B 6 25.65 -34.84 13.60
N PRO B 7 26.98 -34.56 13.78
CA PRO B 7 27.94 -34.76 12.68
C PRO B 7 28.16 -36.22 12.29
N GLY B 8 27.69 -37.14 13.13
CA GLY B 8 27.78 -38.58 12.89
C GLY B 8 26.54 -39.13 12.21
N ARG B 9 26.09 -40.31 12.65
CA ARG B 9 24.92 -41.00 12.11
C ARG B 9 23.84 -41.19 13.20
N ALA B 10 23.46 -40.07 13.85
CA ALA B 10 22.46 -40.08 14.92
C ALA B 10 21.09 -39.63 14.41
N PHE B 11 20.07 -40.47 14.65
CA PHE B 11 18.68 -40.23 14.27
C PHE B 11 17.87 -39.82 15.50
N TYR B 12 16.70 -39.17 15.29
CA TYR B 12 15.78 -38.78 16.35
C TYR B 12 14.33 -38.70 15.84
#